data_7VHQ
#
_entry.id   7VHQ
#
_cell.length_a   1.00
_cell.length_b   1.00
_cell.length_c   1.00
_cell.angle_alpha   90.00
_cell.angle_beta   90.00
_cell.angle_gamma   90.00
#
_symmetry.space_group_name_H-M   'P 1'
#
loop_
_entity.id
_entity.type
_entity.pdbx_description
1 polymer 'ATP-dependent zinc metalloprotease FtsH'
2 polymer 'Protein HflK'
3 polymer 'Modulator of FtsH protease HflC'
#
loop_
_entity_poly.entity_id
_entity_poly.type
_entity_poly.pdbx_seq_one_letter_code
_entity_poly.pdbx_strand_id
1 'polypeptide(L)' RKVDYSTFLQEVNNDQVREARINGREINVTKKDSNRYTTYIPVQDPKLLDNLLTKNVKVVGEP A,B,C,D,e,f
2 'polypeptide(L)'
;RVVTIAAAAIVIIWAASGFYTIKEAERGVVTRFGKFSHLVEPGLNWKPTFIDEVKPVNVEAVRELAASGVMLTSDENVVR
VEMNVQYRVTNPEKYLYSVTSPDDSLRQATDSALRGVIGKYTMDRILTEGRTVIRSDTQRELEETIRPYDMGITLLDVNF
QAARPPEEVKAAFDDAIAARENEQQYIREAEAYTNEVQPRANGQAQRILEEARAYKAQTILEAQGEVARFAKLLPEYKAA
PEITRERLYIETMEKVLGNTRKVLVND
;
E,F,U
3 'polypeptide(L)'
;MRKSVIAIIIIVLVVLYMSVFVVKEGERGITLRFGKVLRDDDNKPLVYEPGLHFKIPFIETVKMLDARIQTMDNQADRFV
TKEKKDLIVDSYIKWRISDFSRYYLATGGGDISQAEVLLKRKFSDRLRSEIGRLDVKDIVTDSRGRLTLEVRDALNSGSA
GTEDEVTTSAADNAIAEAAERVTAETKGKVPVINPNSMAALGIEVVDVRIKQINLPTEVSEAIYNRMRAEREAVARRHRS
QGQEEAEKLRATADYEVTRTLAEAERQGRIMRGEGDAEAAKLFADAFSKDPDFYAFIRSLRAYENSFSGNQDVMVMSPDS
DFFRYMKTP
;
G,H,I
#
# COMPACT_ATOMS: atom_id res chain seq x y z
N ARG A 1 -3.67 -38.41 30.88
CA ARG A 1 -3.46 -38.33 29.44
C ARG A 1 -3.55 -36.86 29.03
N LYS A 2 -2.48 -36.34 28.45
CA LYS A 2 -2.35 -34.91 28.20
C LYS A 2 -2.37 -34.66 26.69
N VAL A 3 -3.01 -33.57 26.29
CA VAL A 3 -3.27 -33.28 24.89
C VAL A 3 -2.71 -31.89 24.56
N ASP A 4 -2.14 -31.77 23.35
CA ASP A 4 -1.54 -30.52 22.93
C ASP A 4 -2.60 -29.42 22.82
N TYR A 5 -2.19 -28.19 23.14
CA TYR A 5 -3.07 -27.05 23.02
C TYR A 5 -3.47 -26.80 21.56
N SER A 6 -2.50 -26.87 20.63
CA SER A 6 -2.85 -26.70 19.23
C SER A 6 -3.87 -27.74 18.79
N THR A 7 -3.59 -29.01 19.08
CA THR A 7 -4.52 -30.08 18.74
C THR A 7 -5.90 -29.81 19.33
N PHE A 8 -5.95 -29.30 20.57
CA PHE A 8 -7.21 -28.84 21.13
C PHE A 8 -7.88 -27.83 20.22
N LEU A 9 -7.12 -26.90 19.64
CA LEU A 9 -7.76 -25.86 18.84
C LEU A 9 -8.31 -26.39 17.51
N GLN A 10 -7.56 -27.25 16.80
CA GLN A 10 -8.19 -27.76 15.58
C GLN A 10 -9.27 -28.78 15.89
N GLU A 11 -9.22 -29.40 17.08
CA GLU A 11 -10.27 -30.33 17.45
C GLU A 11 -11.58 -29.59 17.75
N VAL A 12 -11.51 -28.51 18.53
CA VAL A 12 -12.71 -27.72 18.83
C VAL A 12 -13.15 -26.96 17.60
N ASN A 13 -12.22 -26.67 16.68
CA ASN A 13 -12.59 -26.05 15.42
C ASN A 13 -13.49 -26.98 14.62
N ASN A 14 -13.37 -28.28 14.85
CA ASN A 14 -14.19 -29.27 14.17
C ASN A 14 -15.49 -29.60 14.92
N ASP A 15 -15.81 -28.84 15.97
CA ASP A 15 -17.05 -29.03 16.72
C ASP A 15 -17.16 -30.45 17.26
N GLN A 16 -16.26 -30.84 18.16
CA GLN A 16 -16.19 -32.23 18.57
C GLN A 16 -16.17 -32.42 20.09
N VAL A 17 -15.97 -31.35 20.86
CA VAL A 17 -16.03 -31.43 22.33
C VAL A 17 -17.26 -30.69 22.81
N ARG A 18 -17.64 -30.90 24.07
CA ARG A 18 -18.78 -30.19 24.62
C ARG A 18 -18.42 -29.28 25.78
N GLU A 19 -17.69 -29.78 26.79
CA GLU A 19 -17.46 -29.03 28.01
C GLU A 19 -15.99 -28.66 28.14
N ALA A 20 -15.75 -27.49 28.73
CA ALA A 20 -14.40 -27.01 29.01
C ALA A 20 -14.38 -26.52 30.45
N ARG A 21 -13.80 -27.34 31.34
CA ARG A 21 -13.63 -26.94 32.73
C ARG A 21 -12.30 -26.23 32.89
N ILE A 22 -12.34 -24.91 33.04
CA ILE A 22 -11.13 -24.09 33.07
C ILE A 22 -10.71 -23.92 34.51
N ASN A 23 -9.51 -24.42 34.82
CA ASN A 23 -8.89 -24.28 36.13
C ASN A 23 -7.57 -23.56 35.94
N GLY A 24 -7.62 -22.23 35.93
CA GLY A 24 -6.40 -21.46 35.70
C GLY A 24 -5.78 -21.82 34.36
N ARG A 25 -4.56 -22.37 34.42
CA ARG A 25 -3.87 -22.76 33.19
C ARG A 25 -4.44 -24.03 32.59
N GLU A 26 -4.72 -25.03 33.42
CA GLU A 26 -5.15 -26.33 32.91
C GLU A 26 -6.66 -26.37 32.67
N ILE A 27 -7.06 -27.18 31.71
CA ILE A 27 -8.45 -27.27 31.27
C ILE A 27 -8.83 -28.74 31.19
N ASN A 28 -9.98 -29.08 31.79
CA ASN A 28 -10.53 -30.44 31.72
C ASN A 28 -11.52 -30.48 30.57
N VAL A 29 -11.26 -31.34 29.58
CA VAL A 29 -12.03 -31.34 28.35
C VAL A 29 -12.70 -32.69 28.13
N THR A 30 -13.99 -32.65 27.79
CA THR A 30 -14.75 -33.84 27.42
C THR A 30 -15.24 -33.65 25.99
N LYS A 31 -14.98 -34.65 25.14
CA LYS A 31 -15.40 -34.58 23.75
C LYS A 31 -16.88 -34.92 23.61
N LYS A 32 -17.34 -34.96 22.36
CA LYS A 32 -18.71 -35.38 22.09
C LYS A 32 -18.88 -36.88 22.28
N ASP A 33 -17.79 -37.65 22.20
CA ASP A 33 -17.83 -39.09 22.38
C ASP A 33 -17.45 -39.50 23.81
N SER A 34 -17.65 -38.62 24.78
CA SER A 34 -17.41 -38.91 26.20
C SER A 34 -15.97 -39.28 26.49
N ASN A 35 -15.02 -38.65 25.80
CA ASN A 35 -13.61 -38.84 26.08
C ASN A 35 -13.06 -37.64 26.85
N ARG A 36 -12.45 -37.90 28.00
CA ARG A 36 -12.01 -36.86 28.91
C ARG A 36 -10.49 -36.80 28.95
N TYR A 37 -9.95 -35.59 28.99
CA TYR A 37 -8.50 -35.39 29.08
C TYR A 37 -8.23 -34.01 29.65
N THR A 38 -6.94 -33.66 29.70
CA THR A 38 -6.48 -32.38 30.23
C THR A 38 -5.61 -31.71 29.19
N THR A 39 -5.76 -30.39 29.06
CA THR A 39 -4.92 -29.60 28.17
C THR A 39 -4.37 -28.40 28.93
N TYR A 40 -3.20 -27.92 28.48
CA TYR A 40 -2.52 -26.82 29.13
C TYR A 40 -2.37 -25.65 28.17
N ILE A 41 -2.63 -24.45 28.68
CA ILE A 41 -2.45 -23.22 27.90
C ILE A 41 -0.99 -22.78 28.00
N PRO A 42 -0.31 -22.54 26.88
CA PRO A 42 1.09 -22.07 26.95
C PRO A 42 1.19 -20.69 27.57
N VAL A 43 0.46 -19.73 27.00
CA VAL A 43 0.43 -18.35 27.46
C VAL A 43 -1.01 -17.87 27.45
N GLN A 44 -1.22 -16.66 27.95
CA GLN A 44 -2.55 -16.06 27.95
C GLN A 44 -3.02 -15.84 26.53
N ASP A 45 -4.21 -16.35 26.21
CA ASP A 45 -4.76 -16.32 24.85
C ASP A 45 -6.14 -15.67 24.89
N PRO A 46 -6.26 -14.40 24.51
CA PRO A 46 -7.57 -13.75 24.50
C PRO A 46 -8.57 -14.37 23.53
N LYS A 47 -8.09 -14.87 22.39
CA LYS A 47 -9.01 -15.41 21.39
C LYS A 47 -9.65 -16.71 21.83
N LEU A 48 -9.14 -17.31 22.91
CA LEU A 48 -9.66 -18.60 23.37
C LEU A 48 -11.13 -18.52 23.73
N LEU A 49 -11.50 -17.52 24.55
CA LEU A 49 -12.90 -17.40 24.95
C LEU A 49 -13.79 -17.07 23.76
N ASP A 50 -13.34 -16.20 22.85
CA ASP A 50 -14.16 -15.87 21.70
C ASP A 50 -14.40 -17.09 20.82
N ASN A 51 -13.35 -17.88 20.56
CA ASN A 51 -13.49 -19.07 19.74
C ASN A 51 -14.39 -20.10 20.42
N LEU A 52 -14.24 -20.26 21.73
CA LEU A 52 -15.06 -21.24 22.45
C LEU A 52 -16.51 -20.81 22.50
N LEU A 53 -16.77 -19.51 22.64
CA LEU A 53 -18.15 -19.01 22.71
C LEU A 53 -18.81 -19.08 21.33
N THR A 54 -18.06 -18.77 20.28
CA THR A 54 -18.66 -18.71 18.94
C THR A 54 -19.16 -20.07 18.48
N LYS A 55 -18.45 -21.14 18.84
CA LYS A 55 -18.75 -22.47 18.33
C LYS A 55 -19.59 -23.30 19.31
N ASN A 56 -20.32 -22.65 20.22
CA ASN A 56 -21.30 -23.31 21.08
C ASN A 56 -20.66 -24.40 21.94
N VAL A 57 -19.49 -24.11 22.50
CA VAL A 57 -18.81 -25.01 23.43
C VAL A 57 -19.01 -24.46 24.83
N LYS A 58 -19.53 -25.30 25.73
CA LYS A 58 -19.87 -24.82 27.07
C LYS A 58 -18.60 -24.75 27.91
N VAL A 59 -18.52 -23.73 28.75
CA VAL A 59 -17.36 -23.49 29.61
C VAL A 59 -17.84 -23.39 31.06
N VAL A 60 -17.06 -23.94 31.98
CA VAL A 60 -17.36 -23.87 33.41
C VAL A 60 -16.08 -23.54 34.17
N GLY A 61 -16.18 -22.60 35.12
CA GLY A 61 -15.06 -22.27 35.97
C GLY A 61 -14.99 -23.13 37.22
N GLU A 62 -13.97 -22.88 38.03
CA GLU A 62 -13.74 -23.62 39.25
C GLU A 62 -13.42 -22.66 40.39
N PRO A 63 -13.84 -22.98 41.63
CA PRO A 63 -13.46 -22.22 42.81
C PRO A 63 -11.99 -22.37 43.20
N ARG B 1 22.44 -24.72 23.60
CA ARG B 1 22.23 -23.95 22.37
C ARG B 1 21.05 -22.99 22.54
N LYS B 2 21.34 -21.69 22.52
CA LYS B 2 20.33 -20.65 22.70
C LYS B 2 20.21 -19.85 21.41
N VAL B 3 18.98 -19.57 21.00
CA VAL B 3 18.69 -18.85 19.78
C VAL B 3 17.79 -17.66 20.12
N ASP B 4 18.06 -16.52 19.50
CA ASP B 4 17.35 -15.30 19.82
C ASP B 4 15.88 -15.36 19.38
N TYR B 5 15.10 -14.36 19.79
CA TYR B 5 13.67 -14.34 19.52
C TYR B 5 13.37 -13.98 18.07
N SER B 6 14.09 -12.99 17.52
CA SER B 6 13.78 -12.52 16.17
C SER B 6 14.02 -13.61 15.12
N THR B 7 15.15 -14.31 15.21
CA THR B 7 15.40 -15.40 14.27
C THR B 7 14.42 -16.54 14.47
N PHE B 8 13.96 -16.77 15.69
CA PHE B 8 12.95 -17.80 15.90
C PHE B 8 11.65 -17.45 15.20
N LEU B 9 11.23 -16.19 15.29
CA LEU B 9 10.03 -15.78 14.55
C LEU B 9 10.27 -15.83 13.04
N GLN B 10 11.49 -15.54 12.60
CA GLN B 10 11.80 -15.67 11.17
C GLN B 10 11.66 -17.13 10.73
N GLU B 11 12.15 -18.07 11.52
CA GLU B 11 12.01 -19.48 11.19
C GLU B 11 10.55 -19.90 11.20
N VAL B 12 9.77 -19.42 12.17
CA VAL B 12 8.34 -19.74 12.22
C VAL B 12 7.64 -19.25 10.97
N ASN B 13 7.91 -18.01 10.56
CA ASN B 13 7.32 -17.48 9.34
C ASN B 13 7.86 -18.16 8.08
N ASN B 14 9.03 -18.78 8.16
CA ASN B 14 9.63 -19.47 7.02
C ASN B 14 9.38 -20.99 7.11
N ASP B 15 8.68 -21.43 8.17
CA ASP B 15 8.20 -22.81 8.29
C ASP B 15 9.33 -23.83 8.42
N GLN B 16 10.21 -23.64 9.40
CA GLN B 16 11.19 -24.67 9.76
C GLN B 16 11.06 -25.08 11.23
N VAL B 17 9.86 -25.09 11.78
CA VAL B 17 9.60 -25.51 13.15
C VAL B 17 8.41 -26.47 13.16
N ARG B 18 8.49 -27.51 13.98
CA ARG B 18 7.43 -28.51 14.06
C ARG B 18 6.58 -28.37 15.32
N GLU B 19 7.21 -28.40 16.50
CA GLU B 19 6.49 -28.25 17.75
C GLU B 19 7.27 -27.33 18.67
N ALA B 20 6.55 -26.66 19.56
CA ALA B 20 7.13 -25.68 20.48
C ALA B 20 6.73 -26.05 21.90
N ARG B 21 7.74 -26.35 22.73
CA ARG B 21 7.54 -26.66 24.15
C ARG B 21 7.69 -25.37 24.95
N ILE B 22 6.58 -24.68 25.17
CA ILE B 22 6.59 -23.41 25.89
C ILE B 22 6.53 -23.69 27.38
N ASN B 23 7.51 -23.17 28.12
CA ASN B 23 7.56 -23.30 29.57
C ASN B 23 7.82 -21.92 30.12
N GLY B 24 6.76 -21.21 30.51
CA GLY B 24 6.92 -19.83 30.95
C GLY B 24 7.47 -18.99 29.82
N ARG B 25 8.50 -18.20 30.12
CA ARG B 25 9.16 -17.41 29.09
C ARG B 25 9.94 -18.31 28.12
N GLU B 26 10.55 -19.38 28.64
CA GLU B 26 11.34 -20.27 27.81
C GLU B 26 10.46 -20.96 26.77
N ILE B 27 11.03 -21.16 25.58
CA ILE B 27 10.40 -21.90 24.51
C ILE B 27 11.42 -22.91 24.01
N ASN B 28 11.13 -24.19 24.21
CA ASN B 28 11.99 -25.26 23.68
C ASN B 28 11.52 -25.58 22.27
N VAL B 29 12.34 -25.25 21.27
CA VAL B 29 11.94 -25.25 19.88
C VAL B 29 12.60 -26.42 19.16
N THR B 30 11.79 -27.15 18.40
CA THR B 30 12.27 -28.26 17.57
C THR B 30 11.98 -27.92 16.11
N LYS B 31 13.02 -27.92 15.28
CA LYS B 31 12.86 -27.62 13.87
C LYS B 31 12.19 -28.80 13.16
N LYS B 32 11.80 -28.57 11.91
CA LYS B 32 11.17 -29.64 11.13
C LYS B 32 12.13 -30.78 10.85
N ASP B 33 13.43 -30.52 10.89
CA ASP B 33 14.44 -31.56 10.78
C ASP B 33 14.92 -32.07 12.14
N SER B 34 14.07 -31.98 13.16
CA SER B 34 14.36 -32.49 14.50
C SER B 34 15.60 -31.84 15.12
N ASN B 35 15.79 -30.54 14.89
CA ASN B 35 16.85 -29.79 15.54
C ASN B 35 16.31 -29.07 16.76
N ARG B 36 16.99 -29.24 17.88
CA ARG B 36 16.51 -28.77 19.18
C ARG B 36 17.33 -27.56 19.62
N TYR B 37 16.63 -26.51 20.08
CA TYR B 37 17.29 -25.39 20.72
C TYR B 37 16.29 -24.71 21.65
N THR B 38 16.71 -23.60 22.25
CA THR B 38 15.89 -22.87 23.20
C THR B 38 15.88 -21.39 22.87
N THR B 39 14.71 -20.77 22.96
CA THR B 39 14.55 -19.34 22.78
C THR B 39 13.87 -18.76 24.02
N TYR B 40 13.97 -17.44 24.16
CA TYR B 40 13.42 -16.75 25.32
C TYR B 40 12.47 -15.66 24.87
N ILE B 41 11.36 -15.51 25.58
CA ILE B 41 10.43 -14.42 25.30
C ILE B 41 10.88 -13.21 26.11
N PRO B 42 11.36 -12.14 25.45
CA PRO B 42 11.87 -10.99 26.19
C PRO B 42 10.77 -10.25 26.94
N VAL B 43 9.71 -9.89 26.22
CA VAL B 43 8.58 -9.16 26.79
C VAL B 43 7.32 -9.85 26.30
N GLN B 44 6.24 -9.71 27.08
CA GLN B 44 4.98 -10.34 26.75
C GLN B 44 4.57 -9.99 25.32
N ASP B 45 4.36 -11.02 24.50
CA ASP B 45 4.03 -10.88 23.10
C ASP B 45 2.57 -11.24 22.88
N PRO B 46 1.77 -10.35 22.27
CA PRO B 46 0.36 -10.67 22.05
C PRO B 46 0.04 -11.41 20.77
N LYS B 47 1.01 -11.62 19.87
CA LYS B 47 0.71 -12.16 18.55
C LYS B 47 1.50 -13.41 18.19
N LEU B 48 2.40 -13.87 19.06
CA LEU B 48 3.24 -15.01 18.69
C LEU B 48 2.39 -16.27 18.47
N LEU B 49 1.40 -16.48 19.33
CA LEU B 49 0.55 -17.66 19.19
C LEU B 49 -0.33 -17.58 17.95
N ASP B 50 -0.73 -16.37 17.55
CA ASP B 50 -1.48 -16.22 16.31
C ASP B 50 -0.70 -16.78 15.12
N ASN B 51 0.56 -16.36 14.98
CA ASN B 51 1.39 -16.87 13.90
C ASN B 51 1.69 -18.36 14.09
N LEU B 52 1.87 -18.80 15.33
CA LEU B 52 2.18 -20.19 15.59
C LEU B 52 1.04 -21.10 15.12
N LEU B 53 -0.19 -20.74 15.43
CA LEU B 53 -1.33 -21.53 14.98
C LEU B 53 -1.60 -21.33 13.48
N THR B 54 -1.26 -20.15 12.95
CA THR B 54 -1.39 -19.93 11.52
C THR B 54 -0.48 -20.85 10.72
N LYS B 55 0.75 -21.06 11.21
CA LYS B 55 1.71 -21.94 10.57
C LYS B 55 1.52 -23.39 10.97
N ASN B 56 0.56 -23.69 11.84
CA ASN B 56 0.18 -25.06 12.20
C ASN B 56 1.35 -25.83 12.78
N VAL B 57 1.83 -25.38 13.93
CA VAL B 57 2.89 -26.03 14.67
C VAL B 57 2.34 -26.47 16.03
N LYS B 58 2.77 -27.63 16.49
CA LYS B 58 2.20 -28.23 17.71
C LYS B 58 2.77 -27.51 18.93
N VAL B 59 1.96 -26.67 19.57
CA VAL B 59 2.39 -25.94 20.76
C VAL B 59 1.91 -26.69 21.99
N VAL B 60 2.80 -26.81 22.98
CA VAL B 60 2.47 -27.51 24.23
C VAL B 60 2.86 -26.62 25.40
N GLY B 61 2.26 -26.92 26.55
CA GLY B 61 2.57 -26.26 27.80
C GLY B 61 3.30 -27.19 28.76
N GLU B 62 3.66 -26.62 29.91
CA GLU B 62 4.39 -27.37 30.93
C GLU B 62 3.82 -27.04 32.31
N PRO B 63 3.52 -28.07 33.13
CA PRO B 63 3.02 -27.91 34.50
C PRO B 63 3.91 -27.00 35.35
N ARG C 1 -25.55 -23.15 45.18
CA ARG C 1 -25.79 -23.49 43.77
C ARG C 1 -24.84 -22.71 42.87
N LYS C 2 -24.25 -23.41 41.90
CA LYS C 2 -23.33 -22.82 40.95
C LYS C 2 -23.88 -22.98 39.55
N VAL C 3 -23.74 -21.93 38.74
CA VAL C 3 -24.33 -21.90 37.40
C VAL C 3 -23.21 -21.70 36.39
N ASP C 4 -23.29 -22.43 35.29
CA ASP C 4 -22.22 -22.48 34.29
C ASP C 4 -22.08 -21.13 33.58
N TYR C 5 -20.83 -20.80 33.20
CA TYR C 5 -20.55 -19.50 32.61
C TYR C 5 -21.23 -19.32 31.27
N SER C 6 -21.23 -20.36 30.43
CA SER C 6 -21.92 -20.24 29.14
C SER C 6 -23.41 -20.01 29.35
N THR C 7 -24.02 -20.76 30.26
CA THR C 7 -25.41 -20.51 30.61
C THR C 7 -25.60 -19.12 31.19
N PHE C 8 -24.63 -18.66 31.98
CA PHE C 8 -24.70 -17.31 32.53
C PHE C 8 -24.73 -16.25 31.43
N LEU C 9 -23.81 -16.33 30.47
CA LEU C 9 -23.76 -15.32 29.42
C LEU C 9 -25.02 -15.38 28.55
N GLN C 10 -25.49 -16.59 28.24
CA GLN C 10 -26.71 -16.71 27.46
C GLN C 10 -27.91 -16.12 28.21
N GLU C 11 -27.96 -16.35 29.51
CA GLU C 11 -29.05 -15.81 30.32
C GLU C 11 -28.96 -14.29 30.42
N VAL C 12 -27.75 -13.75 30.46
CA VAL C 12 -27.58 -12.29 30.43
C VAL C 12 -28.07 -11.72 29.10
N ASN C 13 -27.70 -12.37 27.99
CA ASN C 13 -28.21 -11.95 26.69
C ASN C 13 -29.73 -12.10 26.61
N ASN C 14 -30.29 -12.97 27.45
CA ASN C 14 -31.73 -13.18 27.52
C ASN C 14 -32.40 -12.08 28.37
N ASP C 15 -31.60 -11.23 29.02
CA ASP C 15 -32.11 -10.17 29.89
C ASP C 15 -32.98 -10.75 30.99
N GLN C 16 -32.40 -11.60 31.84
CA GLN C 16 -33.13 -12.24 32.92
C GLN C 16 -32.43 -12.08 34.26
N VAL C 17 -31.20 -11.54 34.28
CA VAL C 17 -30.48 -11.20 35.50
C VAL C 17 -30.80 -9.77 35.89
N ARG C 18 -30.82 -9.47 37.19
CA ARG C 18 -31.00 -8.09 37.63
C ARG C 18 -29.74 -7.54 38.30
N GLU C 19 -29.13 -8.29 39.22
CA GLU C 19 -27.93 -7.86 39.92
C GLU C 19 -26.85 -8.91 39.81
N ALA C 20 -25.61 -8.45 39.72
CA ALA C 20 -24.44 -9.33 39.69
C ALA C 20 -23.38 -8.72 40.61
N ARG C 21 -23.18 -9.37 41.75
CA ARG C 21 -22.12 -8.97 42.66
C ARG C 21 -20.84 -9.74 42.33
N ILE C 22 -19.85 -9.02 41.82
CA ILE C 22 -18.61 -9.63 41.33
C ILE C 22 -17.58 -9.56 42.44
N ASN C 23 -17.03 -10.71 42.82
CA ASN C 23 -15.96 -10.79 43.80
C ASN C 23 -14.74 -11.35 43.08
N GLY C 24 -14.03 -10.48 42.37
CA GLY C 24 -12.81 -10.90 41.71
C GLY C 24 -13.04 -12.14 40.85
N ARG C 25 -12.56 -13.27 41.37
CA ARG C 25 -12.73 -14.54 40.68
C ARG C 25 -14.19 -14.97 40.70
N GLU C 26 -14.93 -14.54 41.72
CA GLU C 26 -16.29 -14.98 41.99
C GLU C 26 -17.32 -13.99 41.46
N ILE C 27 -18.55 -14.45 41.23
CA ILE C 27 -19.69 -13.58 40.95
C ILE C 27 -20.88 -14.12 41.73
N ASN C 28 -21.57 -13.24 42.45
CA ASN C 28 -22.85 -13.57 43.09
C ASN C 28 -23.97 -12.91 42.29
N VAL C 29 -24.95 -13.71 41.86
CA VAL C 29 -25.91 -13.27 40.84
C VAL C 29 -27.33 -13.47 41.33
N THR C 30 -28.19 -12.48 41.05
CA THR C 30 -29.62 -12.55 41.31
C THR C 30 -30.37 -12.50 39.99
N LYS C 31 -31.23 -13.48 39.76
CA LYS C 31 -32.09 -13.48 38.59
C LYS C 31 -33.23 -12.48 38.76
N LYS C 32 -33.95 -12.24 37.66
CA LYS C 32 -35.13 -11.37 37.73
C LYS C 32 -36.24 -12.00 38.55
N ASP C 33 -36.27 -13.32 38.64
CA ASP C 33 -37.25 -14.02 39.46
C ASP C 33 -36.75 -14.32 40.86
N SER C 34 -35.84 -13.49 41.38
CA SER C 34 -35.33 -13.59 42.75
C SER C 34 -34.67 -14.95 43.01
N ASN C 35 -33.95 -15.47 42.03
CA ASN C 35 -33.17 -16.70 42.22
C ASN C 35 -31.70 -16.35 42.35
N ARG C 36 -31.07 -16.83 43.41
CA ARG C 36 -29.69 -16.50 43.75
C ARG C 36 -28.77 -17.65 43.37
N TYR C 37 -27.64 -17.32 42.75
CA TYR C 37 -26.64 -18.34 42.43
C TYR C 37 -25.27 -17.68 42.35
N THR C 38 -24.28 -18.47 41.94
CA THR C 38 -22.89 -18.07 42.00
C THR C 38 -22.15 -18.64 40.81
N THR C 39 -21.33 -17.82 40.15
CA THR C 39 -20.61 -18.25 38.96
C THR C 39 -19.17 -17.73 38.98
N TYR C 40 -18.42 -18.08 37.94
CA TYR C 40 -16.97 -17.92 37.89
C TYR C 40 -16.51 -17.47 36.51
N ILE C 41 -15.58 -16.51 36.48
CA ILE C 41 -14.92 -16.14 35.22
C ILE C 41 -13.89 -17.22 34.95
N PRO C 42 -13.85 -17.82 33.76
CA PRO C 42 -12.74 -18.75 33.47
C PRO C 42 -11.42 -18.02 33.34
N VAL C 43 -11.39 -16.95 32.53
CA VAL C 43 -10.22 -16.10 32.38
C VAL C 43 -10.71 -14.70 32.02
N GLN C 44 -9.95 -13.69 32.45
CA GLN C 44 -10.36 -12.29 32.38
C GLN C 44 -10.98 -11.94 31.03
N ASP C 45 -12.20 -11.41 31.07
CA ASP C 45 -12.99 -11.09 29.88
C ASP C 45 -13.59 -9.70 30.04
N PRO C 46 -12.98 -8.67 29.43
CA PRO C 46 -13.62 -7.34 29.46
C PRO C 46 -14.96 -7.32 28.74
N LYS C 47 -15.14 -8.21 27.75
CA LYS C 47 -16.42 -8.29 27.05
C LYS C 47 -17.54 -8.66 28.01
N LEU C 48 -17.20 -9.35 29.11
CA LEU C 48 -18.20 -9.59 30.15
C LEU C 48 -18.76 -8.28 30.69
N LEU C 49 -17.88 -7.39 31.14
CA LEU C 49 -18.35 -6.13 31.71
C LEU C 49 -19.04 -5.29 30.65
N ASP C 50 -18.54 -5.35 29.41
CA ASP C 50 -19.23 -4.64 28.32
C ASP C 50 -20.66 -5.16 28.15
N ASN C 51 -20.84 -6.48 28.16
CA ASN C 51 -22.16 -7.05 27.96
C ASN C 51 -23.10 -6.72 29.11
N LEU C 52 -22.60 -6.76 30.34
CA LEU C 52 -23.44 -6.39 31.48
C LEU C 52 -23.79 -4.90 31.47
N LEU C 53 -22.88 -4.04 31.01
CA LEU C 53 -23.22 -2.62 30.99
C LEU C 53 -24.22 -2.32 29.88
N THR C 54 -24.09 -2.98 28.72
CA THR C 54 -25.00 -2.68 27.62
C THR C 54 -26.37 -3.30 27.85
N LYS C 55 -26.46 -4.33 28.69
CA LYS C 55 -27.74 -4.95 29.00
C LYS C 55 -28.46 -4.31 30.17
N ASN C 56 -27.93 -3.21 30.70
CA ASN C 56 -28.52 -2.52 31.85
C ASN C 56 -28.67 -3.45 33.05
N VAL C 57 -27.66 -4.29 33.26
CA VAL C 57 -27.63 -5.23 34.38
C VAL C 57 -26.83 -4.60 35.50
N LYS C 58 -27.38 -4.62 36.72
CA LYS C 58 -26.70 -4.03 37.85
C LYS C 58 -25.41 -4.80 38.16
N VAL C 59 -24.32 -4.05 38.38
CA VAL C 59 -23.02 -4.62 38.70
C VAL C 59 -22.56 -4.04 40.03
N VAL C 60 -22.08 -4.91 40.92
CA VAL C 60 -21.75 -4.52 42.28
C VAL C 60 -20.36 -5.03 42.64
N GLY C 61 -19.47 -4.12 43.02
CA GLY C 61 -18.22 -4.49 43.64
C GLY C 61 -18.27 -4.29 45.15
N GLU C 62 -17.27 -4.84 45.84
CA GLU C 62 -17.20 -4.72 47.28
C GLU C 62 -15.77 -4.55 47.74
N PRO C 63 -15.56 -3.92 48.92
CA PRO C 63 -14.24 -3.78 49.53
C PRO C 63 -13.58 -5.12 49.83
N ARG D 1 -21.30 6.37 52.06
CA ARG D 1 -22.27 5.78 51.15
C ARG D 1 -21.59 4.86 50.14
N LYS D 2 -22.39 4.09 49.41
CA LYS D 2 -21.89 3.22 48.36
C LYS D 2 -22.87 3.26 47.18
N VAL D 3 -22.32 3.17 45.97
CA VAL D 3 -23.10 3.32 44.74
C VAL D 3 -22.64 2.26 43.74
N ASP D 4 -23.60 1.69 43.02
CA ASP D 4 -23.30 0.66 42.05
C ASP D 4 -22.44 1.21 40.90
N TYR D 5 -21.62 0.34 40.32
CA TYR D 5 -20.74 0.76 39.22
C TYR D 5 -21.54 1.19 38.00
N SER D 6 -22.60 0.45 37.66
CA SER D 6 -23.44 0.84 36.53
C SER D 6 -24.11 2.18 36.79
N THR D 7 -24.49 2.43 38.05
CA THR D 7 -25.03 3.74 38.41
C THR D 7 -24.01 4.83 38.14
N PHE D 8 -22.75 4.60 38.51
CA PHE D 8 -21.69 5.57 38.20
C PHE D 8 -21.54 5.75 36.69
N LEU D 9 -21.62 4.66 35.93
CA LEU D 9 -21.48 4.77 34.48
C LEU D 9 -22.56 5.67 33.89
N GLN D 10 -23.83 5.36 34.18
CA GLN D 10 -24.90 6.16 33.60
C GLN D 10 -24.86 7.58 34.16
N GLU D 11 -24.37 7.74 35.39
CA GLU D 11 -24.25 9.06 36.00
C GLU D 11 -23.23 9.91 35.26
N VAL D 12 -22.10 9.33 34.89
CA VAL D 12 -21.07 10.11 34.20
C VAL D 12 -21.44 10.31 32.73
N ASN D 13 -22.27 9.41 32.17
CA ASN D 13 -22.77 9.66 30.81
C ASN D 13 -23.63 10.91 30.75
N ASN D 14 -24.41 11.17 31.78
CA ASN D 14 -25.31 12.33 31.78
C ASN D 14 -24.64 13.61 32.25
N ASP D 15 -23.35 13.56 32.59
CA ASP D 15 -22.56 14.74 32.92
C ASP D 15 -23.07 15.50 34.14
N GLN D 16 -23.08 14.84 35.31
CA GLN D 16 -23.30 15.55 36.57
C GLN D 16 -22.30 15.20 37.66
N VAL D 17 -21.22 14.51 37.36
CA VAL D 17 -20.12 14.29 38.30
C VAL D 17 -19.01 15.27 37.97
N ARG D 18 -18.25 15.67 38.99
CA ARG D 18 -17.20 16.67 38.78
C ARG D 18 -15.81 16.13 39.05
N GLU D 19 -15.59 15.53 40.22
CA GLU D 19 -14.27 15.08 40.64
C GLU D 19 -14.34 13.59 40.95
N ALA D 20 -13.35 12.85 40.46
CA ALA D 20 -13.28 11.40 40.65
C ALA D 20 -11.86 11.09 41.13
N ARG D 21 -11.76 10.72 42.40
CA ARG D 21 -10.47 10.40 42.98
C ARG D 21 -10.29 8.89 43.03
N ILE D 22 -9.24 8.40 42.38
CA ILE D 22 -9.00 6.98 42.21
C ILE D 22 -7.94 6.55 43.22
N ASN D 23 -8.32 5.67 44.14
CA ASN D 23 -7.36 5.04 45.04
C ASN D 23 -7.38 3.54 44.77
N GLY D 24 -6.61 3.11 43.78
CA GLY D 24 -6.52 1.68 43.49
C GLY D 24 -7.89 1.08 43.22
N ARG D 25 -8.32 0.23 44.13
CA ARG D 25 -9.61 -0.46 43.98
C ARG D 25 -10.78 0.50 44.12
N GLU D 26 -10.69 1.44 45.06
CA GLU D 26 -11.82 2.28 45.44
C GLU D 26 -11.90 3.52 44.55
N ILE D 27 -13.10 4.11 44.48
CA ILE D 27 -13.32 5.38 43.82
C ILE D 27 -14.11 6.28 44.76
N ASN D 28 -13.64 7.50 44.97
CA ASN D 28 -14.36 8.49 45.75
C ASN D 28 -14.91 9.55 44.79
N VAL D 29 -16.21 9.51 44.57
CA VAL D 29 -16.86 10.35 43.56
C VAL D 29 -17.39 11.61 44.22
N THR D 30 -17.19 12.74 43.52
CA THR D 30 -17.75 14.03 43.91
C THR D 30 -18.76 14.44 42.85
N LYS D 31 -19.98 14.76 43.29
CA LYS D 31 -21.05 15.15 42.39
C LYS D 31 -20.93 16.63 42.04
N LYS D 32 -21.74 17.06 41.07
CA LYS D 32 -21.78 18.48 40.73
C LYS D 32 -22.49 19.28 41.82
N ASP D 33 -23.36 18.65 42.60
CA ASP D 33 -24.05 19.31 43.69
C ASP D 33 -23.39 19.06 45.05
N SER D 34 -22.06 18.93 45.08
CA SER D 34 -21.30 18.74 46.30
C SER D 34 -21.71 17.47 47.06
N ASN D 35 -22.12 16.44 46.33
CA ASN D 35 -22.45 15.15 46.93
C ASN D 35 -21.31 14.17 46.73
N ARG D 36 -20.85 13.57 47.81
CA ARG D 36 -19.70 12.67 47.77
C ARG D 36 -20.15 11.25 48.12
N TYR D 37 -19.66 10.28 47.35
CA TYR D 37 -19.98 8.89 47.63
C TYR D 37 -18.81 8.01 47.16
N THR D 38 -19.03 6.69 47.22
CA THR D 38 -17.96 5.73 46.97
C THR D 38 -18.46 4.68 45.98
N THR D 39 -17.59 4.31 45.04
CA THR D 39 -17.89 3.32 44.01
C THR D 39 -16.73 2.34 43.92
N TYR D 40 -17.01 1.12 43.48
CA TYR D 40 -15.99 0.10 43.29
C TYR D 40 -16.05 -0.46 41.88
N ILE D 41 -14.89 -0.82 41.34
CA ILE D 41 -14.78 -1.33 39.97
C ILE D 41 -14.99 -2.84 40.00
N PRO D 42 -15.85 -3.38 39.14
CA PRO D 42 -16.00 -4.84 39.09
C PRO D 42 -14.72 -5.53 38.64
N VAL D 43 -14.19 -5.14 37.48
CA VAL D 43 -12.97 -5.68 36.94
C VAL D 43 -12.35 -4.61 36.03
N GLN D 44 -11.05 -4.75 35.78
CA GLN D 44 -10.27 -3.72 35.08
C GLN D 44 -10.95 -3.32 33.78
N ASP D 45 -11.33 -2.04 33.68
CA ASP D 45 -12.08 -1.50 32.54
C ASP D 45 -11.22 -0.45 31.85
N PRO D 46 -10.62 -0.78 30.70
CA PRO D 46 -9.85 0.23 29.96
C PRO D 46 -10.70 1.41 29.50
N LYS D 47 -11.98 1.18 29.21
CA LYS D 47 -12.82 2.24 28.68
C LYS D 47 -13.15 3.29 29.75
N LEU D 48 -12.98 2.94 31.02
CA LEU D 48 -13.37 3.84 32.11
C LEU D 48 -12.62 5.17 32.03
N LEU D 49 -11.29 5.12 31.95
CA LEU D 49 -10.49 6.33 31.97
C LEU D 49 -10.77 7.19 30.74
N ASP D 50 -10.92 6.56 29.58
CA ASP D 50 -11.25 7.28 28.35
C ASP D 50 -12.61 7.96 28.49
N ASN D 51 -13.60 7.24 29.03
CA ASN D 51 -14.94 7.81 29.17
C ASN D 51 -14.93 9.00 30.13
N LEU D 52 -14.21 8.87 31.24
CA LEU D 52 -14.12 9.99 32.18
C LEU D 52 -13.43 11.19 31.55
N LEU D 53 -12.41 10.95 30.71
CA LEU D 53 -11.72 12.08 30.09
C LEU D 53 -12.61 12.79 29.07
N THR D 54 -13.28 12.02 28.20
CA THR D 54 -14.01 12.64 27.10
C THR D 54 -15.17 13.50 27.59
N LYS D 55 -15.62 13.31 28.82
CA LYS D 55 -16.71 14.10 29.37
C LYS D 55 -16.24 15.21 30.30
N ASN D 56 -14.94 15.53 30.26
CA ASN D 56 -14.37 16.65 31.01
C ASN D 56 -14.64 16.49 32.51
N VAL D 57 -14.32 15.32 33.04
CA VAL D 57 -14.46 15.02 34.46
C VAL D 57 -13.07 15.01 35.08
N LYS D 58 -12.89 15.81 36.14
CA LYS D 58 -11.60 15.84 36.82
C LYS D 58 -11.28 14.48 37.42
N VAL D 59 -10.06 14.01 37.20
CA VAL D 59 -9.58 12.74 37.72
C VAL D 59 -8.34 12.99 38.55
N VAL D 60 -8.30 12.45 39.77
CA VAL D 60 -7.22 12.70 40.70
C VAL D 60 -6.69 11.37 41.23
N GLY D 61 -5.38 11.15 41.09
CA GLY D 61 -4.76 9.96 41.63
C GLY D 61 -4.34 10.13 43.08
N GLU D 62 -3.92 9.01 43.68
CA GLU D 62 -3.44 8.97 45.05
C GLU D 62 -2.18 8.15 45.16
N PRO D 63 -1.29 8.48 46.12
CA PRO D 63 -0.05 7.74 46.35
C PRO D 63 -0.29 6.35 46.93
N ARG E 1 52.58 0.05 65.38
CA ARG E 1 52.63 -0.88 64.26
C ARG E 1 51.34 -0.83 63.44
N VAL E 2 50.30 -0.23 64.02
CA VAL E 2 49.03 -0.12 63.32
C VAL E 2 49.16 0.79 62.10
N VAL E 3 50.01 1.82 62.20
CA VAL E 3 50.22 2.72 61.07
C VAL E 3 50.91 1.98 59.93
N THR E 4 51.84 1.08 60.25
CA THR E 4 52.47 0.26 59.22
C THR E 4 51.45 -0.66 58.55
N ILE E 5 50.53 -1.21 59.34
CA ILE E 5 49.47 -2.05 58.78
C ILE E 5 48.58 -1.24 57.85
N ALA E 6 48.26 -0.01 58.24
CA ALA E 6 47.45 0.86 57.38
C ALA E 6 48.19 1.19 56.09
N ALA E 7 49.49 1.45 56.17
CA ALA E 7 50.28 1.71 54.97
C ALA E 7 50.30 0.50 54.05
N ALA E 8 50.47 -0.70 54.62
CA ALA E 8 50.42 -1.91 53.81
C ALA E 8 49.06 -2.07 53.15
N ALA E 9 47.98 -1.81 53.89
CA ALA E 9 46.65 -1.94 53.32
C ALA E 9 46.42 -0.97 52.18
N ILE E 10 46.86 0.29 52.35
CA ILE E 10 46.60 1.28 51.31
C ILE E 10 47.46 1.00 50.08
N VAL E 11 48.70 0.55 50.26
CA VAL E 11 49.51 0.23 49.10
C VAL E 11 48.98 -1.01 48.38
N ILE E 12 48.45 -1.97 49.13
CA ILE E 12 47.84 -3.14 48.51
C ILE E 12 46.60 -2.75 47.71
N ILE E 13 45.79 -1.85 48.27
CA ILE E 13 44.61 -1.37 47.54
C ILE E 13 45.04 -0.61 46.29
N TRP E 14 46.10 0.18 46.39
CA TRP E 14 46.65 0.89 45.24
C TRP E 14 47.08 -0.07 44.14
N ALA E 15 47.79 -1.13 44.49
CA ALA E 15 48.26 -2.10 43.50
C ALA E 15 47.12 -2.92 42.90
N ALA E 16 46.15 -3.32 43.72
CA ALA E 16 45.10 -4.20 43.24
C ALA E 16 44.10 -3.48 42.34
N SER E 17 43.73 -2.26 42.68
CA SER E 17 42.74 -1.51 41.92
C SER E 17 43.33 -0.82 40.70
N GLY E 18 44.65 -0.86 40.51
CA GLY E 18 45.28 -0.22 39.39
C GLY E 18 45.29 -1.04 38.12
N PHE E 19 45.35 -2.36 38.26
CA PHE E 19 45.43 -3.23 37.10
C PHE E 19 44.11 -3.23 36.33
N TYR E 20 44.21 -3.22 35.02
CA TYR E 20 43.05 -3.27 34.14
C TYR E 20 43.44 -3.95 32.83
N THR E 21 42.45 -4.57 32.19
CA THR E 21 42.65 -5.26 30.92
C THR E 21 41.74 -4.67 29.87
N ILE E 22 42.23 -4.62 28.63
CA ILE E 22 41.47 -4.12 27.50
C ILE E 22 41.53 -5.15 26.38
N LYS E 23 40.40 -5.37 25.73
CA LYS E 23 40.26 -6.44 24.74
C LYS E 23 41.21 -6.19 23.56
N GLU E 24 41.44 -7.25 22.78
CA GLU E 24 42.38 -7.17 21.68
C GLU E 24 41.93 -6.18 20.62
N ALA E 25 40.64 -6.16 20.31
CA ALA E 25 40.12 -5.23 19.30
C ALA E 25 40.23 -3.78 19.77
N GLU E 26 40.37 -3.55 21.06
CA GLU E 26 40.38 -2.21 21.61
C GLU E 26 41.80 -1.69 21.79
N ARG E 27 41.91 -0.36 21.84
CA ARG E 27 43.14 0.33 22.21
C ARG E 27 42.77 1.39 23.23
N GLY E 28 43.61 1.55 24.24
CA GLY E 28 43.31 2.44 25.35
C GLY E 28 43.96 3.80 25.15
N VAL E 29 43.25 4.85 25.54
CA VAL E 29 43.80 6.20 25.61
C VAL E 29 43.89 6.56 27.09
N VAL E 30 45.11 6.78 27.57
CA VAL E 30 45.35 7.07 28.98
C VAL E 30 45.78 8.53 29.10
N THR E 31 45.09 9.27 29.96
CA THR E 31 45.34 10.69 30.16
C THR E 31 45.84 10.94 31.57
N ARG E 32 47.09 11.38 31.68
CA ARG E 32 47.67 11.71 32.97
C ARG E 32 46.97 12.96 33.53
N PHE E 33 46.30 12.80 34.67
CA PHE E 33 45.44 13.84 35.25
C PHE E 33 44.38 14.15 34.19
N GLY E 34 44.16 15.41 33.83
CA GLY E 34 43.22 15.73 32.77
C GLY E 34 43.83 15.86 31.40
N LYS E 35 45.13 15.65 31.26
CA LYS E 35 45.83 15.85 30.00
C LYS E 35 46.20 14.49 29.40
N PHE E 36 45.99 14.35 28.09
CA PHE E 36 46.31 13.12 27.39
C PHE E 36 47.78 12.74 27.58
N SER E 37 48.01 11.47 27.90
CA SER E 37 49.36 10.99 28.17
C SER E 37 49.88 10.06 27.08
N HIS E 38 49.17 8.97 26.78
CA HIS E 38 49.67 8.01 25.82
C HIS E 38 48.56 7.06 25.38
N LEU E 39 48.96 6.13 24.49
CA LEU E 39 48.09 5.08 23.98
C LEU E 39 48.62 3.75 24.46
N VAL E 40 47.74 2.91 24.99
CA VAL E 40 48.12 1.60 25.50
C VAL E 40 47.57 0.51 24.61
N GLU E 41 48.42 -0.47 24.34
CA GLU E 41 48.13 -1.61 23.48
C GLU E 41 47.23 -2.60 24.21
N PRO E 42 46.57 -3.51 23.48
CA PRO E 42 45.61 -4.42 24.13
C PRO E 42 46.24 -5.52 24.98
N GLY E 43 46.54 -5.19 26.22
CA GLY E 43 47.05 -6.17 27.17
C GLY E 43 46.79 -5.69 28.58
N LEU E 44 47.14 -6.55 29.54
CA LEU E 44 47.03 -6.17 30.94
C LEU E 44 47.98 -5.00 31.24
N ASN E 45 47.46 -3.98 31.92
CA ASN E 45 48.23 -2.79 32.19
C ASN E 45 47.91 -2.31 33.60
N TRP E 46 48.75 -1.41 34.10
CA TRP E 46 48.58 -0.82 35.42
C TRP E 46 48.54 0.69 35.30
N LYS E 47 47.60 1.31 36.01
CA LYS E 47 47.48 2.76 36.04
C LYS E 47 47.24 3.21 37.47
N PRO E 48 47.77 4.36 37.87
CA PRO E 48 47.48 4.88 39.20
C PRO E 48 46.03 5.32 39.33
N THR E 49 45.29 4.67 40.24
CA THR E 49 43.88 5.00 40.43
C THR E 49 43.73 6.44 40.86
N PHE E 50 42.67 7.08 40.37
CA PHE E 50 42.31 8.48 40.64
C PHE E 50 43.32 9.46 40.05
N ILE E 51 44.38 8.99 39.40
CA ILE E 51 45.38 9.88 38.82
C ILE E 51 45.13 10.00 37.32
N ASP E 52 45.11 8.86 36.62
CA ASP E 52 44.87 8.83 35.20
C ASP E 52 43.72 7.88 34.88
N GLU E 53 42.99 8.19 33.82
CA GLU E 53 41.87 7.40 33.37
C GLU E 53 42.14 6.83 31.98
N VAL E 54 41.50 5.70 31.70
CA VAL E 54 41.67 4.99 30.43
C VAL E 54 40.33 4.97 29.70
N LYS E 55 40.36 5.27 28.41
CA LYS E 55 39.18 5.21 27.55
C LYS E 55 39.45 4.21 26.44
N PRO E 56 38.68 3.13 26.33
CA PRO E 56 38.93 2.15 25.28
C PRO E 56 38.17 2.47 23.99
N VAL E 57 38.85 2.28 22.87
CA VAL E 57 38.28 2.52 21.55
C VAL E 57 38.35 1.22 20.76
N ASN E 58 37.23 0.83 20.15
CA ASN E 58 37.14 -0.43 19.42
C ASN E 58 37.70 -0.24 18.01
N VAL E 59 39.04 -0.32 17.93
CA VAL E 59 39.73 0.00 16.69
C VAL E 59 39.47 -1.05 15.62
N GLU E 60 39.55 -2.33 15.98
CA GLU E 60 39.59 -3.37 14.96
C GLU E 60 38.21 -3.64 14.36
N ALA E 61 37.15 -3.47 15.14
CA ALA E 61 35.82 -3.83 14.68
C ALA E 61 35.38 -2.94 13.52
N VAL E 62 34.65 -3.54 12.59
CA VAL E 62 34.11 -2.83 11.44
C VAL E 62 32.72 -2.31 11.82
N ARG E 63 32.51 -1.01 11.67
CA ARG E 63 31.27 -0.37 12.05
C ARG E 63 30.43 -0.08 10.82
N GLU E 64 29.11 -0.18 10.97
CA GLU E 64 28.16 -0.08 9.87
C GLU E 64 27.27 1.14 10.07
N LEU E 65 26.82 1.72 8.96
CA LEU E 65 25.97 2.89 8.98
C LEU E 65 24.99 2.81 7.81
N ALA E 66 23.73 3.19 8.04
CA ALA E 66 22.70 3.17 7.02
C ALA E 66 22.17 4.57 6.81
N ALA E 67 22.17 5.04 5.57
CA ALA E 67 21.65 6.36 5.21
C ALA E 67 20.66 6.18 4.07
N SER E 68 19.41 6.55 4.32
CA SER E 68 18.34 6.37 3.34
C SER E 68 17.47 7.61 3.32
N GLY E 69 16.88 7.89 2.16
CA GLY E 69 15.96 9.02 2.08
C GLY E 69 15.40 9.18 0.69
N VAL E 70 14.26 9.87 0.63
CA VAL E 70 13.66 10.25 -0.64
C VAL E 70 14.42 11.43 -1.22
N MET E 71 14.89 11.29 -2.47
CA MET E 71 15.81 12.25 -3.05
C MET E 71 15.29 12.73 -4.39
N LEU E 72 15.74 13.92 -4.79
CA LEU E 72 15.36 14.51 -6.07
C LEU E 72 16.50 14.33 -7.05
N THR E 73 16.18 13.82 -8.24
CA THR E 73 17.18 13.57 -9.26
C THR E 73 17.40 14.84 -10.08
N SER E 74 18.16 14.72 -11.17
CA SER E 74 18.44 15.87 -12.02
C SER E 74 17.21 16.27 -12.82
N ASP E 75 16.51 15.29 -13.40
CA ASP E 75 15.38 15.58 -14.28
C ASP E 75 14.06 15.66 -13.51
N GLU E 76 14.06 16.43 -12.42
CA GLU E 76 12.86 16.71 -11.62
C GLU E 76 12.15 15.46 -11.15
N ASN E 77 12.86 14.34 -11.00
CA ASN E 77 12.25 13.09 -10.58
C ASN E 77 12.63 12.76 -9.15
N VAL E 78 11.86 11.84 -8.56
CA VAL E 78 11.96 11.49 -7.15
C VAL E 78 12.26 10.01 -7.03
N VAL E 79 13.28 9.67 -6.23
CA VAL E 79 13.72 8.29 -6.06
C VAL E 79 13.87 7.96 -4.58
N ARG E 80 13.44 6.77 -4.21
CA ARG E 80 13.69 6.25 -2.86
C ARG E 80 15.02 5.49 -2.87
N VAL E 81 15.99 5.99 -2.12
CA VAL E 81 17.36 5.51 -2.18
C VAL E 81 17.83 5.15 -0.78
N GLU E 82 18.56 4.04 -0.67
CA GLU E 82 19.23 3.67 0.56
C GLU E 82 20.70 3.35 0.28
N MET E 83 21.52 3.45 1.32
CA MET E 83 22.96 3.26 1.22
C MET E 83 23.48 2.71 2.53
N ASN E 84 24.52 1.89 2.42
CA ASN E 84 25.22 1.35 3.58
C ASN E 84 26.69 1.75 3.46
N VAL E 85 27.29 2.10 4.60
CA VAL E 85 28.67 2.55 4.65
C VAL E 85 29.36 1.80 5.80
N GLN E 86 30.49 1.17 5.50
CA GLN E 86 31.25 0.43 6.49
C GLN E 86 32.60 1.11 6.70
N TYR E 87 32.92 1.41 7.95
CA TYR E 87 34.11 2.19 8.27
C TYR E 87 34.82 1.61 9.49
N ARG E 88 36.11 1.93 9.58
CA ARG E 88 36.95 1.54 10.71
C ARG E 88 37.37 2.82 11.43
N VAL E 89 37.94 2.69 12.61
CA VAL E 89 38.45 3.82 13.36
C VAL E 89 39.94 3.63 13.61
N THR E 90 40.74 4.64 13.29
CA THR E 90 42.17 4.64 13.54
C THR E 90 42.52 5.87 14.36
N ASN E 91 43.77 5.89 14.83
CA ASN E 91 44.29 6.96 15.68
C ASN E 91 43.25 7.47 16.68
N PRO E 92 42.94 6.68 17.71
CA PRO E 92 41.76 6.98 18.55
C PRO E 92 41.79 8.34 19.21
N GLU E 93 42.95 8.98 19.34
CA GLU E 93 43.00 10.31 19.93
C GLU E 93 42.20 11.29 19.06
N LYS E 94 42.31 11.15 17.74
CA LYS E 94 41.50 11.97 16.84
C LYS E 94 40.02 11.64 16.98
N TYR E 95 39.70 10.35 17.11
CA TYR E 95 38.31 9.95 17.24
C TYR E 95 37.70 10.47 18.54
N LEU E 96 38.51 10.68 19.56
CA LEU E 96 37.99 11.03 20.88
C LEU E 96 38.04 12.52 21.19
N TYR E 97 38.99 13.26 20.62
CA TYR E 97 39.19 14.65 21.02
C TYR E 97 39.04 15.63 19.87
N SER E 98 38.29 15.28 18.82
CA SER E 98 38.08 16.18 17.71
C SER E 98 36.63 16.63 17.55
N VAL E 99 35.71 15.68 17.42
CA VAL E 99 34.31 16.01 17.14
C VAL E 99 33.42 15.24 18.12
N THR E 100 32.42 15.93 18.66
CA THR E 100 31.45 15.27 19.53
C THR E 100 30.61 14.29 18.71
N SER E 101 30.53 13.05 19.19
CA SER E 101 29.78 11.99 18.51
C SER E 101 30.21 11.88 17.05
N PRO E 102 31.42 11.37 16.77
CA PRO E 102 31.87 11.31 15.37
C PRO E 102 30.98 10.47 14.48
N ASP E 103 30.32 9.44 15.03
CA ASP E 103 29.47 8.60 14.20
C ASP E 103 28.28 9.38 13.65
N ASP E 104 27.65 10.22 14.48
CA ASP E 104 26.52 11.01 14.00
C ASP E 104 26.97 12.02 12.95
N SER E 105 28.14 12.64 13.16
CA SER E 105 28.68 13.56 12.17
C SER E 105 28.93 12.85 10.85
N LEU E 106 29.47 11.63 10.91
CA LEU E 106 29.72 10.87 9.69
C LEU E 106 28.40 10.49 9.01
N ARG E 107 27.38 10.16 9.80
CA ARG E 107 26.07 9.86 9.20
C ARG E 107 25.51 11.06 8.47
N GLN E 108 25.59 12.24 9.09
CA GLN E 108 25.10 13.45 8.44
C GLN E 108 25.90 13.76 7.18
N ALA E 109 27.22 13.58 7.24
CA ALA E 109 28.05 13.81 6.07
C ALA E 109 27.72 12.83 4.95
N THR E 110 27.47 11.56 5.31
CA THR E 110 27.09 10.57 4.32
C THR E 110 25.77 10.94 3.65
N ASP E 111 24.80 11.38 4.44
CA ASP E 111 23.52 11.79 3.86
C ASP E 111 23.71 12.98 2.93
N SER E 112 24.51 13.96 3.33
CA SER E 112 24.75 15.13 2.47
C SER E 112 25.43 14.71 1.16
N ALA E 113 26.44 13.84 1.25
CA ALA E 113 27.14 13.41 0.06
C ALA E 113 26.23 12.62 -0.87
N LEU E 114 25.39 11.75 -0.30
CA LEU E 114 24.45 10.99 -1.11
C LEU E 114 23.46 11.91 -1.83
N ARG E 115 22.94 12.90 -1.11
CA ARG E 115 22.03 13.86 -1.75
C ARG E 115 22.73 14.59 -2.88
N GLY E 116 23.96 15.06 -2.64
CA GLY E 116 24.68 15.78 -3.67
C GLY E 116 24.96 14.93 -4.90
N VAL E 117 25.32 13.66 -4.69
CA VAL E 117 25.62 12.79 -5.83
C VAL E 117 24.35 12.48 -6.61
N ILE E 118 23.25 12.16 -5.93
CA ILE E 118 22.02 11.82 -6.64
C ILE E 118 21.46 13.04 -7.36
N GLY E 119 21.73 14.25 -6.84
CA GLY E 119 21.21 15.44 -7.49
C GLY E 119 21.69 15.59 -8.92
N LYS E 120 22.92 15.20 -9.20
CA LYS E 120 23.51 15.47 -10.52
C LYS E 120 22.98 14.53 -11.59
N TYR E 121 22.75 13.26 -11.23
CA TYR E 121 22.42 12.26 -12.24
C TYR E 121 20.92 12.14 -12.45
N THR E 122 20.55 11.62 -13.62
CA THR E 122 19.15 11.45 -13.98
C THR E 122 18.57 10.18 -13.37
N MET E 123 17.25 10.06 -13.45
CA MET E 123 16.57 8.97 -12.75
C MET E 123 16.89 7.60 -13.35
N ASP E 124 16.76 7.46 -14.67
CA ASP E 124 16.90 6.13 -15.28
C ASP E 124 18.32 5.61 -15.15
N ARG E 125 19.31 6.47 -15.35
CA ARG E 125 20.70 6.07 -15.17
C ARG E 125 20.98 5.64 -13.73
N ILE E 126 20.39 6.33 -12.76
CA ILE E 126 20.52 5.91 -11.36
C ILE E 126 19.88 4.54 -11.16
N LEU E 127 18.72 4.32 -11.79
CA LEU E 127 18.03 3.05 -11.64
C LEU E 127 18.85 1.89 -12.20
N THR E 128 19.43 2.06 -13.39
CA THR E 128 19.99 0.93 -14.12
C THR E 128 21.49 1.00 -14.39
N GLU E 129 22.00 2.12 -14.93
CA GLU E 129 23.35 2.12 -15.46
C GLU E 129 24.35 2.78 -14.52
N GLY E 130 23.91 3.82 -13.81
CA GLY E 130 24.83 4.58 -12.99
C GLY E 130 25.15 3.99 -11.64
N ARG E 131 24.59 2.82 -11.31
CA ARG E 131 24.77 2.24 -9.98
C ARG E 131 26.22 2.02 -9.61
N THR E 132 27.15 2.08 -10.56
CA THR E 132 28.58 1.98 -10.27
C THR E 132 29.23 3.34 -10.13
N VAL E 133 28.87 4.31 -10.97
CA VAL E 133 29.44 5.64 -10.84
C VAL E 133 28.82 6.38 -9.66
N ILE E 134 27.58 6.05 -9.30
CA ILE E 134 26.95 6.67 -8.14
C ILE E 134 27.75 6.36 -6.88
N ARG E 135 28.06 5.08 -6.67
CA ARG E 135 28.81 4.69 -5.48
C ARG E 135 30.22 5.26 -5.50
N SER E 136 30.87 5.23 -6.67
CA SER E 136 32.22 5.76 -6.77
C SER E 136 32.27 7.24 -6.46
N ASP E 137 31.29 8.01 -6.94
CA ASP E 137 31.24 9.43 -6.63
C ASP E 137 30.90 9.66 -5.16
N THR E 138 29.99 8.86 -4.60
CA THR E 138 29.58 9.04 -3.22
C THR E 138 30.74 8.80 -2.26
N GLN E 139 31.52 7.75 -2.50
CA GLN E 139 32.64 7.47 -1.60
C GLN E 139 33.67 8.59 -1.63
N ARG E 140 34.01 9.09 -2.83
CA ARG E 140 34.96 10.18 -2.94
C ARG E 140 34.42 11.44 -2.29
N GLU E 141 33.14 11.74 -2.48
CA GLU E 141 32.55 12.92 -1.87
C GLU E 141 32.56 12.83 -0.34
N LEU E 142 32.24 11.64 0.19
CA LEU E 142 32.29 11.47 1.65
C LEU E 142 33.70 11.63 2.17
N GLU E 143 34.68 11.06 1.48
CA GLU E 143 36.07 11.20 1.92
C GLU E 143 36.50 12.65 1.90
N GLU E 144 36.13 13.38 0.86
CA GLU E 144 36.46 14.81 0.81
C GLU E 144 35.73 15.61 1.88
N THR E 145 34.50 15.22 2.21
CA THR E 145 33.70 15.95 3.17
C THR E 145 34.22 15.77 4.59
N ILE E 146 34.58 14.54 4.97
CA ILE E 146 35.03 14.31 6.35
C ILE E 146 36.50 14.63 6.54
N ARG E 147 37.19 15.13 5.52
CA ARG E 147 38.59 15.51 5.67
C ARG E 147 38.81 16.65 6.67
N PRO E 148 38.10 17.79 6.58
CA PRO E 148 38.37 18.87 7.56
C PRO E 148 38.11 18.47 9.00
N TYR E 149 37.14 17.57 9.24
CA TYR E 149 36.81 17.20 10.61
C TYR E 149 37.99 16.52 11.30
N ASP E 150 38.84 15.85 10.52
CA ASP E 150 40.02 15.16 11.03
C ASP E 150 39.63 14.14 12.11
N MET E 151 38.52 13.46 11.85
CA MET E 151 38.10 12.37 12.72
C MET E 151 39.00 11.16 12.51
N GLY E 152 38.98 10.24 13.48
CA GLY E 152 39.82 9.07 13.38
C GLY E 152 39.28 8.03 12.42
N ILE E 153 38.08 8.26 11.88
CA ILE E 153 37.43 7.25 11.05
C ILE E 153 38.08 7.16 9.69
N THR E 154 38.36 5.94 9.26
CA THR E 154 38.82 5.65 7.91
C THR E 154 37.73 4.84 7.21
N LEU E 155 37.67 4.97 5.88
CA LEU E 155 36.54 4.43 5.14
C LEU E 155 36.94 3.14 4.43
N LEU E 156 36.15 2.09 4.62
CA LEU E 156 36.40 0.81 3.96
C LEU E 156 35.62 0.67 2.67
N ASP E 157 34.29 0.71 2.76
CA ASP E 157 33.46 0.45 1.59
C ASP E 157 32.17 1.24 1.68
N VAL E 158 31.80 1.85 0.57
CA VAL E 158 30.49 2.46 0.38
C VAL E 158 29.78 1.66 -0.70
N ASN E 159 28.65 1.05 -0.33
CA ASN E 159 27.93 0.18 -1.25
C ASN E 159 26.48 0.62 -1.40
N PHE E 160 26.01 0.61 -2.64
CA PHE E 160 24.69 1.11 -3.00
C PHE E 160 23.67 -0.01 -2.90
N GLN E 161 22.62 0.21 -2.11
CA GLN E 161 21.67 -0.84 -1.77
C GLN E 161 20.47 -0.89 -2.71
N ALA E 162 19.69 0.19 -2.79
CA ALA E 162 18.48 0.15 -3.59
C ALA E 162 18.05 1.56 -3.93
N ALA E 163 17.56 1.74 -5.15
CA ALA E 163 17.08 3.01 -5.66
C ALA E 163 15.69 2.86 -6.27
N ARG E 164 14.82 2.11 -5.60
CA ARG E 164 13.49 1.88 -6.14
C ARG E 164 12.70 3.19 -6.19
N PRO E 165 11.88 3.38 -7.21
CA PRO E 165 10.97 4.52 -7.23
C PRO E 165 9.86 4.32 -6.22
N PRO E 166 9.08 5.36 -5.91
CA PRO E 166 7.99 5.20 -4.95
C PRO E 166 6.95 4.20 -5.43
N GLU E 167 6.13 3.74 -4.48
CA GLU E 167 5.15 2.69 -4.77
C GLU E 167 4.13 3.17 -5.80
N GLU E 168 3.70 4.43 -5.70
CA GLU E 168 2.67 4.95 -6.58
C GLU E 168 3.09 4.87 -8.04
N VAL E 169 4.34 5.20 -8.34
CA VAL E 169 4.81 5.07 -9.71
C VAL E 169 5.24 3.64 -10.00
N LYS E 170 5.53 2.85 -8.97
CA LYS E 170 5.81 1.43 -9.19
C LYS E 170 4.61 0.73 -9.80
N ALA E 171 3.41 1.12 -9.38
CA ALA E 171 2.20 0.60 -10.01
C ALA E 171 2.18 0.90 -11.50
N ALA E 172 2.57 2.12 -11.88
CA ALA E 172 2.60 2.49 -13.29
C ALA E 172 3.66 1.69 -14.05
N PHE E 173 4.81 1.44 -13.43
CA PHE E 173 5.84 0.62 -14.07
C PHE E 173 5.31 -0.79 -14.36
N ASP E 174 4.66 -1.40 -13.37
CA ASP E 174 4.07 -2.71 -13.58
C ASP E 174 3.00 -2.66 -14.67
N ASP E 175 2.22 -1.58 -14.70
CA ASP E 175 1.21 -1.43 -15.75
C ASP E 175 1.86 -1.35 -17.12
N ALA E 176 3.01 -0.68 -17.23
CA ALA E 176 3.71 -0.60 -18.52
C ALA E 176 4.17 -1.97 -18.98
N ILE E 177 4.72 -2.78 -18.06
CA ILE E 177 5.14 -4.13 -18.44
C ILE E 177 3.94 -4.96 -18.89
N ALA E 178 2.85 -4.89 -18.12
CA ALA E 178 1.63 -5.59 -18.51
C ALA E 178 1.12 -5.09 -19.86
N ALA E 179 1.35 -3.81 -20.16
CA ALA E 179 0.93 -3.27 -21.45
C ALA E 179 1.74 -3.88 -22.58
N ARG E 180 3.04 -4.08 -22.38
CA ARG E 180 3.82 -4.80 -23.38
C ARG E 180 3.26 -6.19 -23.63
N GLU E 181 2.97 -6.92 -22.54
CA GLU E 181 2.43 -8.27 -22.71
C GLU E 181 1.08 -8.24 -23.43
N ASN E 182 0.22 -7.28 -23.08
CA ASN E 182 -1.07 -7.17 -23.75
C ASN E 182 -0.91 -6.82 -25.21
N GLU E 183 0.09 -6.01 -25.55
CA GLU E 183 0.37 -5.70 -26.95
C GLU E 183 0.69 -6.96 -27.72
N GLN E 184 1.50 -7.84 -27.14
CA GLN E 184 1.74 -9.13 -27.80
C GLN E 184 0.46 -9.94 -27.93
N GLN E 185 -0.36 -9.95 -26.87
CA GLN E 185 -1.58 -10.76 -26.86
C GLN E 185 -2.55 -10.33 -27.95
N TYR E 186 -2.65 -9.03 -28.20
CA TYR E 186 -3.59 -8.55 -29.22
C TYR E 186 -3.23 -9.09 -30.60
N ILE E 187 -1.94 -9.07 -30.96
CA ILE E 187 -1.51 -9.61 -32.24
C ILE E 187 -1.76 -11.11 -32.29
N ARG E 188 -1.52 -11.81 -31.18
CA ARG E 188 -1.81 -13.24 -31.15
C ARG E 188 -3.29 -13.51 -31.44
N GLU E 189 -4.18 -12.74 -30.82
CA GLU E 189 -5.60 -12.93 -31.04
C GLU E 189 -6.00 -12.58 -32.47
N ALA E 190 -5.37 -11.57 -33.07
CA ALA E 190 -5.66 -11.25 -34.46
C ALA E 190 -5.30 -12.40 -35.38
N GLU E 191 -4.11 -12.99 -35.18
CA GLU E 191 -3.73 -14.15 -35.98
C GLU E 191 -4.69 -15.31 -35.75
N ALA E 192 -5.15 -15.48 -34.51
CA ALA E 192 -6.15 -16.50 -34.23
C ALA E 192 -7.42 -16.27 -35.03
N TYR E 193 -7.89 -15.02 -35.08
CA TYR E 193 -9.09 -14.70 -35.83
C TYR E 193 -8.91 -15.02 -37.31
N THR E 194 -7.75 -14.67 -37.87
CA THR E 194 -7.51 -14.96 -39.28
C THR E 194 -7.56 -16.47 -39.54
N ASN E 195 -6.83 -17.23 -38.72
CA ASN E 195 -6.76 -18.68 -38.92
C ASN E 195 -8.11 -19.35 -38.70
N GLU E 196 -8.96 -18.74 -37.89
CA GLU E 196 -10.31 -19.27 -37.71
C GLU E 196 -11.19 -18.95 -38.92
N VAL E 197 -11.11 -17.71 -39.41
CA VAL E 197 -12.09 -17.26 -40.40
C VAL E 197 -11.83 -17.86 -41.77
N GLN E 198 -10.56 -18.01 -42.15
CA GLN E 198 -10.28 -18.48 -43.51
C GLN E 198 -10.88 -19.85 -43.84
N PRO E 199 -10.75 -20.89 -43.00
CA PRO E 199 -11.36 -22.19 -43.35
C PRO E 199 -12.86 -22.13 -43.54
N ARG E 200 -13.56 -21.29 -42.79
CA ARG E 200 -15.00 -21.16 -42.99
C ARG E 200 -15.31 -20.61 -44.37
N ALA E 201 -14.51 -19.66 -44.84
CA ALA E 201 -14.66 -19.15 -46.20
C ALA E 201 -14.42 -20.25 -47.23
N ASN E 202 -13.39 -21.08 -47.00
CA ASN E 202 -13.15 -22.20 -47.92
C ASN E 202 -14.35 -23.14 -47.96
N GLY E 203 -14.92 -23.46 -46.79
CA GLY E 203 -16.06 -24.34 -46.75
C GLY E 203 -17.28 -23.77 -47.44
N GLN E 204 -17.54 -22.47 -47.25
CA GLN E 204 -18.66 -21.84 -47.93
C GLN E 204 -18.45 -21.82 -49.43
N ALA E 205 -17.21 -21.61 -49.87
CA ALA E 205 -16.91 -21.65 -51.30
C ALA E 205 -17.22 -23.02 -51.88
N GLN E 206 -16.78 -24.08 -51.19
CA GLN E 206 -17.08 -25.43 -51.67
C GLN E 206 -18.58 -25.69 -51.69
N ARG E 207 -19.29 -25.21 -50.67
CA ARG E 207 -20.73 -25.40 -50.61
C ARG E 207 -21.44 -24.75 -51.79
N ILE E 208 -21.08 -23.51 -52.11
CA ILE E 208 -21.78 -22.84 -53.21
C ILE E 208 -21.39 -23.45 -54.55
N LEU E 209 -20.15 -23.93 -54.67
CA LEU E 209 -19.78 -24.64 -55.90
C LEU E 209 -20.61 -25.91 -56.08
N GLU E 210 -20.79 -26.67 -55.00
CA GLU E 210 -21.61 -27.88 -55.09
C GLU E 210 -23.06 -27.55 -55.40
N GLU E 211 -23.57 -26.45 -54.83
CA GLU E 211 -24.93 -26.03 -55.13
C GLU E 211 -25.07 -25.67 -56.60
N ALA E 212 -24.06 -25.01 -57.19
CA ALA E 212 -24.11 -24.71 -58.62
C ALA E 212 -24.10 -25.98 -59.46
N ARG E 213 -23.28 -26.96 -59.08
CA ARG E 213 -23.29 -28.24 -59.79
C ARG E 213 -24.67 -28.89 -59.73
N ALA E 214 -25.28 -28.90 -58.54
CA ALA E 214 -26.61 -29.48 -58.39
C ALA E 214 -27.63 -28.73 -59.24
N TYR E 215 -27.53 -27.41 -59.29
CA TYR E 215 -28.43 -26.63 -60.12
C TYR E 215 -28.32 -27.01 -61.59
N LYS E 216 -27.08 -27.14 -62.09
CA LYS E 216 -26.91 -27.51 -63.49
C LYS E 216 -27.51 -28.88 -63.77
N ALA E 217 -27.22 -29.87 -62.92
CA ALA E 217 -27.75 -31.20 -63.14
C ALA E 217 -29.27 -31.20 -63.11
N GLN E 218 -29.86 -30.52 -62.12
CA GLN E 218 -31.30 -30.50 -61.98
C GLN E 218 -31.98 -29.82 -63.16
N THR E 219 -31.43 -28.69 -63.63
CA THR E 219 -32.08 -27.99 -64.72
C THR E 219 -31.96 -28.79 -66.03
N ILE E 220 -30.83 -29.46 -66.25
CA ILE E 220 -30.72 -30.28 -67.44
C ILE E 220 -31.72 -31.43 -67.41
N LEU E 221 -31.84 -32.10 -66.26
CA LEU E 221 -32.77 -33.22 -66.16
C LEU E 221 -34.21 -32.75 -66.33
N GLU E 222 -34.57 -31.61 -65.74
CA GLU E 222 -35.92 -31.10 -65.89
C GLU E 222 -36.20 -30.71 -67.34
N ALA E 223 -35.21 -30.15 -68.03
CA ALA E 223 -35.38 -29.83 -69.44
C ALA E 223 -35.63 -31.10 -70.25
N GLN E 224 -34.88 -32.16 -69.96
CA GLN E 224 -35.10 -33.43 -70.66
C GLN E 224 -36.51 -33.96 -70.41
N GLY E 225 -36.97 -33.88 -69.16
CA GLY E 225 -38.31 -34.36 -68.85
C GLY E 225 -39.39 -33.58 -69.58
N GLU E 226 -39.27 -32.25 -69.59
CA GLU E 226 -40.25 -31.42 -70.29
C GLU E 226 -40.23 -31.69 -71.78
N VAL E 227 -39.04 -31.88 -72.35
CA VAL E 227 -38.92 -32.21 -73.77
C VAL E 227 -39.64 -33.52 -74.07
N ALA E 228 -39.43 -34.52 -73.23
CA ALA E 228 -40.09 -35.82 -73.45
C ALA E 228 -41.60 -35.67 -73.36
N ARG E 229 -42.09 -34.92 -72.36
CA ARG E 229 -43.53 -34.74 -72.23
C ARG E 229 -44.13 -34.06 -73.45
N PHE E 230 -43.50 -32.97 -73.92
CA PHE E 230 -44.03 -32.27 -75.07
C PHE E 230 -43.98 -33.14 -76.32
N ALA E 231 -42.89 -33.90 -76.50
CA ALA E 231 -42.77 -34.75 -77.67
C ALA E 231 -43.84 -35.83 -77.67
N LYS E 232 -44.15 -36.40 -76.50
CA LYS E 232 -45.21 -37.40 -76.43
C LYS E 232 -46.58 -36.79 -76.66
N LEU E 233 -46.80 -35.57 -76.15
CA LEU E 233 -48.14 -34.98 -76.25
C LEU E 233 -48.43 -34.47 -77.65
N LEU E 234 -47.41 -34.03 -78.39
CA LEU E 234 -47.65 -33.37 -79.67
C LEU E 234 -48.45 -34.20 -80.68
N PRO E 235 -48.12 -35.46 -80.96
CA PRO E 235 -48.87 -36.18 -82.01
C PRO E 235 -50.35 -36.31 -81.72
N GLU E 236 -50.73 -36.46 -80.45
CA GLU E 236 -52.14 -36.57 -80.11
C GLU E 236 -52.89 -35.28 -80.46
N TYR E 237 -52.28 -34.13 -80.17
CA TYR E 237 -52.88 -32.87 -80.58
C TYR E 237 -52.92 -32.76 -82.10
N LYS E 238 -51.85 -33.18 -82.78
CA LYS E 238 -51.82 -33.08 -84.23
C LYS E 238 -52.89 -33.93 -84.87
N ALA E 239 -53.29 -35.02 -84.20
CA ALA E 239 -54.37 -35.86 -84.73
C ALA E 239 -55.71 -35.15 -84.65
N ALA E 240 -56.04 -34.58 -83.49
CA ALA E 240 -57.31 -33.89 -83.27
C ALA E 240 -57.03 -32.55 -82.61
N PRO E 241 -56.76 -31.51 -83.39
CA PRO E 241 -56.37 -30.23 -82.81
C PRO E 241 -57.47 -29.51 -82.03
N GLU E 242 -58.65 -29.38 -82.64
CA GLU E 242 -59.70 -28.55 -82.08
C GLU E 242 -60.16 -29.07 -80.72
N ILE E 243 -60.40 -30.37 -80.63
CA ILE E 243 -60.93 -30.94 -79.38
C ILE E 243 -59.92 -30.80 -78.26
N THR E 244 -58.66 -31.10 -78.53
CA THR E 244 -57.63 -30.97 -77.51
C THR E 244 -57.47 -29.52 -77.08
N ARG E 245 -57.46 -28.59 -78.04
CA ARG E 245 -57.38 -27.18 -77.71
C ARG E 245 -58.52 -26.77 -76.79
N GLU E 246 -59.75 -27.14 -77.15
CA GLU E 246 -60.91 -26.76 -76.35
C GLU E 246 -60.83 -27.36 -74.95
N ARG E 247 -60.47 -28.63 -74.84
CA ARG E 247 -60.45 -29.29 -73.54
C ARG E 247 -59.40 -28.67 -72.64
N LEU E 248 -58.19 -28.46 -73.16
CA LEU E 248 -57.13 -27.84 -72.36
C LEU E 248 -57.50 -26.42 -71.95
N TYR E 249 -58.08 -25.66 -72.88
CA TYR E 249 -58.50 -24.30 -72.56
C TYR E 249 -59.54 -24.28 -71.45
N ILE E 250 -60.53 -25.16 -71.53
CA ILE E 250 -61.58 -25.18 -70.51
C ILE E 250 -61.01 -25.57 -69.15
N GLU E 251 -60.14 -26.59 -69.12
CA GLU E 251 -59.55 -26.99 -67.85
C GLU E 251 -58.73 -25.87 -67.24
N THR E 252 -57.89 -25.21 -68.05
CA THR E 252 -57.07 -24.13 -67.52
C THR E 252 -57.93 -22.99 -67.01
N MET E 253 -59.00 -22.64 -67.75
CA MET E 253 -59.86 -21.55 -67.30
C MET E 253 -60.61 -21.90 -66.03
N GLU E 254 -61.11 -23.12 -65.90
CA GLU E 254 -61.80 -23.46 -64.66
C GLU E 254 -60.84 -23.40 -63.49
N LYS E 255 -59.60 -23.86 -63.67
CA LYS E 255 -58.62 -23.79 -62.59
C LYS E 255 -58.34 -22.34 -62.21
N VAL E 256 -58.05 -21.49 -63.19
CA VAL E 256 -57.66 -20.12 -62.90
C VAL E 256 -58.81 -19.33 -62.29
N LEU E 257 -60.04 -19.57 -62.77
CA LEU E 257 -61.19 -18.86 -62.22
C LEU E 257 -61.52 -19.34 -60.82
N GLY E 258 -61.34 -20.64 -60.55
CA GLY E 258 -61.52 -21.12 -59.19
C GLY E 258 -60.50 -20.54 -58.23
N ASN E 259 -59.29 -20.28 -58.73
CA ASN E 259 -58.24 -19.80 -57.84
C ASN E 259 -58.43 -18.33 -57.47
N THR E 260 -59.09 -17.55 -58.32
CA THR E 260 -59.16 -16.11 -58.14
C THR E 260 -60.59 -15.65 -57.83
N ARG E 261 -60.71 -14.51 -57.17
CA ARG E 261 -62.01 -13.89 -56.94
C ARG E 261 -62.50 -13.25 -58.24
N LYS E 262 -63.81 -13.24 -58.43
CA LYS E 262 -64.42 -12.84 -59.70
C LYS E 262 -65.52 -11.81 -59.47
N VAL E 263 -65.69 -10.91 -60.44
CA VAL E 263 -66.75 -9.92 -60.44
C VAL E 263 -67.25 -9.81 -61.87
N LEU E 264 -68.51 -10.16 -62.10
CA LEU E 264 -69.11 -10.13 -63.44
C LEU E 264 -70.01 -8.90 -63.55
N VAL E 265 -69.54 -7.89 -64.28
CA VAL E 265 -70.31 -6.68 -64.51
C VAL E 265 -70.27 -6.36 -66.00
N ASN E 266 -71.38 -5.84 -66.52
CA ASN E 266 -71.43 -5.46 -67.93
C ASN E 266 -70.65 -4.17 -68.14
N ASP E 267 -70.19 -3.97 -69.37
CA ASP E 267 -69.45 -2.76 -69.72
C ASP E 267 -70.26 -1.87 -70.66
N ARG F 1 41.03 -50.71 52.74
CA ARG F 1 40.82 -51.23 51.40
C ARG F 1 39.63 -50.56 50.73
N VAL F 2 39.10 -49.51 51.38
CA VAL F 2 37.96 -48.79 50.83
C VAL F 2 38.32 -48.13 49.50
N VAL F 3 39.54 -47.56 49.43
CA VAL F 3 39.99 -46.93 48.18
C VAL F 3 40.10 -47.97 47.08
N THR F 4 40.59 -49.17 47.41
CA THR F 4 40.67 -50.24 46.41
C THR F 4 39.30 -50.64 45.90
N ILE F 5 38.32 -50.76 46.80
CA ILE F 5 36.96 -51.10 46.41
C ILE F 5 36.38 -50.02 45.50
N ALA F 6 36.61 -48.75 45.86
CA ALA F 6 36.11 -47.65 45.03
C ALA F 6 36.76 -47.67 43.66
N ALA F 7 38.06 -47.94 43.59
CA ALA F 7 38.74 -48.00 42.31
C ALA F 7 38.21 -49.14 41.44
N ALA F 8 37.96 -50.30 42.06
CA ALA F 8 37.38 -51.41 41.32
C ALA F 8 35.98 -51.06 40.81
N ALA F 9 35.19 -50.38 41.63
CA ALA F 9 33.86 -49.95 41.20
C ALA F 9 33.94 -48.98 40.04
N ILE F 10 34.91 -48.06 40.08
CA ILE F 10 35.08 -47.11 38.98
C ILE F 10 35.49 -47.83 37.71
N VAL F 11 36.38 -48.82 37.83
CA VAL F 11 36.78 -49.59 36.65
C VAL F 11 35.58 -50.33 36.07
N ILE F 12 34.75 -50.92 36.93
CA ILE F 12 33.57 -51.65 36.45
C ILE F 12 32.60 -50.69 35.78
N ILE F 13 32.43 -49.49 36.33
CA ILE F 13 31.57 -48.49 35.72
C ILE F 13 32.12 -48.07 34.36
N TRP F 14 33.44 -47.92 34.27
CA TRP F 14 34.09 -47.61 33.00
C TRP F 14 33.76 -48.68 31.97
N ALA F 15 33.91 -49.95 32.35
CA ALA F 15 33.63 -51.05 31.43
C ALA F 15 32.17 -51.08 31.03
N ALA F 16 31.26 -50.82 31.97
CA ALA F 16 29.83 -50.88 31.69
C ALA F 16 29.32 -49.70 30.90
N SER F 17 30.05 -48.58 30.90
CA SER F 17 29.63 -47.40 30.15
C SER F 17 30.35 -47.24 28.82
N GLY F 18 31.49 -47.90 28.64
CA GLY F 18 32.25 -47.74 27.41
C GLY F 18 31.55 -48.30 26.18
N PHE F 19 30.90 -49.45 26.32
CA PHE F 19 30.37 -50.17 25.17
C PHE F 19 29.20 -49.42 24.55
N TYR F 20 29.09 -49.53 23.22
CA TYR F 20 28.00 -48.94 22.46
C TYR F 20 27.66 -49.87 21.30
N THR F 21 26.47 -49.68 20.73
CA THR F 21 25.97 -50.52 19.65
C THR F 21 25.75 -49.69 18.40
N ILE F 22 25.93 -50.33 17.23
CA ILE F 22 25.74 -49.68 15.93
C ILE F 22 24.89 -50.59 15.06
N LYS F 23 23.86 -50.04 14.44
CA LYS F 23 23.01 -50.82 13.55
C LYS F 23 23.76 -51.17 12.27
N GLU F 24 23.23 -52.17 11.56
CA GLU F 24 23.91 -52.70 10.37
C GLU F 24 24.05 -51.64 9.29
N ALA F 25 23.01 -50.84 9.05
CA ALA F 25 23.06 -49.85 7.98
C ALA F 25 23.99 -48.68 8.29
N GLU F 26 24.26 -48.44 9.58
CA GLU F 26 25.01 -47.27 9.97
C GLU F 26 26.51 -47.56 10.01
N ARG F 27 27.29 -46.48 10.02
CA ARG F 27 28.73 -46.53 10.21
C ARG F 27 29.11 -45.45 11.22
N GLY F 28 30.01 -45.76 12.13
CA GLY F 28 30.37 -44.86 13.21
C GLY F 28 31.69 -44.17 12.93
N VAL F 29 31.82 -42.95 13.45
CA VAL F 29 33.09 -42.23 13.46
C VAL F 29 33.45 -41.95 14.90
N VAL F 30 34.64 -42.39 15.32
CA VAL F 30 35.10 -42.18 16.69
C VAL F 30 36.17 -41.10 16.68
N THR F 31 36.02 -40.12 17.56
CA THR F 31 36.92 -38.98 17.66
C THR F 31 37.72 -39.10 18.94
N ARG F 32 39.05 -39.07 18.79
CA ARG F 32 39.98 -39.02 19.92
C ARG F 32 40.09 -37.57 20.35
N PHE F 33 39.35 -37.21 21.40
CA PHE F 33 39.16 -35.81 21.79
C PHE F 33 38.56 -35.11 20.56
N GLY F 34 39.13 -33.98 20.13
CA GLY F 34 38.59 -33.33 18.95
C GLY F 34 38.86 -34.10 17.67
N LYS F 35 40.09 -34.55 17.47
CA LYS F 35 40.45 -35.25 16.25
C LYS F 35 39.73 -36.59 16.16
N PHE F 36 39.34 -36.94 14.94
CA PHE F 36 38.81 -38.26 14.64
C PHE F 36 39.96 -39.10 14.08
N SER F 37 40.12 -40.31 14.58
CA SER F 37 41.23 -41.16 14.20
C SER F 37 40.78 -42.54 13.71
N HIS F 38 39.48 -42.81 13.72
CA HIS F 38 39.02 -44.14 13.32
C HIS F 38 37.56 -44.10 12.94
N LEU F 39 37.21 -44.95 11.97
CA LEU F 39 35.85 -45.19 11.56
C LEU F 39 35.51 -46.64 11.84
N VAL F 40 34.40 -46.87 12.52
CA VAL F 40 34.03 -48.18 13.06
C VAL F 40 32.88 -48.75 12.26
N GLU F 41 32.97 -50.04 11.97
CA GLU F 41 32.01 -50.78 11.17
C GLU F 41 30.79 -51.14 12.02
N PRO F 42 29.68 -51.57 11.38
CA PRO F 42 28.46 -51.86 12.17
C PRO F 42 28.58 -53.11 13.03
N GLY F 43 29.19 -52.94 14.19
CA GLY F 43 29.32 -54.03 15.15
C GLY F 43 29.47 -53.49 16.55
N LEU F 44 29.39 -54.40 17.52
CA LEU F 44 29.55 -54.01 18.91
C LEU F 44 30.97 -53.53 19.16
N ASN F 45 31.10 -52.35 19.76
CA ASN F 45 32.40 -51.74 19.98
C ASN F 45 32.45 -51.12 21.37
N TRP F 46 33.67 -50.93 21.86
CA TRP F 46 33.92 -50.32 23.16
C TRP F 46 34.80 -49.09 22.97
N LYS F 47 34.45 -48.01 23.66
CA LYS F 47 35.21 -46.77 23.60
C LYS F 47 35.49 -46.26 25.01
N PRO F 48 36.65 -45.65 25.26
CA PRO F 48 36.87 -45.01 26.56
C PRO F 48 36.04 -43.75 26.68
N THR F 49 35.14 -43.75 27.66
CA THR F 49 34.21 -42.62 27.84
C THR F 49 34.99 -41.36 28.20
N PHE F 50 34.49 -40.22 27.75
CA PHE F 50 35.08 -38.90 27.94
C PHE F 50 36.45 -38.76 27.30
N ILE F 51 36.92 -39.78 26.59
CA ILE F 51 38.21 -39.72 25.90
C ILE F 51 37.97 -39.93 24.42
N ASP F 52 36.93 -40.69 24.08
CA ASP F 52 36.54 -40.93 22.70
C ASP F 52 35.05 -40.68 22.56
N GLU F 53 34.67 -40.02 21.46
CA GLU F 53 33.28 -39.71 21.19
C GLU F 53 32.86 -40.33 19.87
N VAL F 54 31.81 -41.14 19.89
CA VAL F 54 31.35 -41.89 18.71
C VAL F 54 30.09 -41.24 18.18
N LYS F 55 30.03 -41.07 16.86
CA LYS F 55 28.83 -40.59 16.20
C LYS F 55 28.45 -41.50 15.05
N PRO F 56 27.22 -42.03 15.04
CA PRO F 56 26.80 -42.90 13.94
C PRO F 56 26.08 -42.15 12.84
N VAL F 57 26.32 -42.53 11.59
CA VAL F 57 25.65 -41.94 10.44
C VAL F 57 25.12 -43.06 9.56
N ASN F 58 23.88 -42.92 9.11
CA ASN F 58 23.30 -43.90 8.20
C ASN F 58 23.94 -43.78 6.82
N VAL F 59 24.23 -44.92 6.20
CA VAL F 59 24.93 -44.98 4.93
C VAL F 59 24.12 -45.73 3.87
N GLU F 60 23.69 -46.95 4.20
CA GLU F 60 23.06 -47.80 3.19
C GLU F 60 21.74 -47.20 2.71
N ALA F 61 20.92 -46.69 3.63
CA ALA F 61 19.63 -46.15 3.25
C ALA F 61 19.81 -44.91 2.37
N VAL F 62 18.85 -44.69 1.48
CA VAL F 62 18.92 -43.62 0.48
C VAL F 62 17.94 -42.52 0.88
N ARG F 63 18.42 -41.27 0.82
CA ARG F 63 17.54 -40.14 1.09
C ARG F 63 16.91 -39.65 -0.21
N GLU F 64 15.67 -39.19 -0.11
CA GLU F 64 14.92 -38.71 -1.26
C GLU F 64 14.31 -37.36 -0.91
N LEU F 65 14.47 -36.39 -1.81
CA LEU F 65 13.87 -35.08 -1.65
C LEU F 65 13.19 -34.64 -2.94
N ALA F 66 12.35 -33.63 -2.84
CA ALA F 66 11.56 -33.13 -3.95
C ALA F 66 11.91 -31.68 -4.22
N ALA F 67 12.04 -31.33 -5.51
CA ALA F 67 12.28 -29.97 -5.94
C ALA F 67 11.18 -29.59 -6.91
N SER F 68 10.33 -28.64 -6.50
CA SER F 68 9.19 -28.21 -7.31
C SER F 68 9.21 -26.70 -7.39
N GLY F 69 8.86 -26.16 -8.55
CA GLY F 69 8.91 -24.72 -8.72
C GLY F 69 8.16 -24.20 -9.92
N VAL F 70 7.73 -22.94 -9.79
CA VAL F 70 7.26 -22.15 -10.93
C VAL F 70 8.47 -21.51 -11.60
N MET F 71 8.61 -21.73 -12.90
CA MET F 71 9.86 -21.45 -13.60
C MET F 71 9.60 -20.65 -14.86
N LEU F 72 10.55 -19.79 -15.21
CA LEU F 72 10.52 -19.07 -16.47
C LEU F 72 11.37 -19.81 -17.50
N THR F 73 10.81 -20.02 -18.69
CA THR F 73 11.51 -20.73 -19.73
C THR F 73 12.36 -19.77 -20.55
N SER F 74 12.93 -20.27 -21.65
CA SER F 74 13.74 -19.42 -22.52
C SER F 74 12.91 -18.33 -23.17
N ASP F 75 11.69 -18.65 -23.60
CA ASP F 75 10.79 -17.71 -24.25
C ASP F 75 9.89 -16.97 -23.27
N GLU F 76 10.33 -16.84 -22.01
CA GLU F 76 9.58 -16.12 -20.98
C GLU F 76 8.18 -16.72 -20.80
N ASN F 77 8.13 -18.03 -20.54
CA ASN F 77 6.88 -18.73 -20.29
C ASN F 77 6.96 -19.45 -18.95
N VAL F 78 5.86 -19.45 -18.22
CA VAL F 78 5.80 -20.03 -16.89
C VAL F 78 5.46 -21.51 -16.99
N VAL F 79 6.21 -22.35 -16.27
CA VAL F 79 5.97 -23.78 -16.22
C VAL F 79 6.12 -24.27 -14.79
N ARG F 80 5.26 -25.22 -14.40
CA ARG F 80 5.43 -25.92 -13.13
C ARG F 80 6.29 -27.15 -13.35
N VAL F 81 7.42 -27.22 -12.65
CA VAL F 81 8.37 -28.31 -12.83
C VAL F 81 8.58 -29.02 -11.50
N GLU F 82 8.47 -30.34 -11.51
CA GLU F 82 8.69 -31.15 -10.32
C GLU F 82 9.71 -32.25 -10.62
N MET F 83 10.61 -32.47 -9.66
CA MET F 83 11.62 -33.51 -9.78
C MET F 83 11.84 -34.13 -8.40
N ASN F 84 12.31 -35.37 -8.39
CA ASN F 84 12.75 -36.03 -7.17
C ASN F 84 14.21 -36.42 -7.30
N VAL F 85 14.98 -36.19 -6.25
CA VAL F 85 16.40 -36.49 -6.22
C VAL F 85 16.65 -37.51 -5.11
N GLN F 86 17.33 -38.59 -5.45
CA GLN F 86 17.72 -39.63 -4.50
C GLN F 86 19.23 -39.69 -4.40
N TYR F 87 19.74 -39.62 -3.17
CA TYR F 87 21.17 -39.58 -2.93
C TYR F 87 21.52 -40.48 -1.76
N ARG F 88 22.79 -40.82 -1.64
CA ARG F 88 23.28 -41.58 -0.51
C ARG F 88 24.56 -40.96 0.03
N VAL F 89 24.94 -41.39 1.23
CA VAL F 89 26.04 -40.78 1.97
C VAL F 89 27.25 -41.70 1.90
N THR F 90 28.39 -41.14 1.51
CA THR F 90 29.68 -41.82 1.54
C THR F 90 30.69 -40.90 2.20
N ASN F 91 31.78 -41.50 2.68
CA ASN F 91 32.83 -40.75 3.39
C ASN F 91 32.23 -39.95 4.53
N PRO F 92 31.84 -40.60 5.62
CA PRO F 92 31.15 -39.86 6.70
C PRO F 92 31.93 -38.70 7.27
N GLU F 93 33.26 -38.74 7.21
CA GLU F 93 34.05 -37.62 7.69
C GLU F 93 33.70 -36.34 6.94
N LYS F 94 33.57 -36.43 5.62
CA LYS F 94 33.17 -35.27 4.84
C LYS F 94 31.73 -34.89 5.09
N TYR F 95 30.85 -35.89 5.25
CA TYR F 95 29.44 -35.60 5.50
C TYR F 95 29.26 -34.86 6.82
N LEU F 96 30.15 -35.08 7.79
CA LEU F 96 29.97 -34.47 9.09
C LEU F 96 30.82 -33.22 9.30
N TYR F 97 31.91 -33.05 8.55
CA TYR F 97 32.86 -31.98 8.83
C TYR F 97 33.18 -31.15 7.59
N SER F 98 32.22 -30.96 6.69
CA SER F 98 32.43 -30.09 5.54
C SER F 98 31.43 -28.94 5.45
N VAL F 99 30.13 -29.23 5.57
CA VAL F 99 29.09 -28.24 5.38
C VAL F 99 28.05 -28.39 6.48
N THR F 100 27.57 -27.26 6.98
CA THR F 100 26.49 -27.28 7.98
C THR F 100 25.20 -27.78 7.33
N SER F 101 24.66 -28.88 7.86
CA SER F 101 23.40 -29.46 7.40
C SER F 101 23.45 -29.73 5.90
N PRO F 102 24.19 -30.75 5.46
CA PRO F 102 24.35 -31.00 4.02
C PRO F 102 23.05 -31.25 3.28
N ASP F 103 22.00 -31.72 3.97
CA ASP F 103 20.72 -31.96 3.30
C ASP F 103 20.13 -30.68 2.74
N ASP F 104 20.09 -29.62 3.54
CA ASP F 104 19.55 -28.35 3.07
C ASP F 104 20.42 -27.75 1.97
N SER F 105 21.74 -27.87 2.10
CA SER F 105 22.63 -27.37 1.06
C SER F 105 22.39 -28.09 -0.26
N LEU F 106 22.22 -29.41 -0.20
CA LEU F 106 21.92 -30.16 -1.42
C LEU F 106 20.56 -29.77 -1.98
N ARG F 107 19.58 -29.50 -1.12
CA ARG F 107 18.27 -29.07 -1.59
C ARG F 107 18.38 -27.75 -2.36
N GLN F 108 19.08 -26.77 -1.78
CA GLN F 108 19.23 -25.49 -2.45
C GLN F 108 20.05 -25.63 -3.74
N ALA F 109 21.09 -26.47 -3.73
CA ALA F 109 21.87 -26.68 -4.94
C ALA F 109 21.01 -27.32 -6.04
N THR F 110 20.16 -28.28 -5.66
CA THR F 110 19.26 -28.90 -6.63
C THR F 110 18.31 -27.87 -7.21
N ASP F 111 17.75 -27.02 -6.35
CA ASP F 111 16.82 -25.99 -6.84
C ASP F 111 17.53 -25.04 -7.80
N SER F 112 18.74 -24.63 -7.46
CA SER F 112 19.48 -23.71 -8.33
C SER F 112 19.82 -24.36 -9.66
N ALA F 113 20.28 -25.61 -9.64
CA ALA F 113 20.62 -26.29 -10.89
C ALA F 113 19.39 -26.50 -11.75
N LEU F 114 18.26 -26.86 -11.13
CA LEU F 114 17.03 -27.05 -11.89
C LEU F 114 16.57 -25.73 -12.49
N ARG F 115 16.71 -24.63 -11.76
CA ARG F 115 16.41 -23.32 -12.31
C ARG F 115 17.31 -23.01 -13.50
N GLY F 116 18.59 -23.30 -13.37
CA GLY F 116 19.52 -23.03 -14.46
C GLY F 116 19.24 -23.84 -15.70
N VAL F 117 18.79 -25.08 -15.54
CA VAL F 117 18.58 -25.94 -16.70
C VAL F 117 17.22 -25.68 -17.36
N ILE F 118 16.18 -25.41 -16.56
CA ILE F 118 14.86 -25.23 -17.15
C ILE F 118 14.81 -23.99 -18.04
N GLY F 119 15.50 -22.93 -17.65
CA GLY F 119 15.45 -21.70 -18.41
C GLY F 119 16.22 -21.73 -19.72
N LYS F 120 17.02 -22.76 -19.96
CA LYS F 120 17.78 -22.84 -21.20
C LYS F 120 16.91 -23.23 -22.39
N TYR F 121 15.99 -24.16 -22.22
CA TYR F 121 15.17 -24.65 -23.30
C TYR F 121 13.81 -23.96 -23.33
N THR F 122 13.17 -24.00 -24.49
CA THR F 122 11.87 -23.37 -24.67
C THR F 122 10.78 -24.22 -24.03
N MET F 123 9.55 -23.69 -24.06
CA MET F 123 8.47 -24.28 -23.27
C MET F 123 8.02 -25.63 -23.84
N ASP F 124 7.80 -25.70 -25.15
CA ASP F 124 7.25 -26.93 -25.72
C ASP F 124 8.23 -28.09 -25.63
N ARG F 125 9.53 -27.82 -25.78
CA ARG F 125 10.52 -28.87 -25.59
C ARG F 125 10.48 -29.41 -24.18
N ILE F 126 10.32 -28.53 -23.19
CA ILE F 126 10.19 -28.97 -21.81
C ILE F 126 8.93 -29.81 -21.64
N LEU F 127 7.82 -29.38 -22.25
CA LEU F 127 6.56 -30.09 -22.09
C LEU F 127 6.59 -31.48 -22.71
N THR F 128 7.24 -31.63 -23.87
CA THR F 128 7.22 -32.89 -24.60
C THR F 128 8.35 -33.83 -24.22
N GLU F 129 9.61 -33.40 -24.39
CA GLU F 129 10.76 -34.25 -24.15
C GLU F 129 11.40 -34.02 -22.79
N GLY F 130 10.63 -33.50 -21.83
CA GLY F 130 11.17 -33.19 -20.51
C GLY F 130 11.63 -34.38 -19.71
N ARG F 131 11.21 -35.58 -20.11
CA ARG F 131 11.53 -36.77 -19.34
C ARG F 131 13.00 -37.16 -19.42
N THR F 132 13.69 -36.82 -20.51
CA THR F 132 15.05 -37.30 -20.72
C THR F 132 16.10 -36.18 -20.72
N VAL F 133 15.94 -35.15 -21.54
CA VAL F 133 17.00 -34.13 -21.63
C VAL F 133 17.05 -33.30 -20.37
N ILE F 134 15.88 -32.93 -19.84
CA ILE F 134 15.85 -32.17 -18.59
C ILE F 134 16.47 -32.98 -17.47
N ARG F 135 16.12 -34.26 -17.36
CA ARG F 135 16.67 -35.09 -16.31
C ARG F 135 18.18 -35.22 -16.41
N SER F 136 18.69 -35.51 -17.61
CA SER F 136 20.14 -35.69 -17.77
C SER F 136 20.89 -34.40 -17.48
N ASP F 137 20.42 -33.28 -18.02
CA ASP F 137 21.13 -32.02 -17.80
C ASP F 137 21.03 -31.57 -16.35
N THR F 138 19.89 -31.82 -15.70
CA THR F 138 19.76 -31.51 -14.28
C THR F 138 20.74 -32.32 -13.46
N GLN F 139 20.87 -33.62 -13.76
CA GLN F 139 21.80 -34.44 -13.02
C GLN F 139 23.24 -33.96 -13.20
N ARG F 140 23.62 -33.64 -14.44
CA ARG F 140 24.97 -33.15 -14.69
C ARG F 140 25.22 -31.84 -13.96
N GLU F 141 24.27 -30.91 -14.03
CA GLU F 141 24.44 -29.63 -13.36
C GLU F 141 24.51 -29.79 -11.85
N LEU F 142 23.71 -30.69 -11.29
CA LEU F 142 23.74 -30.92 -9.85
C LEU F 142 25.08 -31.50 -9.41
N GLU F 143 25.62 -32.46 -10.17
CA GLU F 143 26.94 -32.99 -9.84
C GLU F 143 27.99 -31.89 -9.91
N GLU F 144 27.95 -31.08 -10.97
CA GLU F 144 28.93 -30.02 -11.12
C GLU F 144 28.83 -29.00 -9.99
N THR F 145 27.61 -28.69 -9.56
CA THR F 145 27.41 -27.70 -8.50
C THR F 145 27.89 -28.23 -7.16
N ILE F 146 27.58 -29.50 -6.83
CA ILE F 146 27.94 -30.01 -5.51
C ILE F 146 29.35 -30.57 -5.46
N ARG F 147 30.05 -30.66 -6.59
CA ARG F 147 31.46 -31.08 -6.54
C ARG F 147 32.35 -30.16 -5.71
N PRO F 148 32.34 -28.83 -5.88
CA PRO F 148 33.22 -28.00 -5.05
C PRO F 148 32.95 -28.10 -3.55
N TYR F 149 31.69 -28.31 -3.16
CA TYR F 149 31.36 -28.33 -1.74
C TYR F 149 32.02 -29.51 -1.04
N ASP F 150 32.24 -30.61 -1.76
CA ASP F 150 32.86 -31.83 -1.22
C ASP F 150 32.08 -32.33 0.00
N MET F 151 30.76 -32.40 -0.15
CA MET F 151 29.89 -32.88 0.92
C MET F 151 30.06 -34.37 1.20
N GLY F 152 30.66 -35.13 0.28
CA GLY F 152 30.73 -36.56 0.41
C GLY F 152 29.49 -37.29 -0.03
N ILE F 153 28.46 -36.59 -0.47
CA ILE F 153 27.20 -37.21 -0.88
C ILE F 153 27.33 -37.67 -2.32
N THR F 154 26.96 -38.93 -2.57
CA THR F 154 26.93 -39.46 -3.92
C THR F 154 25.52 -39.43 -4.47
N LEU F 155 25.38 -38.88 -5.68
CA LEU F 155 24.09 -38.70 -6.32
C LEU F 155 23.74 -39.95 -7.11
N LEU F 156 22.69 -40.65 -6.68
CA LEU F 156 22.31 -41.88 -7.35
C LEU F 156 21.57 -41.60 -8.65
N ASP F 157 20.41 -40.94 -8.55
CA ASP F 157 19.60 -40.70 -9.73
C ASP F 157 18.58 -39.61 -9.43
N VAL F 158 18.28 -38.80 -10.44
CA VAL F 158 17.19 -37.83 -10.40
C VAL F 158 16.18 -38.21 -11.47
N ASN F 159 14.91 -38.27 -11.09
CA ASN F 159 13.85 -38.71 -11.97
C ASN F 159 12.83 -37.60 -12.17
N PHE F 160 11.78 -37.91 -12.93
CA PHE F 160 10.79 -36.96 -13.38
C PHE F 160 9.46 -37.21 -12.71
N GLN F 161 8.78 -36.11 -12.35
CA GLN F 161 7.43 -36.19 -11.80
C GLN F 161 6.40 -35.54 -12.71
N ALA F 162 6.57 -34.27 -13.06
CA ALA F 162 5.61 -33.58 -13.91
C ALA F 162 6.23 -32.28 -14.40
N ALA F 163 5.89 -31.93 -15.64
CA ALA F 163 6.19 -30.65 -16.26
C ALA F 163 4.89 -29.93 -16.60
N ARG F 164 3.93 -29.99 -15.69
CA ARG F 164 2.61 -29.46 -15.93
C ARG F 164 2.67 -27.94 -16.11
N PRO F 165 1.84 -27.38 -16.98
CA PRO F 165 1.74 -25.92 -17.06
C PRO F 165 1.11 -25.34 -15.80
N PRO F 166 1.22 -24.04 -15.57
CA PRO F 166 0.68 -23.46 -14.34
C PRO F 166 -0.83 -23.63 -14.23
N GLU F 167 -1.31 -23.65 -12.99
CA GLU F 167 -2.71 -23.90 -12.70
C GLU F 167 -3.64 -22.91 -13.38
N GLU F 168 -3.17 -21.69 -13.65
CA GLU F 168 -4.06 -20.67 -14.22
C GLU F 168 -4.43 -20.98 -15.66
N VAL F 169 -3.52 -21.62 -16.42
CA VAL F 169 -3.72 -21.85 -17.83
C VAL F 169 -3.97 -23.32 -18.16
N LYS F 170 -4.27 -24.15 -17.15
CA LYS F 170 -4.51 -25.57 -17.41
C LYS F 170 -5.73 -25.77 -18.29
N ALA F 171 -6.77 -24.95 -18.08
CA ALA F 171 -7.98 -25.06 -18.89
C ALA F 171 -7.67 -24.82 -20.36
N ALA F 172 -6.86 -23.81 -20.66
CA ALA F 172 -6.50 -23.55 -22.05
C ALA F 172 -5.78 -24.76 -22.66
N PHE F 173 -4.85 -25.35 -21.91
CA PHE F 173 -4.06 -26.45 -22.44
C PHE F 173 -4.91 -27.69 -22.69
N ASP F 174 -5.75 -28.07 -21.73
CA ASP F 174 -6.52 -29.29 -21.93
C ASP F 174 -7.64 -29.07 -22.94
N ASP F 175 -8.14 -27.83 -23.05
CA ASP F 175 -9.07 -27.51 -24.14
C ASP F 175 -8.39 -27.64 -25.50
N ALA F 176 -7.15 -27.16 -25.61
CA ALA F 176 -6.42 -27.32 -26.86
C ALA F 176 -6.16 -28.78 -27.17
N ILE F 177 -5.95 -29.59 -26.12
CA ILE F 177 -5.80 -31.03 -26.33
C ILE F 177 -7.10 -31.63 -26.86
N ALA F 178 -8.23 -31.25 -26.26
CA ALA F 178 -9.51 -31.83 -26.65
C ALA F 178 -9.99 -31.31 -28.00
N ALA F 179 -9.40 -30.21 -28.47
CA ALA F 179 -9.82 -29.64 -29.75
C ALA F 179 -9.58 -30.60 -30.91
N ARG F 180 -8.46 -31.31 -30.90
CA ARG F 180 -8.18 -32.27 -31.97
C ARG F 180 -9.21 -33.40 -31.98
N GLU F 181 -9.56 -33.90 -30.80
CA GLU F 181 -10.60 -34.92 -30.70
C GLU F 181 -11.93 -34.39 -31.20
N ASN F 182 -12.24 -33.13 -30.88
CA ASN F 182 -13.48 -32.53 -31.37
C ASN F 182 -13.49 -32.44 -32.90
N GLU F 183 -12.35 -32.08 -33.49
CA GLU F 183 -12.25 -32.02 -34.94
C GLU F 183 -12.46 -33.39 -35.58
N GLN F 184 -11.82 -34.42 -35.01
CA GLN F 184 -12.00 -35.76 -35.54
C GLN F 184 -13.45 -36.21 -35.40
N GLN F 185 -14.08 -35.86 -34.27
CA GLN F 185 -15.49 -36.18 -34.07
C GLN F 185 -16.37 -35.49 -35.11
N TYR F 186 -16.04 -34.23 -35.44
CA TYR F 186 -16.78 -33.51 -36.47
C TYR F 186 -16.68 -34.24 -37.80
N ILE F 187 -15.47 -34.65 -38.18
CA ILE F 187 -15.29 -35.32 -39.48
C ILE F 187 -16.06 -36.64 -39.51
N ARG F 188 -15.96 -37.42 -38.43
CA ARG F 188 -16.65 -38.70 -38.37
C ARG F 188 -18.16 -38.51 -38.40
N GLU F 189 -18.66 -37.48 -37.71
CA GLU F 189 -20.09 -37.20 -37.72
C GLU F 189 -20.57 -36.81 -39.13
N ALA F 190 -19.76 -36.03 -39.84
CA ALA F 190 -20.12 -35.68 -41.22
C ALA F 190 -20.19 -36.92 -42.12
N GLU F 191 -19.22 -37.82 -41.96
CA GLU F 191 -19.25 -39.05 -42.74
C GLU F 191 -20.48 -39.88 -42.41
N ALA F 192 -20.81 -39.99 -41.12
CA ALA F 192 -22.03 -40.70 -40.73
C ALA F 192 -23.25 -40.04 -41.35
N TYR F 193 -23.29 -38.70 -41.35
CA TYR F 193 -24.44 -38.00 -41.91
C TYR F 193 -24.63 -38.31 -43.38
N THR F 194 -23.55 -38.24 -44.17
CA THR F 194 -23.69 -38.51 -45.60
C THR F 194 -24.09 -39.96 -45.86
N ASN F 195 -23.46 -40.90 -45.14
CA ASN F 195 -23.79 -42.31 -45.32
C ASN F 195 -25.24 -42.60 -44.93
N GLU F 196 -25.77 -41.83 -43.97
CA GLU F 196 -27.17 -42.00 -43.59
C GLU F 196 -28.10 -41.35 -44.60
N VAL F 197 -27.71 -40.20 -45.16
CA VAL F 197 -28.66 -39.42 -45.95
C VAL F 197 -28.82 -40.00 -47.34
N GLN F 198 -27.79 -40.66 -47.87
CA GLN F 198 -27.92 -41.21 -49.22
C GLN F 198 -29.05 -42.22 -49.37
N PRO F 199 -29.19 -43.25 -48.52
CA PRO F 199 -30.33 -44.18 -48.68
C PRO F 199 -31.68 -43.49 -48.55
N ARG F 200 -31.77 -42.47 -47.71
CA ARG F 200 -33.03 -41.72 -47.61
C ARG F 200 -33.37 -41.07 -48.94
N ALA F 201 -32.36 -40.52 -49.62
CA ALA F 201 -32.59 -39.95 -50.95
C ALA F 201 -33.05 -41.01 -51.93
N ASN F 202 -32.45 -42.20 -51.87
CA ASN F 202 -32.89 -43.27 -52.76
C ASN F 202 -34.34 -43.66 -52.49
N GLY F 203 -34.71 -43.77 -51.22
CA GLY F 203 -36.09 -44.11 -50.89
C GLY F 203 -37.07 -43.04 -51.34
N GLN F 204 -36.72 -41.77 -51.16
CA GLN F 204 -37.60 -40.69 -51.61
C GLN F 204 -37.74 -40.70 -53.11
N ALA F 205 -36.65 -41.00 -53.83
CA ALA F 205 -36.72 -41.10 -55.29
C ALA F 205 -37.69 -42.21 -55.71
N GLN F 206 -37.58 -43.38 -55.08
CA GLN F 206 -38.51 -44.46 -55.38
C GLN F 206 -39.95 -44.06 -55.08
N ARG F 207 -40.15 -43.35 -53.96
CA ARG F 207 -41.50 -42.93 -53.59
C ARG F 207 -42.10 -41.99 -54.62
N ILE F 208 -41.33 -41.00 -55.08
CA ILE F 208 -41.89 -40.05 -56.05
C ILE F 208 -42.12 -40.73 -57.40
N LEU F 209 -41.27 -41.69 -57.76
CA LEU F 209 -41.52 -42.42 -59.00
C LEU F 209 -42.81 -43.24 -58.91
N GLU F 210 -43.04 -43.91 -57.77
CA GLU F 210 -44.27 -44.65 -57.59
C GLU F 210 -45.49 -43.73 -57.61
N GLU F 211 -45.36 -42.54 -57.01
CA GLU F 211 -46.45 -41.58 -57.03
C GLU F 211 -46.76 -41.15 -58.46
N ALA F 212 -45.73 -40.94 -59.28
CA ALA F 212 -45.95 -40.58 -60.67
C ALA F 212 -46.69 -41.69 -61.42
N ARG F 213 -46.27 -42.94 -61.22
CA ARG F 213 -46.98 -44.04 -61.89
C ARG F 213 -48.43 -44.13 -61.43
N ALA F 214 -48.68 -43.93 -60.13
CA ALA F 214 -50.04 -43.94 -59.63
C ALA F 214 -50.87 -42.84 -60.26
N TYR F 215 -50.29 -41.65 -60.41
CA TYR F 215 -50.99 -40.55 -61.05
C TYR F 215 -51.33 -40.89 -62.50
N LYS F 216 -50.39 -41.52 -63.20
CA LYS F 216 -50.66 -41.90 -64.60
C LYS F 216 -51.84 -42.86 -64.68
N ALA F 217 -51.83 -43.89 -63.82
CA ALA F 217 -52.92 -44.86 -63.83
C ALA F 217 -54.26 -44.20 -63.49
N GLN F 218 -54.25 -43.34 -62.47
CA GLN F 218 -55.48 -42.66 -62.08
C GLN F 218 -56.01 -41.77 -63.20
N THR F 219 -55.12 -41.06 -63.88
CA THR F 219 -55.54 -40.20 -64.98
C THR F 219 -56.17 -41.02 -66.10
N ILE F 220 -55.56 -42.15 -66.46
CA ILE F 220 -56.13 -42.99 -67.51
C ILE F 220 -57.50 -43.51 -67.10
N LEU F 221 -57.64 -43.94 -65.84
CA LEU F 221 -58.93 -44.47 -65.39
C LEU F 221 -60.01 -43.39 -65.41
N GLU F 222 -59.67 -42.18 -64.94
CA GLU F 222 -60.66 -41.10 -64.95
C GLU F 222 -61.04 -40.72 -66.37
N ALA F 223 -60.07 -40.70 -67.29
CA ALA F 223 -60.39 -40.41 -68.68
C ALA F 223 -61.34 -41.46 -69.25
N GLN F 224 -61.09 -42.73 -68.96
CA GLN F 224 -61.99 -43.78 -69.43
C GLN F 224 -63.39 -43.59 -68.86
N GLY F 225 -63.50 -43.25 -67.57
CA GLY F 225 -64.80 -43.04 -66.97
C GLY F 225 -65.56 -41.90 -67.62
N GLU F 226 -64.88 -40.76 -67.82
CA GLU F 226 -65.55 -39.61 -68.44
C GLU F 226 -65.96 -39.92 -69.87
N VAL F 227 -65.11 -40.64 -70.61
CA VAL F 227 -65.46 -41.04 -71.97
C VAL F 227 -66.71 -41.90 -71.96
N ALA F 228 -66.78 -42.87 -71.05
CA ALA F 228 -67.95 -43.74 -70.97
C ALA F 228 -69.21 -42.94 -70.65
N ARG F 229 -69.11 -42.03 -69.69
CA ARG F 229 -70.28 -41.23 -69.32
C ARG F 229 -70.78 -40.39 -70.49
N PHE F 230 -69.87 -39.70 -71.18
CA PHE F 230 -70.29 -38.87 -72.31
C PHE F 230 -70.86 -39.72 -73.44
N ALA F 231 -70.23 -40.87 -73.71
CA ALA F 231 -70.72 -41.73 -74.78
C ALA F 231 -72.11 -42.25 -74.48
N LYS F 232 -72.39 -42.58 -73.22
CA LYS F 232 -73.74 -43.00 -72.86
C LYS F 232 -74.73 -41.86 -72.96
N LEU F 233 -74.33 -40.66 -72.53
CA LEU F 233 -75.30 -39.56 -72.42
C LEU F 233 -75.62 -38.94 -73.77
N LEU F 234 -74.69 -39.02 -74.72
CA LEU F 234 -74.89 -38.34 -76.00
C LEU F 234 -76.13 -38.79 -76.78
N PRO F 235 -76.40 -40.09 -76.95
CA PRO F 235 -77.61 -40.46 -77.72
C PRO F 235 -78.89 -39.93 -77.12
N GLU F 236 -78.97 -39.82 -75.80
CA GLU F 236 -80.13 -39.23 -75.16
C GLU F 236 -80.31 -37.78 -75.58
N TYR F 237 -79.20 -37.03 -75.66
CA TYR F 237 -79.26 -35.66 -76.17
C TYR F 237 -79.69 -35.62 -77.62
N LYS F 238 -79.16 -36.54 -78.44
CA LYS F 238 -79.41 -36.46 -79.88
C LYS F 238 -80.89 -36.68 -80.21
N ALA F 239 -81.59 -37.45 -79.38
CA ALA F 239 -83.00 -37.73 -79.65
C ALA F 239 -83.85 -36.47 -79.50
N ALA F 240 -83.71 -35.76 -78.38
CA ALA F 240 -84.47 -34.55 -78.10
C ALA F 240 -83.51 -33.48 -77.58
N PRO F 241 -82.89 -32.71 -78.47
CA PRO F 241 -81.84 -31.78 -78.02
C PRO F 241 -82.36 -30.61 -77.20
N GLU F 242 -83.46 -29.99 -77.63
CA GLU F 242 -83.91 -28.74 -77.00
C GLU F 242 -84.24 -28.92 -75.53
N ILE F 243 -85.01 -29.94 -75.20
CA ILE F 243 -85.49 -30.09 -73.82
C ILE F 243 -84.34 -30.39 -72.88
N THR F 244 -83.46 -31.32 -73.25
CA THR F 244 -82.36 -31.67 -72.37
C THR F 244 -81.36 -30.52 -72.26
N ARG F 245 -81.14 -29.80 -73.36
CA ARG F 245 -80.26 -28.64 -73.30
C ARG F 245 -80.82 -27.58 -72.35
N GLU F 246 -82.12 -27.31 -72.44
CA GLU F 246 -82.73 -26.34 -71.56
C GLU F 246 -82.65 -26.78 -70.10
N ARG F 247 -82.92 -28.07 -69.84
CA ARG F 247 -82.88 -28.56 -68.47
C ARG F 247 -81.49 -28.46 -67.88
N LEU F 248 -80.47 -28.86 -68.64
CA LEU F 248 -79.10 -28.77 -68.14
C LEU F 248 -78.69 -27.31 -67.92
N TYR F 249 -79.06 -26.43 -68.84
CA TYR F 249 -78.76 -25.01 -68.67
C TYR F 249 -79.41 -24.44 -67.42
N ILE F 250 -80.68 -24.76 -67.21
CA ILE F 250 -81.40 -24.24 -66.04
C ILE F 250 -80.76 -24.76 -64.76
N GLU F 251 -80.41 -26.04 -64.71
CA GLU F 251 -79.79 -26.59 -63.52
C GLU F 251 -78.45 -25.92 -63.24
N THR F 252 -77.63 -25.73 -64.27
CA THR F 252 -76.32 -25.12 -64.07
C THR F 252 -76.46 -23.68 -63.58
N MET F 253 -77.37 -22.90 -64.18
CA MET F 253 -77.57 -21.53 -63.72
C MET F 253 -78.11 -21.50 -62.29
N GLU F 254 -79.01 -22.43 -61.95
CA GLU F 254 -79.49 -22.51 -60.58
C GLU F 254 -78.33 -22.69 -59.62
N LYS F 255 -77.44 -23.63 -59.91
CA LYS F 255 -76.32 -23.89 -59.01
C LYS F 255 -75.38 -22.69 -58.92
N VAL F 256 -75.01 -22.10 -60.07
CA VAL F 256 -74.04 -21.01 -60.06
C VAL F 256 -74.60 -19.79 -59.35
N LEU F 257 -75.89 -19.51 -59.53
CA LEU F 257 -76.48 -18.35 -58.88
C LEU F 257 -76.71 -18.62 -57.40
N GLY F 258 -76.96 -19.87 -57.03
CA GLY F 258 -77.08 -20.19 -55.62
C GLY F 258 -75.75 -20.13 -54.89
N ASN F 259 -74.65 -20.28 -55.62
CA ASN F 259 -73.33 -20.26 -55.01
C ASN F 259 -72.68 -18.88 -54.98
N THR F 260 -73.33 -17.84 -55.50
CA THR F 260 -72.74 -16.51 -55.55
C THR F 260 -73.75 -15.47 -55.09
N ARG F 261 -73.23 -14.29 -54.72
CA ARG F 261 -74.10 -13.15 -54.41
C ARG F 261 -74.60 -12.51 -55.71
N LYS F 262 -75.78 -11.90 -55.63
CA LYS F 262 -76.45 -11.35 -56.80
C LYS F 262 -76.72 -9.87 -56.61
N VAL F 263 -76.58 -9.10 -57.68
CA VAL F 263 -77.00 -7.70 -57.73
C VAL F 263 -77.73 -7.50 -59.05
N LEU F 264 -78.96 -6.99 -58.98
CA LEU F 264 -79.83 -6.88 -60.15
C LEU F 264 -80.11 -5.43 -60.53
N VAL F 265 -79.08 -4.57 -60.48
CA VAL F 265 -79.27 -3.19 -60.89
C VAL F 265 -79.41 -3.11 -62.40
N ASN F 266 -80.38 -2.32 -62.85
CA ASN F 266 -80.59 -2.14 -64.27
C ASN F 266 -79.52 -1.21 -64.85
N ASP F 267 -79.26 -1.37 -66.14
CA ASP F 267 -78.24 -0.56 -66.82
C ASP F 267 -78.88 0.40 -67.82
N MET G 1 49.22 -35.13 58.84
CA MET G 1 49.63 -35.10 57.44
C MET G 1 48.62 -35.80 56.54
N ARG G 2 47.39 -35.93 57.03
CA ARG G 2 46.33 -36.63 56.29
C ARG G 2 45.40 -35.67 55.56
N LYS G 3 44.98 -34.58 56.20
CA LYS G 3 44.15 -33.60 55.52
C LYS G 3 44.93 -32.86 54.43
N SER G 4 46.20 -32.57 54.69
CA SER G 4 46.99 -31.77 53.75
C SER G 4 47.19 -32.51 52.43
N VAL G 5 47.48 -33.81 52.49
CA VAL G 5 47.79 -34.55 51.26
C VAL G 5 46.53 -34.70 50.41
N ILE G 6 45.40 -35.04 51.02
CA ILE G 6 44.16 -35.17 50.24
C ILE G 6 43.74 -33.80 49.70
N ALA G 7 43.96 -32.74 50.47
CA ALA G 7 43.63 -31.40 49.99
C ALA G 7 44.48 -31.01 48.79
N ILE G 8 45.79 -31.25 48.85
CA ILE G 8 46.65 -30.90 47.73
C ILE G 8 46.31 -31.74 46.50
N ILE G 9 46.00 -33.02 46.71
CA ILE G 9 45.63 -33.88 45.59
C ILE G 9 44.36 -33.38 44.92
N ILE G 10 43.33 -33.06 45.72
CA ILE G 10 42.05 -32.67 45.13
C ILE G 10 42.17 -31.32 44.44
N ILE G 11 42.92 -30.38 45.03
CA ILE G 11 43.05 -29.07 44.38
C ILE G 11 43.87 -29.18 43.12
N VAL G 12 44.90 -30.03 43.11
CA VAL G 12 45.67 -30.24 41.88
C VAL G 12 44.79 -30.84 40.81
N LEU G 13 43.96 -31.83 41.17
CA LEU G 13 43.08 -32.45 40.18
C LEU G 13 42.08 -31.46 39.62
N VAL G 14 41.48 -30.61 40.48
CA VAL G 14 40.49 -29.66 39.98
C VAL G 14 41.17 -28.59 39.13
N VAL G 15 42.39 -28.20 39.49
CA VAL G 15 43.13 -27.24 38.67
C VAL G 15 43.42 -27.82 37.29
N LEU G 16 43.84 -29.09 37.24
CA LEU G 16 44.08 -29.72 35.95
C LEU G 16 42.80 -29.84 35.14
N TYR G 17 41.69 -30.17 35.80
CA TYR G 17 40.42 -30.29 35.08
C TYR G 17 39.97 -28.95 34.52
N MET G 18 40.19 -27.86 35.28
CA MET G 18 39.93 -26.52 34.75
C MET G 18 40.85 -26.21 33.58
N SER G 19 42.12 -26.62 33.67
CA SER G 19 43.11 -26.23 32.67
C SER G 19 42.81 -26.84 31.30
N VAL G 20 42.36 -28.08 31.27
CA VAL G 20 42.20 -28.79 30.01
C VAL G 20 40.94 -28.32 29.29
N PHE G 21 41.05 -28.19 27.97
CA PHE G 21 39.92 -27.89 27.11
C PHE G 21 40.17 -28.57 25.77
N VAL G 22 39.09 -29.02 25.13
CA VAL G 22 39.18 -29.78 23.89
C VAL G 22 38.47 -29.00 22.78
N VAL G 23 39.10 -28.96 21.61
CA VAL G 23 38.56 -28.28 20.44
C VAL G 23 37.93 -29.33 19.54
N LYS G 24 36.63 -29.20 19.26
CA LYS G 24 35.91 -30.19 18.48
C LYS G 24 36.41 -30.17 17.03
N GLU G 25 36.07 -31.24 16.29
CA GLU G 25 36.61 -31.43 14.94
C GLU G 25 36.18 -30.33 13.99
N GLY G 26 34.90 -29.95 14.02
CA GLY G 26 34.41 -28.95 13.08
C GLY G 26 34.83 -27.54 13.40
N GLU G 27 35.35 -27.29 14.59
CA GLU G 27 35.69 -25.95 15.04
C GLU G 27 37.19 -25.77 15.16
N ARG G 28 37.59 -24.52 15.42
CA ARG G 28 38.97 -24.15 15.72
C ARG G 28 38.94 -23.11 16.83
N GLY G 29 39.89 -23.20 17.75
CA GLY G 29 39.89 -22.39 18.94
C GLY G 29 40.89 -21.25 18.86
N ILE G 30 40.50 -20.10 19.40
CA ILE G 30 41.37 -18.95 19.56
C ILE G 30 41.44 -18.65 21.06
N THR G 31 42.66 -18.51 21.58
CA THR G 31 42.89 -18.34 23.00
C THR G 31 43.13 -16.87 23.31
N LEU G 32 42.56 -16.42 24.42
CA LEU G 32 42.62 -15.03 24.86
C LEU G 32 43.13 -14.97 26.29
N ARG G 33 44.35 -14.46 26.47
CA ARG G 33 44.85 -14.14 27.79
C ARG G 33 44.64 -12.65 28.03
N PHE G 34 43.89 -12.32 29.08
CA PHE G 34 43.44 -10.95 29.32
C PHE G 34 42.70 -10.50 28.07
N GLY G 35 43.18 -9.50 27.34
CA GLY G 35 42.49 -9.10 26.12
C GLY G 35 43.05 -9.74 24.87
N LYS G 36 44.38 -9.71 24.71
CA LYS G 36 45.00 -10.08 23.45
C LYS G 36 44.99 -11.60 23.24
N VAL G 37 45.30 -11.99 22.01
CA VAL G 37 45.46 -13.39 21.63
C VAL G 37 46.92 -13.78 21.82
N LEU G 38 47.18 -15.06 21.98
CA LEU G 38 48.56 -15.53 22.01
C LEU G 38 49.19 -15.43 20.63
N ARG G 39 50.43 -14.95 20.59
CA ARG G 39 51.18 -14.83 19.36
C ARG G 39 52.35 -15.81 19.39
N ASP G 40 52.62 -16.44 18.25
CA ASP G 40 53.72 -17.38 18.13
C ASP G 40 54.34 -17.26 16.74
N ASP G 41 55.58 -17.74 16.64
CA ASP G 41 56.30 -17.81 15.37
C ASP G 41 56.41 -16.42 14.73
N ASP G 42 57.15 -15.53 15.41
CA ASP G 42 57.42 -14.18 14.93
C ASP G 42 56.13 -13.37 14.80
N ASN G 43 55.38 -13.25 15.90
CA ASN G 43 54.20 -12.39 15.98
C ASN G 43 53.17 -12.76 14.92
N LYS G 44 52.78 -14.03 14.88
CA LYS G 44 51.68 -14.46 14.04
C LYS G 44 50.59 -15.06 14.93
N PRO G 45 49.33 -14.63 14.76
CA PRO G 45 48.26 -15.19 15.59
C PRO G 45 48.14 -16.69 15.38
N LEU G 46 47.88 -17.41 16.47
CA LEU G 46 47.84 -18.86 16.45
C LEU G 46 46.40 -19.35 16.57
N VAL G 47 46.08 -20.42 15.86
CA VAL G 47 44.78 -21.06 15.90
C VAL G 47 44.97 -22.51 16.31
N TYR G 48 44.13 -23.00 17.20
CA TYR G 48 44.25 -24.35 17.75
C TYR G 48 43.57 -25.35 16.83
N GLU G 49 44.30 -26.40 16.47
CA GLU G 49 43.78 -27.53 15.70
C GLU G 49 42.83 -28.31 16.59
N PRO G 50 41.93 -29.12 16.03
CA PRO G 50 40.93 -29.81 16.88
C PRO G 50 41.55 -30.91 17.74
N GLY G 51 42.34 -30.49 18.72
CA GLY G 51 42.96 -31.43 19.64
C GLY G 51 42.93 -30.89 21.05
N LEU G 52 43.25 -31.77 22.00
CA LEU G 52 43.28 -31.37 23.39
C LEU G 52 44.43 -30.39 23.64
N HIS G 53 44.12 -29.29 24.32
CA HIS G 53 45.11 -28.27 24.61
C HIS G 53 44.92 -27.78 26.04
N PHE G 54 45.99 -27.24 26.61
CA PHE G 54 46.01 -26.79 27.99
C PHE G 54 45.96 -25.27 28.05
N LYS G 55 45.08 -24.74 28.90
CA LYS G 55 44.97 -23.31 29.13
C LYS G 55 45.24 -23.02 30.60
N ILE G 56 45.78 -21.84 30.89
CA ILE G 56 46.04 -21.41 32.25
C ILE G 56 44.71 -20.99 32.86
N PRO G 57 44.30 -21.54 34.01
CA PRO G 57 42.97 -21.24 34.55
C PRO G 57 42.82 -19.78 34.92
N PHE G 58 41.61 -19.26 34.71
CA PHE G 58 41.15 -17.93 35.09
C PHE G 58 41.86 -16.81 34.32
N ILE G 59 42.79 -17.13 33.42
CA ILE G 59 43.52 -16.15 32.65
C ILE G 59 43.25 -16.29 31.16
N GLU G 60 43.25 -17.50 30.65
CA GLU G 60 43.01 -17.77 29.23
C GLU G 60 41.57 -18.26 29.05
N THR G 61 40.84 -17.57 28.18
CA THR G 61 39.55 -18.03 27.69
C THR G 61 39.71 -18.54 26.27
N VAL G 62 38.70 -19.26 25.78
CA VAL G 62 38.74 -19.86 24.46
C VAL G 62 37.48 -19.48 23.70
N LYS G 63 37.63 -19.08 22.44
CA LYS G 63 36.52 -18.80 21.55
C LYS G 63 36.58 -19.78 20.38
N MET G 64 35.45 -20.42 20.08
CA MET G 64 35.40 -21.45 19.06
C MET G 64 34.73 -20.89 17.80
N LEU G 65 35.41 -21.05 16.67
CA LEU G 65 34.90 -20.63 15.37
C LEU G 65 34.85 -21.84 14.46
N ASP G 66 33.68 -22.12 13.90
CA ASP G 66 33.48 -23.32 13.10
C ASP G 66 34.07 -23.10 11.71
N ALA G 67 34.97 -23.99 11.30
CA ALA G 67 35.61 -23.88 10.00
C ALA G 67 34.77 -24.49 8.89
N ARG G 68 33.68 -25.17 9.23
CA ARG G 68 32.81 -25.74 8.22
C ARG G 68 32.13 -24.64 7.41
N ILE G 69 31.81 -24.94 6.16
CA ILE G 69 31.18 -23.95 5.29
C ILE G 69 29.82 -23.58 5.83
N GLN G 70 29.57 -22.28 5.96
CA GLN G 70 28.29 -21.76 6.40
C GLN G 70 27.48 -21.33 5.18
N THR G 71 26.16 -21.54 5.26
CA THR G 71 25.25 -21.20 4.18
C THR G 71 24.32 -20.08 4.64
N MET G 72 24.28 -19.00 3.88
CA MET G 72 23.44 -17.85 4.16
C MET G 72 22.50 -17.63 2.99
N ASP G 73 21.19 -17.70 3.24
CA ASP G 73 20.19 -17.54 2.21
C ASP G 73 19.54 -16.17 2.31
N ASN G 74 19.19 -15.61 1.15
CA ASN G 74 18.56 -14.31 1.07
C ASN G 74 17.08 -14.47 0.71
N GLN G 75 16.23 -13.76 1.43
CA GLN G 75 14.80 -13.80 1.16
C GLN G 75 14.50 -13.07 -0.16
N ALA G 76 13.23 -13.13 -0.55
CA ALA G 76 12.82 -12.51 -1.81
C ALA G 76 13.05 -11.01 -1.79
N ASP G 77 13.65 -10.51 -2.87
CA ASP G 77 13.87 -9.08 -3.01
C ASP G 77 13.83 -8.71 -4.49
N ARG G 78 13.54 -7.43 -4.74
CA ARG G 78 13.28 -6.95 -6.08
C ARG G 78 14.51 -6.29 -6.68
N PHE G 79 14.81 -6.62 -7.92
CA PHE G 79 15.92 -6.07 -8.68
C PHE G 79 15.40 -5.44 -9.96
N VAL G 80 16.12 -4.44 -10.45
CA VAL G 80 15.73 -3.71 -11.64
C VAL G 80 16.71 -4.06 -12.75
N THR G 81 16.18 -4.54 -13.88
CA THR G 81 16.99 -4.89 -15.02
C THR G 81 17.23 -3.66 -15.88
N LYS G 82 17.79 -3.86 -17.07
CA LYS G 82 18.11 -2.72 -17.94
C LYS G 82 16.86 -2.09 -18.54
N GLU G 83 15.79 -2.86 -18.72
CA GLU G 83 14.54 -2.34 -19.27
C GLU G 83 13.50 -2.06 -18.18
N LYS G 84 13.94 -1.83 -16.96
CA LYS G 84 13.07 -1.50 -15.83
C LYS G 84 12.10 -2.64 -15.52
N LYS G 85 12.42 -3.85 -15.94
CA LYS G 85 11.61 -5.03 -15.63
C LYS G 85 11.97 -5.49 -14.22
N ASP G 86 11.01 -5.38 -13.30
CA ASP G 86 11.26 -5.78 -11.93
C ASP G 86 11.30 -7.31 -11.83
N LEU G 87 12.30 -7.81 -11.10
CA LEU G 87 12.48 -9.24 -10.88
C LEU G 87 12.52 -9.51 -9.39
N ILE G 88 12.13 -10.71 -8.99
CA ILE G 88 12.20 -11.14 -7.60
C ILE G 88 13.17 -12.30 -7.55
N VAL G 89 14.27 -12.14 -6.82
CA VAL G 89 15.40 -13.07 -6.89
C VAL G 89 15.62 -13.72 -5.53
N ASP G 90 15.74 -15.05 -5.53
CA ASP G 90 16.17 -15.80 -4.36
C ASP G 90 17.52 -16.41 -4.63
N SER G 91 18.49 -16.13 -3.76
CA SER G 91 19.87 -16.57 -3.92
C SER G 91 20.45 -16.96 -2.57
N TYR G 92 21.44 -17.84 -2.59
CA TYR G 92 22.15 -18.25 -1.39
C TYR G 92 23.65 -18.16 -1.62
N ILE G 93 24.40 -17.97 -0.54
CA ILE G 93 25.85 -17.85 -0.57
C ILE G 93 26.43 -18.86 0.41
N LYS G 94 27.60 -19.37 0.07
CA LYS G 94 28.35 -20.27 0.94
C LYS G 94 29.70 -19.64 1.23
N TRP G 95 30.04 -19.52 2.51
CA TRP G 95 31.28 -18.85 2.89
C TRP G 95 32.00 -19.64 3.98
N ARG G 96 33.32 -19.48 4.00
CA ARG G 96 34.18 -20.10 5.01
C ARG G 96 35.06 -19.02 5.62
N ILE G 97 35.59 -19.30 6.80
CA ILE G 97 36.51 -18.40 7.47
C ILE G 97 37.92 -18.69 6.97
N SER G 98 38.62 -17.65 6.54
CA SER G 98 39.99 -17.80 6.07
C SER G 98 41.01 -17.57 7.18
N ASP G 99 41.00 -16.38 7.78
CA ASP G 99 41.86 -16.05 8.91
C ASP G 99 40.99 -15.93 10.14
N PHE G 100 41.12 -16.88 11.06
CA PHE G 100 40.27 -16.90 12.23
C PHE G 100 40.50 -15.68 13.13
N SER G 101 41.75 -15.28 13.32
CA SER G 101 42.02 -14.09 14.12
C SER G 101 41.45 -12.84 13.47
N ARG G 102 41.68 -12.69 12.16
CA ARG G 102 41.18 -11.51 11.45
C ARG G 102 39.66 -11.48 11.44
N TYR G 103 39.02 -12.63 11.25
CA TYR G 103 37.57 -12.69 11.30
C TYR G 103 37.04 -12.37 12.69
N TYR G 104 37.72 -12.86 13.73
CA TYR G 104 37.27 -12.59 15.09
C TYR G 104 37.43 -11.10 15.42
N LEU G 105 38.46 -10.45 14.89
CA LEU G 105 38.64 -9.03 15.13
C LEU G 105 37.62 -8.20 14.35
N ALA G 106 37.41 -8.52 13.07
CA ALA G 106 36.56 -7.69 12.23
C ALA G 106 35.12 -7.69 12.73
N THR G 107 34.59 -8.85 13.11
CA THR G 107 33.25 -8.96 13.65
C THR G 107 33.34 -9.06 15.17
N GLY G 108 32.74 -8.09 15.86
CA GLY G 108 32.84 -8.01 17.31
C GLY G 108 32.41 -9.28 18.01
N GLY G 109 33.37 -9.98 18.61
CA GLY G 109 33.10 -11.23 19.29
C GLY G 109 33.04 -12.45 18.41
N GLY G 110 33.26 -12.30 17.10
CA GLY G 110 33.24 -13.45 16.20
C GLY G 110 31.85 -13.98 15.95
N ASP G 111 30.83 -13.16 16.18
CA ASP G 111 29.46 -13.59 15.98
C ASP G 111 29.18 -13.81 14.50
N ILE G 112 28.43 -14.87 14.20
CA ILE G 112 28.15 -15.22 12.80
C ILE G 112 27.20 -14.20 12.17
N SER G 113 26.25 -13.69 12.96
CA SER G 113 25.27 -12.76 12.41
C SER G 113 25.93 -11.46 11.97
N GLN G 114 26.93 -10.99 12.71
CA GLN G 114 27.61 -9.75 12.34
C GLN G 114 28.30 -9.89 10.99
N ALA G 115 28.94 -11.04 10.74
CA ALA G 115 29.57 -11.26 9.45
C ALA G 115 28.53 -11.45 8.34
N GLU G 116 27.43 -12.12 8.66
CA GLU G 116 26.35 -12.28 7.68
C GLU G 116 25.79 -10.93 7.26
N VAL G 117 25.72 -9.98 8.19
CA VAL G 117 25.20 -8.65 7.84
C VAL G 117 26.09 -7.98 6.81
N LEU G 118 27.41 -7.99 7.03
CA LEU G 118 28.33 -7.39 6.07
C LEU G 118 28.27 -8.11 4.73
N LEU G 119 28.18 -9.44 4.76
CA LEU G 119 28.08 -10.20 3.53
C LEU G 119 26.83 -9.82 2.75
N LYS G 120 25.71 -9.66 3.46
CA LYS G 120 24.48 -9.20 2.82
C LYS G 120 24.68 -7.84 2.17
N ARG G 121 25.26 -6.91 2.93
CA ARG G 121 25.41 -5.55 2.44
C ARG G 121 26.23 -5.49 1.16
N LYS G 122 27.34 -6.23 1.13
CA LYS G 122 28.16 -6.21 -0.09
C LYS G 122 27.53 -6.99 -1.22
N PHE G 123 26.98 -8.18 -0.92
CA PHE G 123 26.45 -9.04 -1.98
C PHE G 123 25.28 -8.37 -2.70
N SER G 124 24.42 -7.69 -1.95
CA SER G 124 23.31 -6.99 -2.60
C SER G 124 23.82 -5.95 -3.58
N ASP G 125 24.82 -5.16 -3.17
CA ASP G 125 25.36 -4.13 -4.06
C ASP G 125 25.93 -4.75 -5.33
N ARG G 126 26.81 -5.74 -5.18
CA ARG G 126 27.44 -6.31 -6.38
C ARG G 126 26.40 -6.97 -7.28
N LEU G 127 25.44 -7.68 -6.71
CA LEU G 127 24.43 -8.35 -7.53
C LEU G 127 23.57 -7.35 -8.28
N ARG G 128 23.16 -6.26 -7.61
CA ARG G 128 22.37 -5.25 -8.31
C ARG G 128 23.17 -4.57 -9.40
N SER G 129 24.45 -4.27 -9.14
CA SER G 129 25.28 -3.63 -10.15
C SER G 129 25.48 -4.54 -11.35
N GLU G 130 25.56 -5.86 -11.13
CA GLU G 130 25.69 -6.78 -12.25
C GLU G 130 24.39 -6.93 -13.03
N ILE G 131 23.25 -7.00 -12.32
CA ILE G 131 21.96 -7.16 -13.00
C ILE G 131 21.60 -5.91 -13.79
N GLY G 132 22.04 -4.73 -13.32
CA GLY G 132 21.63 -3.49 -13.98
C GLY G 132 21.99 -3.44 -15.45
N ARG G 133 23.09 -4.10 -15.84
CA ARG G 133 23.54 -4.09 -17.22
C ARG G 133 22.92 -5.20 -18.08
N LEU G 134 22.09 -6.05 -17.51
CA LEU G 134 21.65 -7.27 -18.17
C LEU G 134 20.17 -7.21 -18.52
N ASP G 135 19.79 -7.99 -19.53
CA ASP G 135 18.40 -8.21 -19.89
C ASP G 135 17.81 -9.35 -19.06
N VAL G 136 16.49 -9.30 -18.87
CA VAL G 136 15.82 -10.39 -18.18
C VAL G 136 15.97 -11.69 -18.96
N LYS G 137 15.90 -11.60 -20.30
CA LYS G 137 16.18 -12.76 -21.12
C LYS G 137 17.61 -13.24 -20.95
N ASP G 138 18.56 -12.31 -20.84
CA ASP G 138 19.95 -12.70 -20.61
C ASP G 138 20.11 -13.42 -19.28
N ILE G 139 19.37 -12.98 -18.26
CA ILE G 139 19.48 -13.60 -16.95
C ILE G 139 18.87 -15.00 -16.97
N VAL G 140 17.69 -15.14 -17.57
CA VAL G 140 17.01 -16.45 -17.55
C VAL G 140 17.74 -17.45 -18.44
N THR G 141 18.25 -16.99 -19.58
CA THR G 141 18.91 -17.91 -20.50
C THR G 141 20.31 -18.26 -20.04
N ASP G 142 20.83 -17.54 -19.05
CA ASP G 142 22.17 -17.85 -18.54
C ASP G 142 22.17 -19.20 -17.84
N SER G 143 23.04 -20.09 -18.30
CA SER G 143 23.14 -21.43 -17.73
C SER G 143 24.50 -21.74 -17.13
N ARG G 144 25.55 -21.02 -17.55
CA ARG G 144 26.88 -21.22 -16.99
C ARG G 144 27.11 -20.46 -15.70
N GLY G 145 26.14 -19.67 -15.26
CA GLY G 145 26.32 -18.87 -14.05
C GLY G 145 27.43 -17.84 -14.17
N ARG G 146 27.53 -17.18 -15.32
CA ARG G 146 28.60 -16.22 -15.53
C ARG G 146 28.46 -15.03 -14.59
N LEU G 147 27.24 -14.52 -14.41
CA LEU G 147 27.05 -13.37 -13.53
C LEU G 147 27.31 -13.76 -12.09
N THR G 148 26.88 -14.95 -11.66
CA THR G 148 27.15 -15.39 -10.30
C THR G 148 28.65 -15.55 -10.06
N LEU G 149 29.37 -16.11 -11.03
CA LEU G 149 30.81 -16.25 -10.90
C LEU G 149 31.49 -14.89 -10.82
N GLU G 150 31.05 -13.94 -11.64
CA GLU G 150 31.62 -12.59 -11.59
C GLU G 150 31.33 -11.93 -10.25
N VAL G 151 30.13 -12.12 -9.71
CA VAL G 151 29.79 -11.58 -8.40
C VAL G 151 30.68 -12.18 -7.33
N ARG G 152 30.90 -13.49 -7.40
CA ARG G 152 31.77 -14.16 -6.43
C ARG G 152 33.20 -13.61 -6.51
N ASP G 153 33.70 -13.42 -7.74
CA ASP G 153 35.04 -12.88 -7.91
C ASP G 153 35.14 -11.46 -7.37
N ALA G 154 34.12 -10.64 -7.60
CA ALA G 154 34.12 -9.29 -7.05
C ALA G 154 34.07 -9.30 -5.53
N LEU G 155 33.27 -10.19 -4.94
CA LEU G 155 33.20 -10.29 -3.50
C LEU G 155 34.51 -10.75 -2.88
N ASN G 156 35.17 -11.73 -3.50
CA ASN G 156 36.43 -12.23 -2.97
C ASN G 156 37.57 -11.25 -3.20
N SER G 157 37.68 -10.66 -4.39
CA SER G 157 38.70 -9.67 -4.70
C SER G 157 38.03 -8.35 -5.02
N GLY G 158 38.27 -7.35 -4.17
CA GLY G 158 37.63 -6.06 -4.36
C GLY G 158 38.36 -5.19 -5.35
N SER G 159 37.90 -3.95 -5.46
CA SER G 159 38.45 -2.97 -6.38
C SER G 159 39.13 -1.86 -5.58
N ALA G 160 40.21 -1.31 -6.15
CA ALA G 160 40.93 -0.22 -5.51
C ALA G 160 40.58 1.11 -6.18
N PRO G 191 50.86 -8.78 -3.15
CA PRO G 191 49.98 -9.44 -2.18
C PRO G 191 49.06 -8.47 -1.45
N VAL G 192 48.81 -7.31 -2.08
CA VAL G 192 47.95 -6.31 -1.46
C VAL G 192 46.51 -6.81 -1.41
N ILE G 193 45.83 -6.51 -0.31
CA ILE G 193 44.44 -6.88 -0.11
C ILE G 193 43.61 -5.61 -0.05
N ASN G 194 42.64 -5.49 -0.95
CA ASN G 194 41.79 -4.30 -0.98
C ASN G 194 40.92 -4.26 0.27
N PRO G 195 40.77 -3.09 0.90
CA PRO G 195 39.96 -3.01 2.12
C PRO G 195 38.50 -3.39 1.90
N ASN G 196 37.94 -3.12 0.72
CA ASN G 196 36.55 -3.46 0.46
C ASN G 196 36.36 -4.92 0.08
N SER G 197 37.43 -5.68 -0.11
CA SER G 197 37.31 -7.10 -0.40
C SER G 197 36.92 -7.86 0.86
N MET G 198 36.29 -9.02 0.67
CA MET G 198 35.99 -9.89 1.80
C MET G 198 37.28 -10.49 2.37
N ALA G 199 38.36 -10.47 1.59
CA ALA G 199 39.65 -10.92 2.10
C ALA G 199 40.19 -9.98 3.18
N ALA G 200 39.81 -8.71 3.13
CA ALA G 200 40.17 -7.79 4.21
C ALA G 200 39.54 -8.24 5.52
N LEU G 201 38.35 -8.81 5.46
CA LEU G 201 37.78 -9.52 6.59
C LEU G 201 38.25 -10.97 6.56
N GLY G 202 37.82 -11.73 7.56
CA GLY G 202 38.18 -13.13 7.60
C GLY G 202 37.14 -14.02 6.94
N ILE G 203 36.70 -13.67 5.75
CA ILE G 203 35.61 -14.38 5.09
C ILE G 203 36.04 -14.69 3.66
N GLU G 204 35.78 -15.92 3.23
CA GLU G 204 36.01 -16.33 1.86
C GLU G 204 34.71 -16.90 1.28
N VAL G 205 34.26 -16.35 0.16
CA VAL G 205 33.06 -16.79 -0.51
C VAL G 205 33.44 -17.88 -1.51
N VAL G 206 32.78 -19.04 -1.41
CA VAL G 206 33.17 -20.18 -2.22
C VAL G 206 32.17 -20.44 -3.34
N ASP G 207 30.93 -19.97 -3.17
CA ASP G 207 29.91 -20.22 -4.18
C ASP G 207 28.74 -19.26 -3.99
N VAL G 208 28.24 -18.74 -5.11
CA VAL G 208 27.05 -17.90 -5.14
C VAL G 208 26.11 -18.45 -6.20
N ARG G 209 24.86 -18.73 -5.83
CA ARG G 209 23.90 -19.31 -6.75
C ARG G 209 22.55 -18.63 -6.55
N ILE G 210 21.75 -18.64 -7.61
CA ILE G 210 20.39 -18.09 -7.58
C ILE G 210 19.40 -19.25 -7.57
N LYS G 211 18.46 -19.20 -6.63
CA LYS G 211 17.50 -20.29 -6.45
C LYS G 211 16.27 -20.17 -7.34
N GLN G 212 15.64 -19.00 -7.40
CA GLN G 212 14.46 -18.84 -8.25
C GLN G 212 14.32 -17.39 -8.64
N ILE G 213 13.82 -17.17 -9.86
CA ILE G 213 13.60 -15.84 -10.41
C ILE G 213 12.12 -15.73 -10.76
N ASN G 214 11.39 -14.90 -10.03
CA ASN G 214 9.97 -14.71 -10.24
C ASN G 214 9.68 -13.31 -10.73
N LEU G 215 8.44 -13.11 -11.16
CA LEU G 215 7.95 -11.83 -11.65
C LEU G 215 6.89 -11.26 -10.71
N PRO G 216 6.67 -9.95 -10.75
CA PRO G 216 5.55 -9.38 -10.00
C PRO G 216 4.23 -9.96 -10.46
N THR G 217 3.26 -10.00 -9.54
CA THR G 217 2.02 -10.72 -9.80
C THR G 217 1.29 -10.15 -11.01
N GLU G 218 1.42 -8.84 -11.26
CA GLU G 218 0.78 -8.26 -12.44
C GLU G 218 1.41 -8.79 -13.73
N VAL G 219 2.74 -8.81 -13.78
CA VAL G 219 3.44 -9.31 -14.96
C VAL G 219 3.15 -10.79 -15.16
N SER G 220 3.13 -11.56 -14.07
CA SER G 220 2.82 -12.99 -14.17
C SER G 220 1.40 -13.19 -14.68
N GLU G 221 0.45 -12.38 -14.21
CA GLU G 221 -0.93 -12.51 -14.68
C GLU G 221 -1.03 -12.17 -16.16
N ALA G 222 -0.30 -11.15 -16.61
CA ALA G 222 -0.30 -10.80 -18.04
C ALA G 222 0.29 -11.95 -18.86
N ILE G 223 1.37 -12.56 -18.37
CA ILE G 223 1.96 -13.70 -19.07
C ILE G 223 0.98 -14.85 -19.14
N TYR G 224 0.27 -15.12 -18.05
CA TYR G 224 -0.72 -16.18 -18.04
C TYR G 224 -1.81 -15.92 -19.07
N ASN G 225 -2.28 -14.67 -19.15
CA ASN G 225 -3.29 -14.32 -20.13
C ASN G 225 -2.77 -14.53 -21.55
N ARG G 226 -1.51 -14.16 -21.81
CA ARG G 226 -0.97 -14.33 -23.15
C ARG G 226 -0.88 -15.80 -23.54
N MET G 227 -0.37 -16.65 -22.66
CA MET G 227 -0.29 -18.07 -22.98
C MET G 227 -1.67 -18.69 -23.15
N ARG G 228 -2.62 -18.29 -22.30
CA ARG G 228 -3.98 -18.81 -22.45
C ARG G 228 -4.58 -18.41 -23.79
N ALA G 229 -4.34 -17.17 -24.21
CA ALA G 229 -4.83 -16.72 -25.51
C ALA G 229 -4.20 -17.53 -26.64
N GLU G 230 -2.90 -17.81 -26.55
CA GLU G 230 -2.26 -18.60 -27.60
C GLU G 230 -2.84 -20.01 -27.67
N ARG G 231 -3.04 -20.65 -26.51
CA ARG G 231 -3.62 -22.00 -26.52
C ARG G 231 -5.03 -21.99 -27.09
N GLU G 232 -5.83 -20.99 -26.71
CA GLU G 232 -7.17 -20.87 -27.28
C GLU G 232 -7.10 -20.67 -28.78
N ALA G 233 -6.11 -19.94 -29.26
CA ALA G 233 -5.92 -19.77 -30.70
C ALA G 233 -5.69 -21.11 -31.39
N VAL G 234 -4.80 -21.93 -30.82
CA VAL G 234 -4.52 -23.24 -31.44
C VAL G 234 -5.77 -24.10 -31.45
N ALA G 235 -6.50 -24.14 -30.33
CA ALA G 235 -7.71 -24.95 -30.26
C ALA G 235 -8.75 -24.49 -31.28
N ARG G 236 -8.92 -23.17 -31.40
CA ARG G 236 -9.90 -22.63 -32.34
C ARG G 236 -9.52 -22.97 -33.77
N ARG G 237 -8.21 -22.90 -34.09
CA ARG G 237 -7.77 -23.28 -35.43
C ARG G 237 -8.09 -24.74 -35.74
N HIS G 238 -7.83 -25.63 -34.79
CA HIS G 238 -8.11 -27.04 -35.02
C HIS G 238 -9.60 -27.28 -35.24
N ARG G 239 -10.44 -26.67 -34.39
CA ARG G 239 -11.88 -26.85 -34.53
C ARG G 239 -12.37 -26.28 -35.86
N SER G 240 -11.82 -25.14 -36.29
CA SER G 240 -12.23 -24.56 -37.56
C SER G 240 -11.86 -25.46 -38.73
N GLN G 241 -10.67 -26.07 -38.69
CA GLN G 241 -10.30 -27.01 -39.75
C GLN G 241 -11.27 -28.19 -39.80
N GLY G 242 -11.60 -28.74 -38.64
CA GLY G 242 -12.57 -29.84 -38.61
C GLY G 242 -13.92 -29.44 -39.18
N GLN G 243 -14.38 -28.24 -38.82
CA GLN G 243 -15.67 -27.77 -39.34
C GLN G 243 -15.62 -27.57 -40.84
N GLU G 244 -14.50 -27.08 -41.37
CA GLU G 244 -14.39 -26.93 -42.82
C GLU G 244 -14.49 -28.28 -43.52
N GLU G 245 -13.79 -29.29 -43.00
CA GLU G 245 -13.87 -30.62 -43.61
C GLU G 245 -15.29 -31.16 -43.57
N ALA G 246 -15.96 -31.00 -42.42
CA ALA G 246 -17.34 -31.47 -42.31
C ALA G 246 -18.25 -30.76 -43.30
N GLU G 247 -18.07 -29.45 -43.46
CA GLU G 247 -18.91 -28.70 -44.38
C GLU G 247 -18.70 -29.16 -45.82
N LYS G 248 -17.45 -29.42 -46.20
CA LYS G 248 -17.19 -29.91 -47.56
C LYS G 248 -17.89 -31.25 -47.79
N LEU G 249 -17.77 -32.17 -46.83
CA LEU G 249 -18.40 -33.47 -46.99
C LEU G 249 -19.92 -33.34 -47.10
N ARG G 250 -20.52 -32.50 -46.25
CA ARG G 250 -21.97 -32.32 -46.30
C ARG G 250 -22.39 -31.69 -47.63
N ALA G 251 -21.59 -30.77 -48.16
CA ALA G 251 -21.92 -30.16 -49.44
C ALA G 251 -21.95 -31.18 -50.57
N THR G 252 -20.92 -32.04 -50.64
CA THR G 252 -20.93 -33.03 -51.72
C THR G 252 -22.05 -34.05 -51.54
N ALA G 253 -22.38 -34.39 -50.29
CA ALA G 253 -23.51 -35.27 -50.04
C ALA G 253 -24.81 -34.65 -50.52
N ASP G 254 -25.02 -33.37 -50.23
CA ASP G 254 -26.24 -32.70 -50.67
C ASP G 254 -26.32 -32.66 -52.19
N TYR G 255 -25.17 -32.44 -52.85
CA TYR G 255 -25.17 -32.45 -54.31
C TYR G 255 -25.61 -33.81 -54.86
N GLU G 256 -25.07 -34.89 -54.29
CA GLU G 256 -25.47 -36.23 -54.77
C GLU G 256 -26.95 -36.48 -54.54
N VAL G 257 -27.46 -36.09 -53.37
CA VAL G 257 -28.88 -36.27 -53.08
C VAL G 257 -29.74 -35.52 -54.08
N THR G 258 -29.37 -34.27 -54.37
CA THR G 258 -30.14 -33.47 -55.33
C THR G 258 -30.11 -34.10 -56.72
N ARG G 259 -28.95 -34.61 -57.14
CA ARG G 259 -28.87 -35.24 -58.45
C ARG G 259 -29.78 -36.45 -58.55
N THR G 260 -29.77 -37.31 -57.52
CA THR G 260 -30.63 -38.50 -57.55
C THR G 260 -32.10 -38.10 -57.58
N LEU G 261 -32.48 -37.12 -56.77
CA LEU G 261 -33.88 -36.68 -56.74
C LEU G 261 -34.29 -36.09 -58.09
N ALA G 262 -33.39 -35.34 -58.73
CA ALA G 262 -33.69 -34.78 -60.04
C ALA G 262 -33.88 -35.86 -61.09
N GLU G 263 -33.05 -36.90 -61.07
CA GLU G 263 -33.22 -38.00 -62.00
C GLU G 263 -34.57 -38.68 -61.81
N ALA G 264 -34.93 -38.95 -60.55
CA ALA G 264 -36.23 -39.57 -60.28
C ALA G 264 -37.36 -38.67 -60.75
N GLU G 265 -37.25 -37.36 -60.53
CA GLU G 265 -38.29 -36.43 -60.95
C GLU G 265 -38.42 -36.41 -62.46
N ARG G 266 -37.30 -36.50 -63.19
CA ARG G 266 -37.36 -36.54 -64.64
C ARG G 266 -38.10 -37.80 -65.12
N GLN G 267 -37.79 -38.95 -64.52
CA GLN G 267 -38.51 -40.17 -64.90
C GLN G 267 -40.00 -40.05 -64.59
N GLY G 268 -40.33 -39.46 -63.43
CA GLY G 268 -41.73 -39.27 -63.10
C GLY G 268 -42.44 -38.34 -64.07
N ARG G 269 -41.76 -37.28 -64.51
CA ARG G 269 -42.34 -36.38 -65.50
C ARG G 269 -42.59 -37.12 -66.80
N ILE G 270 -41.67 -37.98 -67.21
CA ILE G 270 -41.88 -38.76 -68.44
C ILE G 270 -43.12 -39.64 -68.30
N MET G 271 -43.27 -40.31 -67.15
CA MET G 271 -44.45 -41.14 -66.94
C MET G 271 -45.73 -40.31 -66.96
N ARG G 272 -45.72 -39.15 -66.31
CA ARG G 272 -46.90 -38.29 -66.30
C ARG G 272 -47.27 -37.84 -67.71
N GLY G 273 -46.26 -37.48 -68.52
CA GLY G 273 -46.53 -37.09 -69.89
C GLY G 273 -47.12 -38.22 -70.70
N GLU G 274 -46.60 -39.44 -70.51
CA GLU G 274 -47.17 -40.59 -71.20
C GLU G 274 -48.64 -40.78 -70.83
N GLY G 275 -48.95 -40.72 -69.54
CA GLY G 275 -50.33 -40.87 -69.11
C GLY G 275 -51.23 -39.79 -69.68
N ASP G 276 -50.75 -38.54 -69.67
CA ASP G 276 -51.54 -37.43 -70.20
C ASP G 276 -51.82 -37.61 -71.68
N ALA G 277 -50.82 -38.04 -72.46
CA ALA G 277 -51.04 -38.27 -73.88
C ALA G 277 -52.03 -39.39 -74.11
N GLU G 278 -51.92 -40.48 -73.34
CA GLU G 278 -52.85 -41.58 -73.49
C GLU G 278 -54.28 -41.15 -73.20
N ALA G 279 -54.47 -40.36 -72.14
CA ALA G 279 -55.81 -39.86 -71.84
C ALA G 279 -56.29 -38.89 -72.92
N ALA G 280 -55.38 -38.09 -73.46
CA ALA G 280 -55.76 -37.11 -74.47
C ALA G 280 -56.26 -37.79 -75.74
N LYS G 281 -55.70 -38.94 -76.08
CA LYS G 281 -56.18 -39.66 -77.27
C LYS G 281 -57.65 -40.05 -77.14
N LEU G 282 -58.01 -40.67 -76.01
CA LEU G 282 -59.38 -41.07 -75.77
C LEU G 282 -60.31 -39.87 -75.72
N PHE G 283 -59.91 -38.83 -74.99
CA PHE G 283 -60.73 -37.62 -74.95
C PHE G 283 -60.95 -37.08 -76.36
N ALA G 284 -59.88 -37.02 -77.16
CA ALA G 284 -59.97 -36.44 -78.49
C ALA G 284 -60.96 -37.19 -79.36
N ASP G 285 -60.84 -38.51 -79.45
CA ASP G 285 -61.73 -39.22 -80.37
C ASP G 285 -63.17 -39.24 -79.84
N ALA G 286 -63.36 -39.57 -78.56
CA ALA G 286 -64.71 -39.69 -78.03
C ALA G 286 -65.43 -38.35 -78.03
N PHE G 287 -64.68 -37.25 -78.03
CA PHE G 287 -65.31 -35.93 -77.97
C PHE G 287 -65.43 -35.33 -79.36
N SER G 288 -64.58 -35.77 -80.29
CA SER G 288 -64.78 -35.43 -81.70
C SER G 288 -65.98 -36.17 -82.26
N LYS G 289 -66.46 -37.20 -81.55
CA LYS G 289 -67.76 -37.76 -81.87
C LYS G 289 -68.83 -36.67 -81.94
N ASP G 290 -68.79 -35.71 -81.01
CA ASP G 290 -69.70 -34.56 -81.03
C ASP G 290 -69.06 -33.39 -80.29
N PRO G 291 -68.49 -32.43 -81.03
CA PRO G 291 -67.74 -31.36 -80.36
C PRO G 291 -68.60 -30.35 -79.62
N ASP G 292 -69.69 -29.88 -80.24
CA ASP G 292 -70.45 -28.77 -79.67
C ASP G 292 -71.11 -29.17 -78.35
N PHE G 293 -71.71 -30.35 -78.29
CA PHE G 293 -72.36 -30.78 -77.05
C PHE G 293 -71.35 -30.96 -75.93
N TYR G 294 -70.18 -31.51 -76.24
CA TYR G 294 -69.13 -31.61 -75.24
C TYR G 294 -68.70 -30.23 -74.76
N ALA G 295 -68.55 -29.27 -75.68
CA ALA G 295 -68.20 -27.92 -75.27
C ALA G 295 -69.23 -27.36 -74.31
N PHE G 296 -70.51 -27.56 -74.63
CA PHE G 296 -71.59 -27.10 -73.77
C PHE G 296 -71.49 -27.71 -72.37
N ILE G 297 -71.38 -29.04 -72.30
CA ILE G 297 -71.35 -29.72 -71.01
C ILE G 297 -70.11 -29.32 -70.21
N ARG G 298 -68.95 -29.28 -70.86
CA ARG G 298 -67.72 -28.96 -70.16
C ARG G 298 -67.72 -27.53 -69.68
N SER G 299 -68.28 -26.60 -70.47
CA SER G 299 -68.38 -25.22 -70.02
C SER G 299 -69.30 -25.10 -68.81
N LEU G 300 -70.41 -25.84 -68.81
CA LEU G 300 -71.29 -25.81 -67.63
C LEU G 300 -70.58 -26.35 -66.40
N ARG G 301 -69.85 -27.46 -66.56
CA ARG G 301 -69.11 -28.01 -65.43
C ARG G 301 -68.06 -27.03 -64.94
N ALA G 302 -67.38 -26.34 -65.86
CA ALA G 302 -66.38 -25.34 -65.49
C ALA G 302 -67.02 -24.19 -64.72
N TYR G 303 -68.19 -23.73 -65.17
CA TYR G 303 -68.89 -22.66 -64.45
C TYR G 303 -69.20 -23.10 -63.02
N GLU G 304 -69.75 -24.31 -62.87
CA GLU G 304 -70.10 -24.79 -61.53
C GLU G 304 -68.86 -24.90 -60.66
N ASN G 305 -67.78 -25.46 -61.19
CA ASN G 305 -66.56 -25.65 -60.39
C ASN G 305 -65.94 -24.31 -60.01
N SER G 306 -65.92 -23.35 -60.94
CA SER G 306 -65.29 -22.07 -60.65
C SER G 306 -66.11 -21.26 -59.66
N PHE G 307 -67.44 -21.25 -59.81
CA PHE G 307 -68.27 -20.45 -58.93
C PHE G 307 -68.70 -21.20 -57.67
N SER G 308 -68.24 -22.44 -57.46
CA SER G 308 -68.60 -23.17 -56.26
C SER G 308 -68.24 -22.39 -55.00
N GLY G 309 -67.11 -21.70 -55.01
CA GLY G 309 -66.75 -20.86 -53.87
C GLY G 309 -67.69 -19.67 -53.76
N ASN G 310 -67.86 -19.19 -52.52
CA ASN G 310 -68.74 -18.07 -52.24
C ASN G 310 -67.98 -16.76 -52.00
N GLN G 311 -66.76 -16.65 -52.52
CA GLN G 311 -65.93 -15.48 -52.31
C GLN G 311 -66.09 -14.42 -53.40
N ASP G 312 -66.98 -14.63 -54.35
CA ASP G 312 -67.13 -13.73 -55.49
C ASP G 312 -68.49 -13.04 -55.47
N VAL G 313 -68.60 -12.01 -56.30
CA VAL G 313 -69.80 -11.20 -56.41
C VAL G 313 -70.21 -11.14 -57.87
N MET G 314 -71.50 -11.36 -58.15
CA MET G 314 -72.00 -11.42 -59.51
C MET G 314 -73.08 -10.37 -59.67
N VAL G 315 -73.01 -9.61 -60.76
CA VAL G 315 -73.96 -8.53 -61.05
C VAL G 315 -74.76 -8.94 -62.28
N MET G 316 -76.08 -8.83 -62.17
CA MET G 316 -77.00 -9.20 -63.25
C MET G 316 -77.88 -8.01 -63.62
N SER G 317 -78.88 -8.28 -64.45
CA SER G 317 -79.84 -7.28 -64.87
C SER G 317 -81.16 -7.99 -65.09
N PRO G 318 -82.29 -7.37 -64.75
CA PRO G 318 -83.59 -7.99 -65.05
C PRO G 318 -83.84 -8.17 -66.54
N ASP G 319 -83.12 -7.45 -67.39
CA ASP G 319 -83.23 -7.62 -68.83
C ASP G 319 -82.42 -8.81 -69.34
N SER G 320 -81.60 -9.42 -68.50
CA SER G 320 -80.82 -10.59 -68.91
C SER G 320 -81.75 -11.73 -69.29
N ASP G 321 -81.35 -12.50 -70.29
CA ASP G 321 -82.22 -13.53 -70.86
C ASP G 321 -82.53 -14.66 -69.90
N PHE G 322 -81.71 -14.89 -68.88
CA PHE G 322 -82.05 -15.93 -67.90
C PHE G 322 -83.28 -15.53 -67.09
N PHE G 323 -83.38 -14.26 -66.73
CA PHE G 323 -84.50 -13.76 -65.94
C PHE G 323 -85.66 -13.29 -66.81
N ARG G 324 -85.79 -13.81 -68.03
CA ARG G 324 -86.89 -13.40 -68.89
C ARG G 324 -88.25 -13.82 -68.35
N TYR G 325 -88.30 -14.74 -67.38
CA TYR G 325 -89.54 -15.10 -66.73
C TYR G 325 -89.74 -14.41 -65.39
N MET G 326 -88.72 -13.68 -64.90
CA MET G 326 -88.91 -12.85 -63.72
C MET G 326 -89.93 -11.76 -63.99
N LYS G 327 -89.86 -11.15 -65.18
CA LYS G 327 -90.88 -10.20 -65.59
C LYS G 327 -92.20 -10.93 -65.85
N THR G 328 -93.28 -10.42 -65.27
CA THR G 328 -94.57 -11.07 -65.39
C THR G 328 -95.18 -10.82 -66.76
N PRO G 329 -96.00 -11.77 -67.27
CA PRO G 329 -96.65 -11.62 -68.57
C PRO G 329 -97.52 -10.38 -68.67
N MET H 1 46.93 15.80 71.91
CA MET H 1 48.34 15.63 71.60
C MET H 1 48.49 15.05 70.18
N ARG H 2 48.56 13.72 70.08
CA ARG H 2 48.67 13.08 68.78
C ARG H 2 47.33 13.04 68.07
N LYS H 3 46.23 12.87 68.82
CA LYS H 3 44.91 12.83 68.22
C LYS H 3 44.56 14.17 67.57
N SER H 4 44.90 15.28 68.24
CA SER H 4 44.67 16.60 67.66
C SER H 4 45.50 16.79 66.38
N VAL H 5 46.73 16.29 66.39
CA VAL H 5 47.57 16.37 65.19
C VAL H 5 46.94 15.57 64.06
N ILE H 6 46.44 14.37 64.35
CA ILE H 6 45.79 13.57 63.33
C ILE H 6 44.57 14.29 62.77
N ALA H 7 43.76 14.89 63.65
CA ALA H 7 42.58 15.62 63.21
C ALA H 7 42.96 16.80 62.31
N ILE H 8 43.96 17.57 62.71
CA ILE H 8 44.30 18.76 61.92
C ILE H 8 44.90 18.36 60.58
N ILE H 9 45.71 17.28 60.55
CA ILE H 9 46.31 16.88 59.28
C ILE H 9 45.24 16.30 58.35
N ILE H 10 44.27 15.55 58.89
CA ILE H 10 43.23 15.02 58.01
C ILE H 10 42.35 16.15 57.51
N ILE H 11 42.14 17.19 58.32
CA ILE H 11 41.42 18.37 57.83
C ILE H 11 42.20 19.06 56.72
N VAL H 12 43.52 19.18 56.89
CA VAL H 12 44.35 19.79 55.85
C VAL H 12 44.25 18.99 54.55
N LEU H 13 44.32 17.66 54.65
CA LEU H 13 44.22 16.83 53.45
C LEU H 13 42.86 16.94 52.78
N VAL H 14 41.77 16.98 53.57
CA VAL H 14 40.46 17.07 52.96
C VAL H 14 40.26 18.43 52.29
N VAL H 15 40.82 19.50 52.89
CA VAL H 15 40.76 20.81 52.25
C VAL H 15 41.57 20.80 50.96
N LEU H 16 42.75 20.18 50.97
CA LEU H 16 43.55 20.07 49.75
C LEU H 16 42.79 19.31 48.67
N TYR H 17 42.08 18.25 49.06
CA TYR H 17 41.24 17.53 48.11
C TYR H 17 40.17 18.46 47.54
N MET H 18 39.52 19.26 48.39
CA MET H 18 38.53 20.20 47.90
C MET H 18 39.18 21.30 47.07
N SER H 19 40.47 21.56 47.28
CA SER H 19 41.20 22.58 46.52
C SER H 19 41.92 21.99 45.31
N VAL H 20 41.22 21.27 44.45
CA VAL H 20 41.84 20.64 43.29
C VAL H 20 41.09 21.09 42.03
N PHE H 21 41.77 20.98 40.90
CA PHE H 21 41.17 21.37 39.62
C PHE H 21 41.68 20.43 38.53
N VAL H 22 40.78 19.68 37.91
CA VAL H 22 41.09 18.83 36.78
C VAL H 22 40.18 19.23 35.62
N VAL H 23 40.78 19.42 34.44
CA VAL H 23 40.05 19.75 33.22
C VAL H 23 40.43 18.75 32.15
N LYS H 24 39.43 18.16 31.51
CA LYS H 24 39.66 17.05 30.58
C LYS H 24 40.40 17.55 29.34
N GLU H 25 40.76 16.59 28.49
CA GLU H 25 41.58 16.90 27.32
C GLU H 25 40.86 17.84 26.36
N GLY H 26 39.58 17.60 26.12
CA GLY H 26 38.84 18.39 25.15
C GLY H 26 38.22 19.65 25.67
N GLU H 27 38.42 19.99 26.93
CA GLU H 27 37.76 21.13 27.54
C GLU H 27 38.76 22.23 27.89
N ARG H 28 38.22 23.39 28.26
CA ARG H 28 38.97 24.51 28.79
C ARG H 28 38.19 25.06 29.97
N GLY H 29 38.91 25.61 30.94
CA GLY H 29 38.31 26.08 32.18
C GLY H 29 38.43 27.60 32.30
N ILE H 30 37.32 28.22 32.68
CA ILE H 30 37.30 29.65 32.99
C ILE H 30 36.83 29.79 34.43
N THR H 31 37.64 30.42 35.27
CA THR H 31 37.41 30.44 36.70
C THR H 31 36.73 31.74 37.12
N LEU H 32 35.92 31.65 38.17
CA LEU H 32 35.19 32.77 38.73
C LEU H 32 35.39 32.81 40.23
N ARG H 33 35.70 34.00 40.74
CA ARG H 33 35.91 34.21 42.17
C ARG H 33 35.07 35.39 42.63
N PHE H 34 34.37 35.21 43.75
CA PHE H 34 33.41 36.20 44.25
C PHE H 34 32.32 36.47 43.21
N GLY H 35 32.01 35.47 42.41
CA GLY H 35 31.06 35.66 41.32
C GLY H 35 31.52 36.68 40.29
N LYS H 36 32.83 36.73 40.03
CA LYS H 36 33.41 37.68 39.10
C LYS H 36 34.18 36.92 38.03
N VAL H 37 34.37 37.57 36.88
CA VAL H 37 35.01 36.92 35.74
C VAL H 37 36.44 36.52 36.07
N LEU H 38 37.11 37.30 36.94
CA LEU H 38 38.51 37.09 37.28
C LEU H 38 39.37 37.15 36.02
N ARG H 39 39.49 38.34 35.44
CA ARG H 39 40.28 38.52 34.24
C ARG H 39 41.75 38.71 34.58
N ASP H 40 42.60 38.46 33.59
CA ASP H 40 44.02 38.75 33.69
C ASP H 40 44.35 39.85 32.68
N ASP H 41 45.09 40.86 33.13
CA ASP H 41 45.40 42.08 32.38
C ASP H 41 44.14 42.87 32.04
N ASP H 42 43.00 42.54 32.65
CA ASP H 42 41.73 43.24 32.50
C ASP H 42 41.23 43.25 31.05
N ASN H 43 41.76 42.36 30.21
CA ASN H 43 41.34 42.26 28.82
C ASN H 43 40.76 40.89 28.48
N LYS H 44 41.43 39.82 28.88
CA LYS H 44 40.98 38.46 28.58
C LYS H 44 40.94 37.65 29.87
N PRO H 45 39.82 37.02 30.20
CA PRO H 45 39.81 36.11 31.36
C PRO H 45 40.71 34.91 31.12
N LEU H 46 41.27 34.39 32.20
CA LEU H 46 42.19 33.27 32.10
C LEU H 46 41.48 32.02 31.62
N VAL H 47 42.10 31.30 30.69
CA VAL H 47 41.63 30.01 30.22
C VAL H 47 42.62 28.94 30.68
N TYR H 48 42.10 27.86 31.24
CA TYR H 48 42.93 26.81 31.83
C TYR H 48 43.06 25.65 30.87
N GLU H 49 44.29 25.39 30.42
CA GLU H 49 44.58 24.28 29.53
C GLU H 49 44.39 22.97 30.28
N PRO H 50 44.20 21.86 29.55
CA PRO H 50 43.96 20.57 30.22
C PRO H 50 45.15 20.14 31.09
N GLY H 51 44.92 20.08 32.39
CA GLY H 51 45.96 19.72 33.33
C GLY H 51 45.51 19.99 34.75
N LEU H 52 46.41 19.70 35.70
CA LEU H 52 46.11 19.93 37.10
C LEU H 52 46.25 21.40 37.45
N HIS H 53 45.38 21.87 38.34
CA HIS H 53 45.40 23.26 38.79
C HIS H 53 44.88 23.33 40.22
N PHE H 54 45.10 24.49 40.85
CA PHE H 54 44.72 24.70 42.24
C PHE H 54 43.71 25.84 42.32
N LYS H 55 42.66 25.63 43.11
CA LYS H 55 41.60 26.62 43.30
C LYS H 55 41.32 26.76 44.80
N ILE H 56 40.96 27.97 45.21
CA ILE H 56 40.66 28.25 46.62
C ILE H 56 39.32 27.63 46.97
N PRO H 57 39.22 26.83 48.02
CA PRO H 57 37.98 26.10 48.31
C PRO H 57 36.83 27.04 48.68
N PHE H 58 35.61 26.61 48.35
CA PHE H 58 34.33 27.17 48.79
C PHE H 58 34.09 28.60 48.36
N ILE H 59 34.98 29.22 47.59
CA ILE H 59 34.80 30.60 47.14
C ILE H 59 34.94 30.74 45.63
N GLU H 60 35.63 29.82 44.97
CA GLU H 60 35.91 29.93 43.55
C GLU H 60 35.28 28.76 42.82
N THR H 61 34.62 29.07 41.70
CA THR H 61 33.94 28.08 40.87
C THR H 61 34.53 28.15 39.47
N VAL H 62 34.14 27.20 38.62
CA VAL H 62 34.75 27.04 37.30
C VAL H 62 33.69 26.70 36.27
N LYS H 63 33.86 27.21 35.06
CA LYS H 63 33.00 26.93 33.92
C LYS H 63 33.77 26.17 32.86
N MET H 64 33.12 25.18 32.25
CA MET H 64 33.73 24.28 31.28
C MET H 64 33.27 24.66 29.88
N LEU H 65 34.21 24.83 28.96
CA LEU H 65 33.92 25.07 27.55
C LEU H 65 34.69 24.07 26.70
N ASP H 66 33.98 23.23 25.97
CA ASP H 66 34.63 22.20 25.17
C ASP H 66 35.14 22.79 23.86
N ALA H 67 36.36 22.40 23.49
CA ALA H 67 37.02 22.90 22.29
C ALA H 67 36.77 22.05 21.06
N ARG H 68 36.02 20.96 21.18
CA ARG H 68 35.76 20.09 20.04
C ARG H 68 34.86 20.79 19.03
N ILE H 69 34.95 20.34 17.78
CA ILE H 69 34.02 20.81 16.76
C ILE H 69 32.62 20.32 17.12
N GLN H 70 31.69 21.26 17.24
CA GLN H 70 30.34 20.96 17.70
C GLN H 70 29.36 21.08 16.54
N THR H 71 28.54 20.05 16.37
CA THR H 71 27.52 20.02 15.33
C THR H 71 26.20 20.58 15.85
N MET H 72 25.36 20.99 14.91
CA MET H 72 24.07 21.58 15.25
C MET H 72 23.11 21.33 14.09
N ASP H 73 21.92 20.82 14.41
CA ASP H 73 20.96 20.38 13.40
C ASP H 73 19.82 21.37 13.29
N ASN H 74 19.51 21.78 12.06
CA ASN H 74 18.33 22.55 11.75
C ASN H 74 17.40 21.69 10.90
N GLN H 75 16.16 21.51 11.35
CA GLN H 75 15.26 20.54 10.78
C GLN H 75 13.99 21.22 10.28
N ALA H 76 13.49 20.74 9.13
CA ALA H 76 12.19 21.16 8.59
C ALA H 76 12.10 22.67 8.40
N ASP H 77 13.18 23.27 7.94
CA ASP H 77 13.14 24.69 7.61
C ASP H 77 12.42 24.91 6.30
N ARG H 78 11.67 26.00 6.22
CA ARG H 78 10.90 26.34 5.02
C ARG H 78 11.56 27.52 4.31
N PHE H 79 11.84 27.33 3.03
CA PHE H 79 12.49 28.36 2.21
C PHE H 79 11.79 28.47 0.86
N VAL H 80 11.65 29.70 0.40
CA VAL H 80 10.99 30.00 -0.87
C VAL H 80 12.06 30.36 -1.90
N THR H 81 12.01 29.71 -3.05
CA THR H 81 13.02 29.89 -4.09
C THR H 81 12.73 31.15 -4.91
N LYS H 82 13.54 31.34 -5.95
CA LYS H 82 13.38 32.50 -6.81
C LYS H 82 12.04 32.48 -7.54
N GLU H 83 11.60 31.30 -7.99
CA GLU H 83 10.34 31.17 -8.71
C GLU H 83 9.16 30.92 -7.78
N LYS H 84 9.27 31.34 -6.52
CA LYS H 84 8.19 31.25 -5.53
C LYS H 84 7.73 29.82 -5.29
N LYS H 85 8.63 28.85 -5.41
CA LYS H 85 8.33 27.45 -5.08
C LYS H 85 8.95 27.16 -3.72
N ASP H 86 8.11 27.03 -2.70
CA ASP H 86 8.58 26.76 -1.35
C ASP H 86 8.93 25.29 -1.20
N LEU H 87 10.08 25.03 -0.58
CA LEU H 87 10.58 23.67 -0.41
C LEU H 87 11.27 23.53 0.93
N ILE H 88 11.15 22.35 1.53
CA ILE H 88 11.66 22.10 2.87
C ILE H 88 13.13 21.70 2.79
N VAL H 89 13.96 22.35 3.60
CA VAL H 89 15.39 22.06 3.70
C VAL H 89 15.70 21.75 5.16
N ASP H 90 16.43 20.67 5.40
CA ASP H 90 17.05 20.43 6.69
C ASP H 90 18.54 20.22 6.50
N SER H 91 19.34 21.04 7.17
CA SER H 91 20.79 21.06 7.02
C SER H 91 21.46 20.93 8.38
N TYR H 92 22.79 21.13 8.42
CA TYR H 92 23.51 21.06 9.67
C TYR H 92 24.74 21.97 9.60
N ILE H 93 25.13 22.49 10.75
CA ILE H 93 26.27 23.39 10.87
C ILE H 93 27.28 22.74 11.81
N LYS H 94 28.55 23.05 11.60
CA LYS H 94 29.61 22.61 12.51
C LYS H 94 30.48 23.81 12.84
N TRP H 95 30.62 24.12 14.12
CA TRP H 95 31.33 25.31 14.55
C TRP H 95 32.32 24.96 15.67
N ARG H 96 33.37 25.76 15.76
CA ARG H 96 34.39 25.59 16.79
C ARG H 96 34.65 26.93 17.47
N ILE H 97 35.04 26.86 18.74
CA ILE H 97 35.34 28.06 19.51
C ILE H 97 36.75 28.52 19.13
N SER H 98 36.83 29.62 18.37
CA SER H 98 38.13 30.13 17.94
C SER H 98 38.92 30.68 19.13
N ASP H 99 38.29 31.52 19.94
CA ASP H 99 38.92 32.08 21.13
C ASP H 99 37.95 31.97 22.30
N PHE H 100 38.40 31.39 23.40
CA PHE H 100 37.52 31.11 24.52
C PHE H 100 37.21 32.35 25.34
N SER H 101 38.19 33.25 25.51
CA SER H 101 37.94 34.47 26.26
C SER H 101 36.87 35.33 25.59
N ARG H 102 37.00 35.51 24.27
CA ARG H 102 35.99 36.28 23.54
C ARG H 102 34.64 35.57 23.55
N TYR H 103 34.64 34.24 23.43
CA TYR H 103 33.40 33.50 23.46
C TYR H 103 32.68 33.66 24.79
N TYR H 104 33.44 33.68 25.89
CA TYR H 104 32.83 33.85 27.19
C TYR H 104 32.34 35.28 27.39
N LEU H 105 33.17 36.26 27.02
CA LEU H 105 32.81 37.66 27.29
C LEU H 105 31.64 38.11 26.42
N ALA H 106 31.69 37.83 25.12
CA ALA H 106 30.68 38.34 24.21
C ALA H 106 29.33 37.66 24.44
N THR H 107 29.33 36.34 24.53
CA THR H 107 28.09 35.62 24.76
C THR H 107 27.63 35.81 26.20
N GLY H 108 26.32 35.66 26.41
CA GLY H 108 25.76 35.79 27.74
C GLY H 108 26.29 34.73 28.68
N GLY H 109 27.04 35.16 29.69
CA GLY H 109 27.66 34.21 30.59
C GLY H 109 28.62 33.29 29.85
N GLY H 110 28.48 31.99 30.09
CA GLY H 110 29.29 31.01 29.41
C GLY H 110 28.49 29.82 28.91
N ASP H 111 27.24 30.06 28.54
CA ASP H 111 26.33 29.01 28.13
C ASP H 111 26.34 28.86 26.61
N ILE H 112 26.25 27.61 26.14
CA ILE H 112 26.31 27.34 24.71
C ILE H 112 25.04 27.82 24.02
N SER H 113 23.92 27.81 24.74
CA SER H 113 22.60 27.98 24.14
C SER H 113 22.44 29.33 23.43
N GLN H 114 22.89 30.41 24.04
CA GLN H 114 22.76 31.72 23.42
C GLN H 114 23.54 31.78 22.11
N ALA H 115 24.77 31.26 22.11
CA ALA H 115 25.58 31.25 20.90
C ALA H 115 24.93 30.38 19.83
N GLU H 116 24.37 29.23 20.23
CA GLU H 116 23.71 28.37 19.27
C GLU H 116 22.50 29.06 18.65
N VAL H 117 21.72 29.78 19.45
CA VAL H 117 20.56 30.49 18.94
C VAL H 117 20.99 31.59 17.98
N LEU H 118 22.03 32.34 18.33
CA LEU H 118 22.51 33.39 17.44
C LEU H 118 23.01 32.80 16.12
N LEU H 119 23.71 31.67 16.19
CA LEU H 119 24.16 31.00 14.98
C LEU H 119 22.97 30.55 14.13
N LYS H 120 21.94 29.99 14.77
CA LYS H 120 20.74 29.59 14.05
C LYS H 120 20.14 30.78 13.31
N ARG H 121 19.99 31.90 14.01
CA ARG H 121 19.34 33.06 13.40
C ARG H 121 20.15 33.59 12.22
N LYS H 122 21.46 33.79 12.42
CA LYS H 122 22.28 34.34 11.35
C LYS H 122 22.32 33.42 10.14
N PHE H 123 22.56 32.12 10.38
CA PHE H 123 22.62 31.18 9.28
C PHE H 123 21.29 31.06 8.56
N SER H 124 20.18 31.05 9.31
CA SER H 124 18.87 30.96 8.67
C SER H 124 18.60 32.16 7.78
N ASP H 125 18.94 33.36 8.26
CA ASP H 125 18.73 34.55 7.43
C ASP H 125 19.60 34.49 6.17
N ARG H 126 20.88 34.15 6.33
CA ARG H 126 21.77 34.10 5.17
C ARG H 126 21.31 33.05 4.16
N LEU H 127 20.95 31.87 4.64
CA LEU H 127 20.47 30.80 3.76
C LEU H 127 19.17 31.18 3.09
N ARG H 128 18.27 31.84 3.80
CA ARG H 128 17.02 32.29 3.19
C ARG H 128 17.30 33.26 2.04
N SER H 129 18.19 34.21 2.27
CA SER H 129 18.55 35.14 1.19
C SER H 129 19.16 34.39 0.00
N GLU H 130 20.11 33.49 0.27
CA GLU H 130 20.80 32.79 -0.82
C GLU H 130 19.83 31.93 -1.62
N ILE H 131 18.96 31.18 -0.93
CA ILE H 131 18.01 30.32 -1.60
C ILE H 131 16.89 31.10 -2.28
N GLY H 132 16.62 32.32 -1.83
CA GLY H 132 15.72 33.18 -2.57
C GLY H 132 16.36 33.72 -3.84
N ARG H 133 17.69 33.86 -3.84
CA ARG H 133 18.37 34.29 -5.05
C ARG H 133 18.31 33.23 -6.15
N LEU H 134 18.30 31.96 -5.78
CA LEU H 134 18.38 30.86 -6.75
C LEU H 134 17.03 30.15 -6.87
N ASP H 135 16.93 29.30 -7.89
CA ASP H 135 15.75 28.49 -8.14
C ASP H 135 15.98 27.05 -7.68
N VAL H 136 14.98 26.21 -7.93
CA VAL H 136 15.04 24.83 -7.44
C VAL H 136 16.10 24.02 -8.19
N LYS H 137 16.22 24.25 -9.50
CA LYS H 137 17.14 23.44 -10.30
C LYS H 137 18.59 23.72 -9.91
N ASP H 138 18.94 24.98 -9.69
CA ASP H 138 20.31 25.31 -9.33
C ASP H 138 20.69 24.78 -7.96
N ILE H 139 19.74 24.75 -7.02
CA ILE H 139 20.05 24.27 -5.68
C ILE H 139 19.89 22.76 -5.55
N VAL H 140 19.27 22.09 -6.52
CA VAL H 140 19.08 20.65 -6.47
C VAL H 140 20.12 19.92 -7.32
N THR H 141 20.28 20.33 -8.57
CA THR H 141 21.14 19.58 -9.49
C THR H 141 22.61 19.73 -9.11
N ASP H 142 23.12 20.96 -9.14
CA ASP H 142 24.55 21.21 -8.95
C ASP H 142 24.75 22.19 -7.80
N SER H 143 24.87 21.66 -6.59
CA SER H 143 25.33 22.47 -5.47
C SER H 143 26.86 22.56 -5.48
N ARG H 144 27.52 21.41 -5.45
CA ARG H 144 28.98 21.32 -5.63
C ARG H 144 29.72 22.19 -4.61
N GLY H 145 29.09 22.38 -3.44
CA GLY H 145 29.68 23.24 -2.44
C GLY H 145 29.84 24.68 -2.89
N ARG H 146 28.84 25.22 -3.59
CA ARG H 146 28.84 26.61 -4.00
C ARG H 146 27.96 27.48 -3.12
N LEU H 147 26.68 27.12 -2.96
CA LEU H 147 25.83 27.82 -2.01
C LEU H 147 26.33 27.64 -0.59
N THR H 148 26.73 26.42 -0.23
CA THR H 148 27.19 26.14 1.12
C THR H 148 28.49 26.87 1.43
N LEU H 149 29.43 26.90 0.48
CA LEU H 149 30.67 27.64 0.70
C LEU H 149 30.40 29.13 0.83
N GLU H 150 29.47 29.65 0.03
CA GLU H 150 29.09 31.06 0.15
C GLU H 150 28.52 31.35 1.53
N VAL H 151 27.65 30.48 2.02
CA VAL H 151 27.09 30.68 3.35
C VAL H 151 28.19 30.62 4.41
N ARG H 152 29.12 29.67 4.28
CA ARG H 152 30.17 29.51 5.28
C ARG H 152 31.09 30.72 5.32
N ASP H 153 31.59 31.16 4.17
CA ASP H 153 32.52 32.29 4.19
C ASP H 153 31.79 33.62 4.34
N ALA H 154 30.46 33.64 4.24
CA ALA H 154 29.71 34.83 4.62
C ALA H 154 29.46 34.86 6.12
N LEU H 155 29.43 33.69 6.76
CA LEU H 155 29.32 33.65 8.21
C LEU H 155 30.62 34.02 8.88
N ASN H 156 31.75 33.54 8.33
CA ASN H 156 33.05 33.80 8.94
C ASN H 156 33.52 35.22 8.72
N SER H 157 32.85 35.99 7.87
CA SER H 157 33.21 37.38 7.62
C SER H 157 31.96 38.23 7.68
N GLY H 158 32.16 39.54 7.52
CA GLY H 158 31.04 40.46 7.46
C GLY H 158 30.60 40.73 6.05
N SER H 159 30.16 39.68 5.34
CA SER H 159 29.78 39.77 3.94
C SER H 159 28.26 39.75 3.82
N ALA H 160 27.72 40.70 3.07
CA ALA H 160 26.27 40.78 2.88
C ALA H 160 25.94 41.45 1.55
N PRO H 191 43.37 42.58 9.94
CA PRO H 191 43.65 43.09 11.29
C PRO H 191 42.37 43.34 12.09
N VAL H 192 41.63 44.39 11.72
CA VAL H 192 40.41 44.71 12.42
C VAL H 192 39.35 43.64 12.14
N ILE H 193 38.48 43.42 13.11
CA ILE H 193 37.39 42.45 13.01
C ILE H 193 36.12 43.19 12.61
N ASN H 194 35.42 42.67 11.61
CA ASN H 194 34.18 43.29 11.18
C ASN H 194 33.05 42.92 12.13
N PRO H 195 32.38 43.89 12.75
CA PRO H 195 31.23 43.56 13.59
C PRO H 195 30.08 42.99 12.77
N ASN H 196 29.09 42.48 13.50
CA ASN H 196 27.96 41.76 12.91
C ASN H 196 28.46 40.57 12.07
N SER H 197 29.61 40.03 12.47
CA SER H 197 30.19 38.87 11.83
C SER H 197 30.65 37.91 12.92
N MET H 198 30.63 36.62 12.60
CA MET H 198 30.92 35.61 13.61
C MET H 198 32.41 35.53 13.89
N ALA H 199 33.23 36.17 13.06
CA ALA H 199 34.66 36.29 13.40
C ALA H 199 34.84 37.14 14.65
N ALA H 200 34.11 38.25 14.75
CA ALA H 200 34.19 39.09 15.94
C ALA H 200 33.74 38.33 17.18
N LEU H 201 32.65 37.58 17.06
CA LEU H 201 32.25 36.66 18.12
C LEU H 201 33.27 35.53 18.24
N GLY H 202 33.38 34.98 19.44
CA GLY H 202 34.34 33.93 19.67
C GLY H 202 33.90 32.58 19.15
N ILE H 203 33.56 32.51 17.86
CA ILE H 203 33.07 31.29 17.23
C ILE H 203 33.60 31.24 15.80
N GLU H 204 33.86 30.04 15.32
CA GLU H 204 34.26 29.82 13.94
C GLU H 204 33.59 28.56 13.43
N VAL H 205 33.04 28.64 12.22
CA VAL H 205 32.34 27.53 11.59
C VAL H 205 33.31 26.85 10.63
N VAL H 206 33.35 25.52 10.69
CA VAL H 206 34.30 24.79 9.83
C VAL H 206 33.66 24.48 8.48
N ASP H 207 32.38 24.08 8.48
CA ASP H 207 31.67 23.89 7.23
C ASP H 207 30.17 23.91 7.49
N VAL H 208 29.41 24.15 6.42
CA VAL H 208 27.96 24.11 6.45
C VAL H 208 27.51 23.28 5.25
N ARG H 209 26.59 22.33 5.50
CA ARG H 209 26.12 21.46 4.43
C ARG H 209 24.64 21.19 4.61
N ILE H 210 23.99 20.86 3.50
CA ILE H 210 22.55 20.59 3.46
C ILE H 210 22.34 19.09 3.44
N LYS H 211 21.55 18.59 4.40
CA LYS H 211 21.29 17.16 4.47
C LYS H 211 20.21 16.74 3.49
N GLN H 212 18.99 17.26 3.63
CA GLN H 212 17.91 16.88 2.73
C GLN H 212 17.18 18.11 2.23
N ILE H 213 16.71 18.03 0.99
CA ILE H 213 15.87 19.05 0.37
C ILE H 213 14.52 18.38 0.09
N ASN H 214 13.59 18.52 1.03
CA ASN H 214 12.29 17.89 0.90
C ASN H 214 11.37 18.78 0.07
N LEU H 215 10.11 18.39 -0.02
CA LEU H 215 9.10 19.16 -0.74
C LEU H 215 7.81 19.12 0.06
N PRO H 216 6.95 20.14 -0.08
CA PRO H 216 5.65 20.08 0.58
C PRO H 216 4.80 18.96 0.03
N THR H 217 3.86 18.49 0.86
CA THR H 217 2.98 17.39 0.47
C THR H 217 2.10 17.72 -0.72
N GLU H 218 2.15 18.96 -1.24
CA GLU H 218 1.41 19.35 -2.42
C GLU H 218 2.25 19.24 -3.69
N VAL H 219 3.53 19.60 -3.61
CA VAL H 219 4.41 19.48 -4.76
C VAL H 219 4.73 18.01 -5.05
N SER H 220 4.94 17.22 -4.00
CA SER H 220 5.29 15.81 -4.18
C SER H 220 4.18 15.06 -4.89
N GLU H 221 2.93 15.38 -4.57
CA GLU H 221 1.81 14.75 -5.26
C GLU H 221 1.82 15.10 -6.74
N ALA H 222 2.15 16.36 -7.07
CA ALA H 222 2.23 16.75 -8.47
C ALA H 222 3.32 15.98 -9.19
N ILE H 223 4.49 15.82 -8.55
CA ILE H 223 5.58 15.09 -9.18
C ILE H 223 5.20 13.63 -9.38
N TYR H 224 4.56 13.02 -8.37
CA TYR H 224 4.12 11.64 -8.50
C TYR H 224 3.13 11.48 -9.63
N ASN H 225 2.19 12.40 -9.75
CA ASN H 225 1.21 12.35 -10.83
C ASN H 225 1.89 12.50 -12.18
N ARG H 226 2.88 13.39 -12.28
CA ARG H 226 3.59 13.57 -13.55
C ARG H 226 4.31 12.30 -13.96
N MET H 227 5.01 11.66 -13.03
CA MET H 227 5.72 10.42 -13.36
C MET H 227 4.74 9.31 -13.72
N ARG H 228 3.65 9.19 -12.97
CA ARG H 228 2.67 8.15 -13.27
C ARG H 228 2.06 8.36 -14.65
N ALA H 229 1.75 9.62 -14.99
CA ALA H 229 1.18 9.91 -16.31
C ALA H 229 2.18 9.62 -17.42
N GLU H 230 3.46 9.93 -17.22
CA GLU H 230 4.41 9.72 -18.30
C GLU H 230 4.72 8.23 -18.48
N ARG H 231 4.52 7.42 -17.43
CA ARG H 231 4.60 5.97 -17.63
C ARG H 231 3.34 5.42 -18.29
N GLU H 232 2.17 5.92 -17.88
CA GLU H 232 0.92 5.49 -18.51
C GLU H 232 0.89 5.87 -19.98
N ALA H 233 1.61 6.92 -20.37
CA ALA H 233 1.71 7.26 -21.78
C ALA H 233 2.37 6.14 -22.59
N VAL H 234 3.47 5.58 -22.07
CA VAL H 234 4.14 4.48 -22.73
C VAL H 234 3.25 3.25 -22.76
N ALA H 235 2.56 2.97 -21.65
CA ALA H 235 1.64 1.83 -21.63
C ALA H 235 0.55 1.98 -22.69
N ARG H 236 -0.04 3.17 -22.78
CA ARG H 236 -1.07 3.43 -23.77
C ARG H 236 -0.53 3.31 -25.18
N ARG H 237 0.70 3.77 -25.41
CA ARG H 237 1.29 3.66 -26.74
C ARG H 237 1.45 2.20 -27.15
N HIS H 238 1.94 1.36 -26.23
CA HIS H 238 2.10 -0.06 -26.55
C HIS H 238 0.76 -0.70 -26.85
N ARG H 239 -0.25 -0.44 -26.00
CA ARG H 239 -1.55 -1.05 -26.23
C ARG H 239 -2.16 -0.58 -27.55
N SER H 240 -2.03 0.71 -27.87
CA SER H 240 -2.57 1.24 -29.11
C SER H 240 -1.89 0.63 -30.33
N GLN H 241 -0.56 0.47 -30.27
CA GLN H 241 0.13 -0.17 -31.38
C GLN H 241 -0.36 -1.61 -31.58
N GLY H 242 -0.51 -2.35 -30.47
CA GLY H 242 -1.02 -3.70 -30.58
C GLY H 242 -2.41 -3.76 -31.20
N GLN H 243 -3.30 -2.88 -30.75
CA GLN H 243 -4.67 -2.87 -31.28
C GLN H 243 -4.69 -2.49 -32.76
N GLU H 244 -3.86 -1.53 -33.15
CA GLU H 244 -3.81 -1.14 -34.57
C GLU H 244 -3.31 -2.28 -35.44
N GLU H 245 -2.28 -2.99 -34.99
CA GLU H 245 -1.82 -4.15 -35.75
C GLU H 245 -2.90 -5.22 -35.85
N ALA H 246 -3.62 -5.45 -34.75
CA ALA H 246 -4.70 -6.43 -34.78
C ALA H 246 -5.78 -6.03 -35.78
N GLU H 247 -6.14 -4.74 -35.81
CA GLU H 247 -7.16 -4.29 -36.75
C GLU H 247 -6.70 -4.45 -38.19
N LYS H 248 -5.43 -4.14 -38.47
CA LYS H 248 -4.93 -4.34 -39.84
C LYS H 248 -4.97 -5.80 -40.25
N LEU H 249 -4.57 -6.70 -39.34
CA LEU H 249 -4.62 -8.13 -39.65
C LEU H 249 -6.06 -8.58 -39.91
N ARG H 250 -7.00 -8.13 -39.09
CA ARG H 250 -8.40 -8.49 -39.31
C ARG H 250 -8.89 -7.98 -40.66
N ALA H 251 -8.51 -6.75 -41.03
CA ALA H 251 -8.95 -6.20 -42.31
C ALA H 251 -8.42 -7.03 -43.47
N THR H 252 -7.15 -7.41 -43.44
CA THR H 252 -6.62 -8.20 -44.56
C THR H 252 -7.23 -9.59 -44.59
N ALA H 253 -7.53 -10.17 -43.42
CA ALA H 253 -8.21 -11.46 -43.40
C ALA H 253 -9.58 -11.37 -44.05
N ASP H 254 -10.33 -10.30 -43.73
CA ASP H 254 -11.65 -10.12 -44.33
C ASP H 254 -11.53 -9.94 -45.84
N TYR H 255 -10.51 -9.22 -46.30
CA TYR H 255 -10.30 -9.07 -47.73
C TYR H 255 -10.06 -10.41 -48.40
N GLU H 256 -9.23 -11.26 -47.79
CA GLU H 256 -8.96 -12.58 -48.37
C GLU H 256 -10.23 -13.41 -48.43
N VAL H 257 -11.03 -13.37 -47.37
CA VAL H 257 -12.29 -14.11 -47.36
C VAL H 257 -13.21 -13.65 -48.48
N THR H 258 -13.34 -12.33 -48.66
CA THR H 258 -14.19 -11.81 -49.72
C THR H 258 -13.67 -12.24 -51.09
N ARG H 259 -12.35 -12.22 -51.28
CA ARG H 259 -11.78 -12.63 -52.56
C ARG H 259 -12.12 -14.09 -52.86
N THR H 260 -11.93 -14.98 -51.88
CA THR H 260 -12.23 -16.40 -52.11
C THR H 260 -13.70 -16.60 -52.43
N LEU H 261 -14.58 -15.95 -51.67
CA LEU H 261 -16.02 -16.11 -51.91
C LEU H 261 -16.40 -15.59 -53.28
N ALA H 262 -15.82 -14.47 -53.71
CA ALA H 262 -16.14 -13.93 -55.03
C ALA H 262 -15.66 -14.86 -56.13
N GLU H 263 -14.47 -15.44 -55.98
CA GLU H 263 -13.99 -16.38 -56.99
C GLU H 263 -14.90 -17.60 -57.09
N ALA H 264 -15.31 -18.14 -55.95
CA ALA H 264 -16.21 -19.29 -55.97
C ALA H 264 -17.54 -18.94 -56.60
N GLU H 265 -18.07 -17.75 -56.30
CA GLU H 265 -19.34 -17.34 -56.90
C GLU H 265 -19.20 -17.17 -58.40
N ARG H 266 -18.07 -16.66 -58.87
CA ARG H 266 -17.85 -16.54 -60.31
C ARG H 266 -17.84 -17.91 -60.99
N GLN H 267 -17.15 -18.88 -60.39
CA GLN H 267 -17.15 -20.22 -60.95
C GLN H 267 -18.56 -20.81 -60.98
N GLY H 268 -19.32 -20.61 -59.90
CA GLY H 268 -20.68 -21.08 -59.88
C GLY H 268 -21.54 -20.44 -60.95
N ARG H 269 -21.35 -19.14 -61.19
CA ARG H 269 -22.11 -18.47 -62.24
C ARG H 269 -21.76 -19.05 -63.61
N ILE H 270 -20.48 -19.33 -63.85
CA ILE H 270 -20.09 -19.92 -65.12
C ILE H 270 -20.77 -21.28 -65.30
N MET H 271 -20.76 -22.10 -64.24
CA MET H 271 -21.35 -23.43 -64.32
C MET H 271 -22.86 -23.36 -64.57
N ARG H 272 -23.56 -22.48 -63.86
CA ARG H 272 -24.98 -22.28 -64.12
C ARG H 272 -25.22 -21.79 -65.53
N GLY H 273 -24.35 -20.95 -66.06
CA GLY H 273 -24.48 -20.53 -67.45
C GLY H 273 -24.38 -21.67 -68.43
N GLU H 274 -23.43 -22.59 -68.18
CA GLU H 274 -23.34 -23.79 -69.02
C GLU H 274 -24.63 -24.59 -68.96
N GLY H 275 -25.17 -24.77 -67.75
CA GLY H 275 -26.42 -25.52 -67.62
C GLY H 275 -27.56 -24.86 -68.36
N ASP H 276 -27.67 -23.54 -68.23
CA ASP H 276 -28.75 -22.82 -68.91
C ASP H 276 -28.60 -22.90 -70.42
N ALA H 277 -27.37 -22.82 -70.93
CA ALA H 277 -27.17 -22.95 -72.37
C ALA H 277 -27.58 -24.33 -72.87
N GLU H 278 -27.21 -25.38 -72.13
CA GLU H 278 -27.61 -26.72 -72.54
C GLU H 278 -29.12 -26.89 -72.53
N ALA H 279 -29.77 -26.38 -71.48
CA ALA H 279 -31.23 -26.47 -71.41
C ALA H 279 -31.89 -25.70 -72.55
N ALA H 280 -31.34 -24.52 -72.88
CA ALA H 280 -31.88 -23.74 -73.99
C ALA H 280 -31.75 -24.48 -75.30
N LYS H 281 -30.61 -25.14 -75.53
CA LYS H 281 -30.44 -25.93 -76.74
C LYS H 281 -31.47 -27.05 -76.81
N LEU H 282 -31.66 -27.75 -75.70
CA LEU H 282 -32.64 -28.84 -75.68
C LEU H 282 -34.04 -28.31 -75.97
N PHE H 283 -34.42 -27.21 -75.33
CA PHE H 283 -35.76 -26.66 -75.52
C PHE H 283 -35.98 -26.21 -76.96
N ALA H 284 -34.97 -25.57 -77.55
CA ALA H 284 -35.10 -25.14 -78.95
C ALA H 284 -35.27 -26.34 -79.87
N ASP H 285 -34.39 -27.34 -79.71
CA ASP H 285 -34.46 -28.52 -80.58
C ASP H 285 -35.79 -29.24 -80.44
N ALA H 286 -36.38 -29.23 -79.24
CA ALA H 286 -37.65 -29.91 -79.04
C ALA H 286 -38.81 -29.10 -79.62
N PHE H 287 -38.92 -27.83 -79.23
CA PHE H 287 -40.09 -27.03 -79.58
C PHE H 287 -40.03 -26.46 -80.99
N SER H 288 -38.93 -26.65 -81.72
CA SER H 288 -38.93 -26.22 -83.11
C SER H 288 -39.92 -27.01 -83.97
N LYS H 289 -40.40 -28.16 -83.49
CA LYS H 289 -41.36 -28.94 -84.27
C LYS H 289 -42.66 -28.17 -84.49
N ASP H 290 -43.17 -27.53 -83.45
CA ASP H 290 -44.40 -26.76 -83.54
C ASP H 290 -44.38 -25.64 -82.51
N PRO H 291 -44.15 -24.40 -82.93
CA PRO H 291 -44.03 -23.30 -81.95
C PRO H 291 -45.37 -22.84 -81.39
N ASP H 292 -46.41 -22.84 -82.22
CA ASP H 292 -47.71 -22.32 -81.77
C ASP H 292 -48.30 -23.17 -80.64
N PHE H 293 -48.25 -24.50 -80.80
CA PHE H 293 -48.78 -25.36 -79.75
C PHE H 293 -47.98 -25.23 -78.47
N TYR H 294 -46.65 -25.11 -78.57
CA TYR H 294 -45.84 -24.91 -77.38
C TYR H 294 -46.19 -23.59 -76.70
N ALA H 295 -46.38 -22.53 -77.48
CA ALA H 295 -46.78 -21.26 -76.89
C ALA H 295 -48.11 -21.39 -76.17
N PHE H 296 -49.07 -22.08 -76.79
CA PHE H 296 -50.37 -22.29 -76.17
C PHE H 296 -50.23 -23.02 -74.83
N ILE H 297 -49.51 -24.14 -74.82
CA ILE H 297 -49.38 -24.95 -73.61
C ILE H 297 -48.64 -24.17 -72.52
N ARG H 298 -47.53 -23.52 -72.89
CA ARG H 298 -46.73 -22.81 -71.91
C ARG H 298 -47.48 -21.62 -71.34
N SER H 299 -48.22 -20.89 -72.17
CA SER H 299 -49.02 -19.78 -71.68
C SER H 299 -50.13 -20.27 -70.76
N LEU H 300 -50.77 -21.40 -71.09
CA LEU H 300 -51.79 -21.94 -70.19
C LEU H 300 -51.19 -22.31 -68.84
N ARG H 301 -50.02 -22.96 -68.84
CA ARG H 301 -49.38 -23.30 -67.59
C ARG H 301 -48.97 -22.05 -66.81
N ALA H 302 -48.53 -21.01 -67.51
CA ALA H 302 -48.19 -19.75 -66.86
C ALA H 302 -49.41 -19.11 -66.21
N TYR H 303 -50.55 -19.14 -66.90
CA TYR H 303 -51.79 -18.64 -66.31
C TYR H 303 -52.16 -19.42 -65.07
N GLU H 304 -52.02 -20.75 -65.12
CA GLU H 304 -52.31 -21.57 -63.95
C GLU H 304 -51.39 -21.22 -62.79
N ASN H 305 -50.09 -21.03 -63.06
CA ASN H 305 -49.13 -20.82 -62.00
C ASN H 305 -49.21 -19.43 -61.39
N SER H 306 -49.37 -18.40 -62.22
CA SER H 306 -49.35 -17.03 -61.72
C SER H 306 -50.57 -16.74 -60.85
N PHE H 307 -51.75 -17.16 -61.30
CA PHE H 307 -52.99 -16.91 -60.58
C PHE H 307 -53.22 -17.90 -59.45
N SER H 308 -52.28 -18.81 -59.18
CA SER H 308 -52.49 -19.83 -58.16
C SER H 308 -52.68 -19.21 -56.78
N GLY H 309 -52.09 -18.04 -56.55
CA GLY H 309 -52.27 -17.36 -55.27
C GLY H 309 -53.60 -16.63 -55.25
N ASN H 310 -54.37 -16.84 -54.18
CA ASN H 310 -55.68 -16.20 -54.03
C ASN H 310 -55.50 -14.80 -53.45
N GLN H 311 -54.86 -13.93 -54.23
CA GLN H 311 -54.64 -12.56 -53.83
C GLN H 311 -55.08 -11.53 -54.85
N ASP H 312 -55.60 -11.94 -56.00
CA ASP H 312 -55.94 -11.02 -57.08
C ASP H 312 -57.44 -11.01 -57.33
N VAL H 313 -57.87 -10.04 -58.13
CA VAL H 313 -59.28 -9.81 -58.43
C VAL H 313 -59.44 -9.70 -59.94
N MET H 314 -60.38 -10.45 -60.50
CA MET H 314 -60.65 -10.41 -61.92
C MET H 314 -62.06 -9.88 -62.17
N VAL H 315 -62.20 -9.09 -63.24
CA VAL H 315 -63.46 -8.44 -63.57
C VAL H 315 -63.79 -8.80 -65.01
N MET H 316 -64.67 -9.79 -65.18
CA MET H 316 -65.12 -10.22 -66.50
C MET H 316 -66.46 -9.58 -66.83
N SER H 317 -67.08 -10.03 -67.92
CA SER H 317 -68.40 -9.59 -68.32
C SER H 317 -69.19 -10.80 -68.78
N PRO H 318 -70.52 -10.79 -68.64
CA PRO H 318 -71.32 -11.91 -69.14
C PRO H 318 -71.24 -12.09 -70.65
N ASP H 319 -70.85 -11.06 -71.38
CA ASP H 319 -70.69 -11.14 -72.83
C ASP H 319 -69.36 -11.76 -73.23
N SER H 320 -68.49 -12.06 -72.27
CA SER H 320 -67.18 -12.63 -72.58
C SER H 320 -67.35 -13.96 -73.30
N ASP H 321 -66.34 -14.31 -74.10
CA ASP H 321 -66.43 -15.51 -74.91
C ASP H 321 -66.44 -16.78 -74.06
N PHE H 322 -65.69 -16.79 -72.96
CA PHE H 322 -65.72 -17.95 -72.08
C PHE H 322 -67.09 -18.17 -71.48
N PHE H 323 -67.78 -17.08 -71.12
CA PHE H 323 -69.12 -17.16 -70.54
C PHE H 323 -70.21 -17.10 -71.59
N ARG H 324 -69.92 -17.53 -72.83
CA ARG H 324 -70.92 -17.50 -73.88
C ARG H 324 -71.99 -18.57 -73.70
N TYR H 325 -71.74 -19.61 -72.92
CA TYR H 325 -72.72 -20.64 -72.65
C TYR H 325 -73.54 -20.36 -71.40
N MET H 326 -73.29 -19.25 -70.72
CA MET H 326 -74.12 -18.82 -69.61
C MET H 326 -75.39 -18.13 -70.07
N LYS H 327 -75.46 -17.71 -71.34
CA LYS H 327 -76.68 -17.17 -71.92
C LYS H 327 -77.60 -18.32 -72.33
N THR H 328 -78.89 -18.00 -72.42
CA THR H 328 -79.87 -19.01 -72.75
C THR H 328 -79.69 -19.48 -74.20
N PRO H 329 -79.95 -20.77 -74.47
CA PRO H 329 -79.88 -21.32 -75.83
C PRO H 329 -80.89 -20.67 -76.78
N MET I 1 11.56 23.66 91.39
CA MET I 1 12.70 22.81 91.03
C MET I 1 12.95 22.83 89.52
N ARG I 2 13.75 21.87 89.04
CA ARG I 2 14.09 21.82 87.63
C ARG I 2 12.85 21.63 86.75
N LYS I 3 11.84 20.92 87.27
CA LYS I 3 10.60 20.76 86.52
C LYS I 3 9.92 22.11 86.30
N SER I 4 9.89 22.96 87.34
CA SER I 4 9.30 24.28 87.20
C SER I 4 10.09 25.13 86.21
N VAL I 5 11.43 25.00 86.23
CA VAL I 5 12.27 25.74 85.28
C VAL I 5 11.97 25.29 83.85
N ILE I 6 11.85 23.98 83.65
CA ILE I 6 11.53 23.47 82.31
C ILE I 6 10.16 23.98 81.87
N ALA I 7 9.17 23.95 82.77
CA ALA I 7 7.84 24.44 82.42
C ALA I 7 7.87 25.91 82.04
N ILE I 8 8.58 26.74 82.80
CA ILE I 8 8.58 28.17 82.53
C ILE I 8 9.33 28.46 81.23
N ILE I 9 10.43 27.75 80.96
CA ILE I 9 11.16 28.02 79.73
C ILE I 9 10.35 27.58 78.51
N ILE I 10 9.68 26.43 78.60
CA ILE I 10 8.87 26.01 77.45
C ILE I 10 7.68 26.94 77.27
N ILE I 11 7.13 27.47 78.37
CA ILE I 11 5.98 28.36 78.24
C ILE I 11 6.39 29.69 77.62
N VAL I 12 7.56 30.22 78.00
CA VAL I 12 8.01 31.46 77.38
C VAL I 12 8.40 31.23 75.92
N LEU I 13 8.93 30.05 75.61
CA LEU I 13 9.24 29.73 74.22
C LEU I 13 7.97 29.65 73.37
N VAL I 14 6.92 29.01 73.88
CA VAL I 14 5.69 28.93 73.09
C VAL I 14 5.02 30.28 73.01
N VAL I 15 5.16 31.12 74.04
CA VAL I 15 4.66 32.49 73.96
C VAL I 15 5.39 33.25 72.85
N LEU I 16 6.71 33.09 72.77
CA LEU I 16 7.47 33.74 71.71
C LEU I 16 7.05 33.22 70.34
N TYR I 17 6.80 31.91 70.23
CA TYR I 17 6.36 31.34 68.97
C TYR I 17 4.99 31.88 68.55
N MET I 18 4.10 32.07 69.53
CA MET I 18 2.79 32.63 69.22
C MET I 18 2.87 34.12 68.92
N SER I 19 3.94 34.78 69.40
CA SER I 19 4.04 36.22 69.22
C SER I 19 5.04 36.59 68.14
N VAL I 20 5.68 35.60 67.52
CA VAL I 20 6.63 35.91 66.46
C VAL I 20 5.87 36.42 65.23
N PHE I 21 6.47 37.38 64.54
CA PHE I 21 5.91 37.95 63.33
C PHE I 21 6.94 37.90 62.21
N VAL I 22 6.53 37.39 61.06
CA VAL I 22 7.40 37.28 59.89
C VAL I 22 6.69 37.92 58.70
N VAL I 23 7.42 38.75 57.96
CA VAL I 23 6.92 39.39 56.76
C VAL I 23 7.92 39.10 55.63
N LYS I 24 7.42 38.58 54.52
CA LYS I 24 8.25 38.19 53.39
C LYS I 24 8.60 39.43 52.57
N GLU I 25 9.67 39.32 51.78
CA GLU I 25 10.15 40.43 50.96
C GLU I 25 9.11 40.89 49.95
N GLY I 26 8.33 39.93 49.43
CA GLY I 26 7.41 40.26 48.35
C GLY I 26 6.30 41.20 48.76
N GLU I 27 5.73 41.00 49.95
CA GLU I 27 4.52 41.70 50.37
C GLU I 27 4.77 42.47 51.66
N ARG I 28 4.02 43.54 51.85
CA ARG I 28 4.01 44.30 53.10
C ARG I 28 2.67 44.13 53.80
N GLY I 29 2.71 43.65 55.04
CA GLY I 29 1.49 43.38 55.77
C GLY I 29 1.40 44.09 57.09
N ILE I 30 0.23 44.62 57.42
CA ILE I 30 0.03 45.32 58.68
C ILE I 30 -0.89 44.50 59.58
N THR I 31 -0.75 44.71 60.89
CA THR I 31 -1.52 43.96 61.86
C THR I 31 -3.00 44.30 61.77
N LEU I 32 -3.86 43.34 62.13
CA LEU I 32 -5.30 43.50 62.08
C LEU I 32 -5.87 43.25 63.48
N ARG I 33 -5.87 44.29 64.30
CA ARG I 33 -6.61 44.28 65.56
C ARG I 33 -8.08 44.60 65.27
N PHE I 34 -8.96 44.07 66.11
CA PHE I 34 -10.39 44.21 65.86
C PHE I 34 -10.81 45.69 65.83
N GLY I 35 -10.20 46.52 66.67
CA GLY I 35 -10.67 47.88 66.82
C GLY I 35 -9.77 49.03 66.37
N LYS I 36 -8.45 48.91 66.56
CA LYS I 36 -7.63 50.12 66.63
C LYS I 36 -6.58 50.23 65.51
N VAL I 37 -6.29 49.18 64.74
CA VAL I 37 -5.27 49.30 63.71
C VAL I 37 -5.66 50.35 62.67
N LEU I 38 -6.95 50.57 62.48
CA LEU I 38 -7.40 51.70 61.68
C LEU I 38 -7.05 52.99 62.39
N ARG I 39 -6.53 53.96 61.62
CA ARG I 39 -6.09 55.26 62.10
C ARG I 39 -4.92 55.17 63.07
N ASP I 40 -4.10 54.13 62.97
CA ASP I 40 -2.86 54.11 63.74
C ASP I 40 -1.92 55.20 63.26
N ASP I 41 -1.07 55.68 64.17
CA ASP I 41 -0.10 56.73 63.88
C ASP I 41 -0.79 57.94 63.24
N ASP I 42 -1.80 58.45 63.95
CA ASP I 42 -2.58 59.62 63.53
C ASP I 42 -3.31 59.25 62.24
N ASN I 43 -3.19 60.00 61.16
CA ASN I 43 -3.99 59.76 59.97
C ASN I 43 -3.53 58.51 59.22
N LYS I 44 -2.23 58.35 59.04
CA LYS I 44 -1.69 57.28 58.19
C LYS I 44 -1.37 56.06 59.03
N PRO I 45 -2.03 54.92 58.79
CA PRO I 45 -1.71 53.70 59.55
C PRO I 45 -0.29 53.22 59.28
N LEU I 46 0.20 52.36 60.17
CA LEU I 46 1.55 51.84 60.07
C LEU I 46 1.72 51.02 58.79
N VAL I 47 2.92 51.07 58.23
CA VAL I 47 3.19 50.35 56.99
C VAL I 47 3.72 48.94 57.27
N TYR I 48 4.60 48.81 58.28
CA TYR I 48 5.20 47.52 58.64
C TYR I 48 5.95 46.89 57.47
N GLU I 49 7.05 47.53 57.06
CA GLU I 49 7.96 47.03 56.04
C GLU I 49 8.44 45.62 56.38
N PRO I 50 8.91 44.84 55.40
CA PRO I 50 9.28 43.46 55.69
C PRO I 50 10.41 43.35 56.70
N GLY I 51 10.34 42.34 57.54
CA GLY I 51 11.31 42.14 58.60
C GLY I 51 10.65 41.51 59.81
N LEU I 52 11.45 41.32 60.85
CA LEU I 52 10.95 40.77 62.10
C LEU I 52 10.12 41.80 62.84
N HIS I 53 9.08 41.33 63.53
CA HIS I 53 8.21 42.19 64.32
C HIS I 53 7.65 41.39 65.48
N PHE I 54 7.07 42.12 66.44
CA PHE I 54 6.49 41.51 67.63
C PHE I 54 5.00 41.86 67.69
N LYS I 55 4.18 40.89 68.07
CA LYS I 55 2.74 41.04 68.06
C LYS I 55 2.15 40.53 69.36
N ILE I 56 1.04 41.16 69.77
CA ILE I 56 0.25 40.71 70.90
C ILE I 56 -0.49 39.44 70.46
N PRO I 57 -0.52 38.38 71.28
CA PRO I 57 -0.98 37.08 70.76
C PRO I 57 -2.39 37.06 70.19
N PHE I 58 -3.36 37.68 70.87
CA PHE I 58 -4.77 37.52 70.46
C PHE I 58 -5.50 38.82 70.16
N ILE I 59 -4.96 39.99 70.48
CA ILE I 59 -5.71 41.23 70.26
C ILE I 59 -5.76 41.56 68.77
N GLU I 60 -4.85 40.98 67.99
CA GLU I 60 -4.75 41.29 66.57
C GLU I 60 -4.58 40.01 65.77
N THR I 61 -4.76 40.13 64.46
CA THR I 61 -4.70 39.00 63.54
C THR I 61 -3.76 39.34 62.39
N VAL I 62 -3.02 38.33 61.91
CA VAL I 62 -2.09 38.55 60.82
C VAL I 62 -2.82 38.66 59.49
N LYS I 63 -2.38 39.60 58.65
CA LYS I 63 -2.85 39.70 57.27
C LYS I 63 -1.82 40.48 56.46
N MET I 64 -1.71 40.16 55.18
CA MET I 64 -0.67 40.67 54.31
C MET I 64 -1.27 41.38 53.11
N LEU I 65 -0.59 42.43 52.65
CA LEU I 65 -0.92 43.12 51.42
C LEU I 65 0.21 42.92 50.42
N ASP I 66 -0.12 42.45 49.22
CA ASP I 66 0.89 42.19 48.21
C ASP I 66 1.50 43.50 47.75
N ALA I 67 2.78 43.46 47.38
CA ALA I 67 3.52 44.66 47.03
C ALA I 67 4.27 44.53 45.71
N ARG I 68 3.65 43.89 44.72
CA ARG I 68 4.24 43.78 43.39
C ARG I 68 3.12 43.85 42.37
N ILE I 69 3.49 43.98 41.10
CA ILE I 69 2.52 44.21 40.04
C ILE I 69 1.57 43.03 39.93
N GLN I 70 0.27 43.33 39.86
CA GLN I 70 -0.75 42.32 39.61
C GLN I 70 -1.33 42.52 38.23
N THR I 71 -1.87 41.45 37.66
CA THR I 71 -2.50 41.46 36.35
C THR I 71 -3.99 41.16 36.51
N MET I 72 -4.83 41.97 35.88
CA MET I 72 -6.26 41.74 35.82
C MET I 72 -6.69 41.69 34.36
N ASP I 73 -7.34 40.60 33.97
CA ASP I 73 -7.71 40.34 32.58
C ASP I 73 -9.22 40.46 32.43
N ASN I 74 -9.66 41.14 31.37
CA ASN I 74 -11.07 41.19 31.02
C ASN I 74 -11.31 40.18 29.90
N GLN I 75 -11.97 39.08 30.23
CA GLN I 75 -12.08 37.96 29.30
C GLN I 75 -12.84 38.36 28.04
N ALA I 76 -13.94 39.09 28.19
CA ALA I 76 -14.72 39.51 27.04
C ALA I 76 -15.36 40.86 27.34
N ASP I 77 -15.58 41.63 26.27
CA ASP I 77 -16.19 42.94 26.38
C ASP I 77 -16.86 43.28 25.05
N ARG I 78 -17.76 44.25 25.09
CA ARG I 78 -18.46 44.72 23.90
C ARG I 78 -18.33 46.24 23.84
N PHE I 79 -17.86 46.75 22.71
CA PHE I 79 -17.65 48.18 22.51
C PHE I 79 -18.25 48.60 21.18
N VAL I 80 -18.75 49.82 21.12
CA VAL I 80 -19.31 50.36 19.88
C VAL I 80 -18.36 51.42 19.35
N THR I 81 -17.86 51.20 18.13
CA THR I 81 -16.97 52.16 17.50
C THR I 81 -17.75 53.35 16.95
N LYS I 82 -17.03 54.26 16.29
CA LYS I 82 -17.67 55.45 15.75
C LYS I 82 -18.68 55.11 14.68
N GLU I 83 -18.37 54.15 13.81
CA GLU I 83 -19.26 53.76 12.73
C GLU I 83 -20.28 52.71 13.15
N LYS I 84 -20.54 52.58 14.46
CA LYS I 84 -21.61 51.72 14.98
C LYS I 84 -21.40 50.25 14.61
N LYS I 85 -20.15 49.80 14.69
CA LYS I 85 -19.81 48.40 14.51
C LYS I 85 -19.30 47.82 15.81
N ASP I 86 -19.92 46.74 16.27
CA ASP I 86 -19.54 46.14 17.54
C ASP I 86 -18.14 45.53 17.45
N LEU I 87 -17.41 45.59 18.56
CA LEU I 87 -16.07 45.04 18.66
C LEU I 87 -15.93 44.38 20.02
N ILE I 88 -15.15 43.30 20.08
CA ILE I 88 -14.89 42.59 21.33
C ILE I 88 -13.41 42.73 21.64
N VAL I 89 -13.10 43.28 22.81
CA VAL I 89 -11.72 43.54 23.20
C VAL I 89 -11.40 42.71 24.44
N ASP I 90 -10.38 41.85 24.32
CA ASP I 90 -9.83 41.11 25.44
C ASP I 90 -8.49 41.75 25.79
N SER I 91 -8.41 42.35 26.96
CA SER I 91 -7.25 43.13 27.35
C SER I 91 -6.91 42.88 28.82
N TYR I 92 -5.63 43.05 29.14
CA TYR I 92 -5.12 42.86 30.48
C TYR I 92 -4.49 44.16 30.96
N ILE I 93 -4.62 44.45 32.25
CA ILE I 93 -4.06 45.64 32.86
C ILE I 93 -3.15 45.21 34.00
N LYS I 94 -2.02 45.89 34.13
CA LYS I 94 -1.07 45.64 35.21
C LYS I 94 -1.07 46.82 36.17
N TRP I 95 -1.30 46.53 37.44
CA TRP I 95 -1.42 47.56 38.47
C TRP I 95 -0.52 47.25 39.65
N ARG I 96 0.05 48.31 40.23
CA ARG I 96 0.94 48.22 41.37
C ARG I 96 0.38 49.07 42.50
N ILE I 97 0.43 48.54 43.72
CA ILE I 97 -0.02 49.30 44.88
C ILE I 97 0.97 50.43 45.13
N SER I 98 0.50 51.66 45.02
CA SER I 98 1.37 52.83 45.18
C SER I 98 1.58 53.17 46.65
N ASP I 99 0.51 53.50 47.36
CA ASP I 99 0.56 53.79 48.78
C ASP I 99 -0.34 52.80 49.51
N PHE I 100 0.24 52.10 50.49
CA PHE I 100 -0.47 50.98 51.11
C PHE I 100 -1.57 51.43 52.05
N SER I 101 -1.32 52.47 52.85
CA SER I 101 -2.32 52.92 53.81
C SER I 101 -3.60 53.39 53.12
N ARG I 102 -3.44 54.22 52.07
CA ARG I 102 -4.61 54.70 51.35
C ARG I 102 -5.28 53.57 50.57
N TYR I 103 -4.49 52.62 50.09
CA TYR I 103 -5.07 51.44 49.43
C TYR I 103 -5.95 50.65 50.38
N TYR I 104 -5.50 50.47 51.62
CA TYR I 104 -6.30 49.73 52.59
C TYR I 104 -7.54 50.53 52.99
N LEU I 105 -7.37 51.81 53.27
CA LEU I 105 -8.49 52.61 53.77
C LEU I 105 -9.56 52.82 52.71
N ALA I 106 -9.15 53.12 51.47
CA ALA I 106 -10.12 53.44 50.43
C ALA I 106 -10.92 52.22 50.00
N THR I 107 -10.25 51.08 49.83
CA THR I 107 -10.95 49.85 49.52
C THR I 107 -11.74 49.37 50.73
N GLY I 108 -12.85 48.69 50.46
CA GLY I 108 -13.68 48.19 51.54
C GLY I 108 -12.94 47.20 52.42
N GLY I 109 -12.15 46.32 51.82
CA GLY I 109 -11.39 45.33 52.56
C GLY I 109 -9.97 45.23 52.03
N GLY I 110 -9.14 44.51 52.80
CA GLY I 110 -7.77 44.28 52.38
C GLY I 110 -7.69 43.36 51.18
N ASP I 111 -8.76 42.60 50.91
CA ASP I 111 -8.79 41.70 49.78
C ASP I 111 -8.67 42.48 48.48
N ILE I 112 -7.99 41.89 47.50
CA ILE I 112 -7.72 42.60 46.25
C ILE I 112 -8.94 42.62 45.36
N SER I 113 -10.00 41.88 45.73
CA SER I 113 -11.19 41.80 44.90
C SER I 113 -11.87 43.15 44.72
N GLN I 114 -12.00 43.91 45.81
CA GLN I 114 -12.67 45.21 45.74
C GLN I 114 -11.88 46.19 44.87
N ALA I 115 -10.56 46.25 45.07
CA ALA I 115 -9.73 47.10 44.24
C ALA I 115 -9.78 46.65 42.78
N GLU I 116 -9.82 45.35 42.55
CA GLU I 116 -9.88 44.82 41.19
C GLU I 116 -11.17 45.24 40.50
N VAL I 117 -12.31 45.13 41.19
CA VAL I 117 -13.57 45.51 40.55
C VAL I 117 -13.64 47.02 40.34
N LEU I 118 -13.10 47.81 41.27
CA LEU I 118 -13.07 49.26 41.07
C LEU I 118 -12.22 49.61 39.84
N LEU I 119 -11.04 48.98 39.73
CA LEU I 119 -10.17 49.23 38.60
C LEU I 119 -10.82 48.78 37.30
N LYS I 120 -11.48 47.63 37.31
CA LYS I 120 -12.16 47.16 36.11
C LYS I 120 -13.25 48.12 35.68
N ARG I 121 -14.06 48.59 36.63
CA ARG I 121 -15.11 49.55 36.30
C ARG I 121 -14.54 50.84 35.70
N LYS I 122 -13.54 51.42 36.36
CA LYS I 122 -12.99 52.68 35.86
C LYS I 122 -12.31 52.51 34.51
N PHE I 123 -11.54 51.43 34.35
CA PHE I 123 -10.86 51.19 33.09
C PHE I 123 -11.84 50.93 31.96
N SER I 124 -12.90 50.17 32.22
CA SER I 124 -13.91 49.92 31.19
C SER I 124 -14.63 51.21 30.82
N ASP I 125 -14.95 52.05 31.80
CA ASP I 125 -15.58 53.33 31.51
C ASP I 125 -14.69 54.17 30.61
N ARG I 126 -13.42 54.31 30.98
CA ARG I 126 -12.51 55.14 30.18
C ARG I 126 -12.31 54.54 28.79
N LEU I 127 -12.22 53.22 28.70
CA LEU I 127 -12.01 52.57 27.41
C LEU I 127 -13.22 52.77 26.50
N ARG I 128 -14.44 52.67 27.04
CA ARG I 128 -15.61 52.88 26.20
C ARG I 128 -15.79 54.35 25.86
N SER I 129 -15.25 55.24 26.69
CA SER I 129 -15.24 56.66 26.34
C SER I 129 -14.26 56.95 25.20
N GLU I 130 -13.11 56.27 25.21
CA GLU I 130 -12.06 56.56 24.24
C GLU I 130 -12.33 55.87 22.90
N ILE I 131 -12.67 54.58 22.92
CA ILE I 131 -12.80 53.81 21.69
C ILE I 131 -13.97 54.27 20.84
N GLY I 132 -14.95 54.96 21.43
CA GLY I 132 -16.12 55.38 20.67
C GLY I 132 -15.80 56.39 19.60
N ARG I 133 -14.71 57.14 19.77
CA ARG I 133 -14.35 58.18 18.81
C ARG I 133 -13.62 57.64 17.59
N LEU I 134 -13.17 56.38 17.63
CA LEU I 134 -12.31 55.85 16.59
C LEU I 134 -13.05 54.84 15.71
N ASP I 135 -12.38 54.40 14.66
CA ASP I 135 -12.90 53.42 13.72
C ASP I 135 -12.14 52.11 13.86
N VAL I 136 -12.80 51.02 13.45
CA VAL I 136 -12.27 49.68 13.71
C VAL I 136 -10.91 49.48 13.04
N LYS I 137 -10.72 50.04 11.85
CA LYS I 137 -9.44 49.90 11.17
C LYS I 137 -8.34 50.59 11.96
N ASP I 138 -8.61 51.79 12.47
CA ASP I 138 -7.61 52.47 13.29
C ASP I 138 -7.38 51.74 14.61
N ILE I 139 -8.43 51.11 15.15
CA ILE I 139 -8.27 50.33 16.37
C ILE I 139 -7.32 49.15 16.13
N VAL I 140 -7.52 48.44 15.03
CA VAL I 140 -6.71 47.26 14.77
C VAL I 140 -5.33 47.61 14.23
N THR I 141 -5.14 48.84 13.74
CA THR I 141 -3.86 49.21 13.13
C THR I 141 -2.84 49.70 14.15
N ASP I 142 -3.16 50.77 14.89
CA ASP I 142 -2.19 51.45 15.74
C ASP I 142 -2.82 51.73 17.12
N SER I 143 -3.41 50.70 17.72
CA SER I 143 -4.07 50.87 19.01
C SER I 143 -3.09 51.28 20.10
N ARG I 144 -1.91 50.66 20.13
CA ARG I 144 -0.99 50.92 21.24
C ARG I 144 -0.52 52.36 21.24
N GLY I 145 -0.37 52.97 20.08
CA GLY I 145 0.05 54.35 19.99
C GLY I 145 -1.06 55.36 20.12
N ARG I 146 -2.31 54.92 20.16
CA ARG I 146 -3.44 55.85 20.20
C ARG I 146 -4.48 55.51 21.26
N LEU I 147 -4.51 54.28 21.77
CA LEU I 147 -5.49 53.93 22.80
C LEU I 147 -4.83 53.62 24.13
N THR I 148 -3.95 52.61 24.14
CA THR I 148 -3.46 52.06 25.40
C THR I 148 -2.66 53.07 26.20
N LEU I 149 -1.71 53.76 25.55
CA LEU I 149 -0.92 54.75 26.27
C LEU I 149 -1.79 55.90 26.76
N GLU I 150 -2.71 56.37 25.92
CA GLU I 150 -3.59 57.46 26.31
C GLU I 150 -4.51 57.04 27.44
N VAL I 151 -5.07 55.83 27.38
CA VAL I 151 -5.93 55.35 28.46
C VAL I 151 -5.14 55.24 29.76
N ARG I 152 -3.92 54.71 29.70
CA ARG I 152 -3.11 54.59 30.91
C ARG I 152 -2.79 55.96 31.49
N ASP I 153 -2.39 56.92 30.65
CA ASP I 153 -2.07 58.25 31.14
C ASP I 153 -3.30 58.93 31.74
N ALA I 154 -4.46 58.78 31.10
CA ALA I 154 -5.67 59.39 31.63
C ALA I 154 -6.09 58.74 32.94
N LEU I 155 -5.95 57.42 33.05
CA LEU I 155 -6.35 56.73 34.27
C LEU I 155 -5.43 57.07 35.43
N ASN I 156 -4.14 57.27 35.14
CA ASN I 156 -3.22 57.72 36.18
C ASN I 156 -3.52 59.16 36.58
N SER I 157 -3.66 60.06 35.61
CA SER I 157 -3.88 61.48 35.91
C SER I 157 -5.30 61.73 36.39
N GLY I 158 -6.27 61.07 35.77
CA GLY I 158 -7.66 61.28 36.12
C GLY I 158 -8.38 62.36 35.34
N SER I 159 -7.79 62.84 34.25
CA SER I 159 -8.44 63.89 33.46
C SER I 159 -9.70 63.36 32.79
N ALA I 160 -10.73 64.20 32.76
CA ALA I 160 -12.02 63.85 32.15
C ALA I 160 -12.59 62.56 32.71
N PRO I 191 1.57 68.25 44.55
CA PRO I 191 0.91 67.02 45.00
C PRO I 191 -0.61 67.15 45.02
N VAL I 192 -1.20 67.47 43.88
CA VAL I 192 -2.66 67.58 43.74
C VAL I 192 -3.15 66.24 43.22
N ILE I 193 -4.09 65.64 43.95
CA ILE I 193 -4.65 64.35 43.60
C ILE I 193 -6.13 64.53 43.29
N ASN I 194 -6.54 64.10 42.11
CA ASN I 194 -7.94 64.17 41.74
C ASN I 194 -8.69 63.00 42.36
N PRO I 195 -9.78 63.25 43.09
CA PRO I 195 -10.61 62.14 43.59
C PRO I 195 -11.09 61.20 42.48
N ASN I 196 -11.34 61.72 41.28
CA ASN I 196 -11.69 60.89 40.14
C ASN I 196 -10.52 59.99 39.73
N SER I 197 -9.30 60.49 39.82
CA SER I 197 -8.11 59.75 39.42
C SER I 197 -7.92 58.50 40.27
N MET I 198 -7.25 57.52 39.68
CA MET I 198 -6.87 56.30 40.41
C MET I 198 -5.79 56.56 41.43
N ALA I 199 -5.06 57.68 41.30
CA ALA I 199 -4.07 58.03 42.30
C ALA I 199 -4.71 58.35 43.65
N ALA I 200 -5.99 58.75 43.63
CA ALA I 200 -6.73 58.89 44.89
C ALA I 200 -6.81 57.57 45.62
N LEU I 201 -7.09 56.49 44.90
CA LEU I 201 -6.94 55.15 45.42
C LEU I 201 -5.45 54.81 45.53
N GLY I 202 -5.14 53.80 46.34
CA GLY I 202 -3.75 53.43 46.52
C GLY I 202 -3.14 52.77 45.29
N ILE I 203 -3.96 52.52 44.27
CA ILE I 203 -3.51 51.78 43.11
C ILE I 203 -2.86 52.73 42.10
N GLU I 204 -1.93 52.21 41.32
CA GLU I 204 -1.34 52.91 40.19
C GLU I 204 -1.27 51.96 39.01
N VAL I 205 -1.51 52.49 37.82
CA VAL I 205 -1.54 51.68 36.59
C VAL I 205 -0.20 51.85 35.89
N VAL I 206 0.48 50.74 35.64
CA VAL I 206 1.80 50.76 35.04
C VAL I 206 1.78 50.45 33.55
N ASP I 207 0.84 49.64 33.07
CA ASP I 207 0.76 49.34 31.65
C ASP I 207 -0.61 48.79 31.32
N VAL I 208 -1.10 49.17 30.13
CA VAL I 208 -2.36 48.68 29.60
C VAL I 208 -2.11 48.19 28.19
N ARG I 209 -2.47 46.93 27.91
CA ARG I 209 -2.29 46.35 26.60
C ARG I 209 -3.59 45.68 26.16
N ILE I 210 -3.74 45.55 24.85
CA ILE I 210 -4.91 44.90 24.24
C ILE I 210 -4.44 43.59 23.66
N LYS I 211 -4.90 42.47 24.25
CA LYS I 211 -4.47 41.16 23.80
C LYS I 211 -5.12 40.79 22.47
N GLN I 212 -6.45 40.71 22.45
CA GLN I 212 -7.17 40.16 21.30
C GLN I 212 -8.33 41.05 20.93
N ILE I 213 -8.60 41.14 19.62
CA ILE I 213 -9.73 41.88 19.08
C ILE I 213 -10.55 40.93 18.23
N ASN I 214 -11.86 40.91 18.46
CA ASN I 214 -12.78 40.01 17.78
C ASN I 214 -13.94 40.77 17.20
N LEU I 215 -14.53 40.21 16.17
CA LEU I 215 -15.67 40.79 15.46
C LEU I 215 -16.94 40.02 15.79
N PRO I 216 -18.10 40.65 15.64
CA PRO I 216 -19.36 39.91 15.84
C PRO I 216 -19.48 38.78 14.82
N THR I 217 -20.22 37.73 15.23
CA THR I 217 -20.28 36.52 14.42
C THR I 217 -20.79 36.80 13.01
N GLU I 218 -21.65 37.80 12.85
CA GLU I 218 -22.12 38.16 11.52
C GLU I 218 -20.99 38.72 10.66
N VAL I 219 -20.21 39.65 11.21
CA VAL I 219 -19.10 40.23 10.47
C VAL I 219 -18.05 39.16 10.18
N SER I 220 -17.77 38.30 11.17
CA SER I 220 -16.81 37.23 10.96
C SER I 220 -17.26 36.28 9.85
N GLU I 221 -18.55 35.93 9.84
CA GLU I 221 -19.07 35.06 8.80
C GLU I 221 -18.99 35.72 7.43
N ALA I 222 -19.26 37.03 7.38
CA ALA I 222 -19.15 37.75 6.11
C ALA I 222 -17.71 37.74 5.60
N ILE I 223 -16.76 37.99 6.49
CA ILE I 223 -15.34 37.96 6.10
C ILE I 223 -14.95 36.58 5.61
N TYR I 224 -15.39 35.54 6.33
CA TYR I 224 -15.07 34.17 5.93
C TYR I 224 -15.63 33.85 4.55
N ASN I 225 -16.88 34.26 4.30
CA ASN I 225 -17.49 34.04 2.99
C ASN I 225 -16.72 34.79 1.91
N ARG I 226 -16.28 36.01 2.20
CA ARG I 226 -15.52 36.76 1.22
C ARG I 226 -14.21 36.06 0.86
N MET I 227 -13.48 35.56 1.88
CA MET I 227 -12.27 34.80 1.62
C MET I 227 -12.57 33.57 0.78
N ARG I 228 -13.61 32.82 1.16
CA ARG I 228 -13.93 31.59 0.46
C ARG I 228 -14.25 31.85 -1.01
N ALA I 229 -15.07 32.87 -1.27
CA ALA I 229 -15.41 33.21 -2.65
C ALA I 229 -14.16 33.66 -3.43
N GLU I 230 -13.29 34.42 -2.78
CA GLU I 230 -12.07 34.85 -3.46
C GLU I 230 -11.20 33.66 -3.85
N ARG I 231 -11.17 32.62 -3.00
CA ARG I 231 -10.38 31.44 -3.35
C ARG I 231 -11.04 30.63 -4.46
N GLU I 232 -12.36 30.45 -4.39
CA GLU I 232 -13.04 29.70 -5.43
C GLU I 232 -12.92 30.40 -6.78
N ALA I 233 -12.77 31.73 -6.78
CA ALA I 233 -12.55 32.43 -8.04
C ALA I 233 -11.28 31.96 -8.72
N VAL I 234 -10.18 31.88 -7.97
CA VAL I 234 -8.91 31.42 -8.53
C VAL I 234 -9.02 29.95 -8.95
N ALA I 235 -9.66 29.13 -8.12
CA ALA I 235 -9.82 27.73 -8.48
C ALA I 235 -10.59 27.57 -9.78
N ARG I 236 -11.68 28.31 -9.94
CA ARG I 236 -12.48 28.24 -11.16
C ARG I 236 -11.69 28.73 -12.35
N ARG I 237 -10.89 29.79 -12.19
CA ARG I 237 -10.08 30.27 -13.29
C ARG I 237 -9.09 29.21 -13.75
N HIS I 238 -8.41 28.55 -12.81
CA HIS I 238 -7.46 27.51 -13.19
C HIS I 238 -8.14 26.36 -13.91
N ARG I 239 -9.27 25.89 -13.35
CA ARG I 239 -9.97 24.77 -13.96
C ARG I 239 -10.50 25.13 -15.35
N SER I 240 -11.01 26.34 -15.51
CA SER I 240 -11.53 26.76 -16.82
C SER I 240 -10.41 26.82 -17.84
N GLN I 241 -9.25 27.36 -17.46
CA GLN I 241 -8.12 27.39 -18.39
C GLN I 241 -7.71 25.98 -18.81
N GLY I 242 -7.63 25.07 -17.84
CA GLY I 242 -7.28 23.70 -18.18
C GLY I 242 -8.28 23.06 -19.12
N GLN I 243 -9.57 23.25 -18.84
CA GLN I 243 -10.60 22.66 -19.69
C GLN I 243 -10.58 23.24 -21.09
N GLU I 244 -10.33 24.55 -21.21
CA GLU I 244 -10.23 25.16 -22.53
C GLU I 244 -9.08 24.60 -23.33
N GLU I 245 -7.91 24.45 -22.69
CA GLU I 245 -6.77 23.87 -23.40
C GLU I 245 -7.05 22.43 -23.82
N ALA I 246 -7.68 21.66 -22.94
CA ALA I 246 -8.04 20.28 -23.29
C ALA I 246 -8.99 20.24 -24.47
N GLU I 247 -9.97 21.15 -24.50
CA GLU I 247 -10.92 21.18 -25.60
C GLU I 247 -10.21 21.51 -26.92
N LYS I 248 -9.26 22.46 -26.89
CA LYS I 248 -8.52 22.77 -28.11
C LYS I 248 -7.72 21.56 -28.60
N LEU I 249 -7.07 20.85 -27.68
CA LEU I 249 -6.32 19.67 -28.08
C LEU I 249 -7.23 18.60 -28.68
N ARG I 250 -8.39 18.37 -28.06
CA ARG I 250 -9.31 17.38 -28.59
C ARG I 250 -9.81 17.78 -29.97
N ALA I 251 -10.08 19.08 -30.18
CA ALA I 251 -10.55 19.55 -31.47
C ALA I 251 -9.51 19.30 -32.56
N THR I 252 -8.24 19.63 -32.29
CA THR I 252 -7.23 19.42 -33.33
C THR I 252 -7.01 17.93 -33.58
N ALA I 253 -7.12 17.10 -32.54
CA ALA I 253 -7.01 15.66 -32.75
C ALA I 253 -8.15 15.15 -33.65
N ASP I 254 -9.36 15.62 -33.41
CA ASP I 254 -10.49 15.20 -34.23
C ASP I 254 -10.29 15.64 -35.68
N TYR I 255 -9.76 16.85 -35.88
CA TYR I 255 -9.47 17.30 -37.24
C TYR I 255 -8.47 16.38 -37.93
N GLU I 256 -7.39 16.01 -37.22
CA GLU I 256 -6.40 15.11 -37.81
C GLU I 256 -7.03 13.76 -38.18
N VAL I 257 -7.87 13.22 -37.29
CA VAL I 257 -8.52 11.94 -37.57
C VAL I 257 -9.39 12.05 -38.81
N THR I 258 -10.17 13.13 -38.92
CA THR I 258 -11.02 13.31 -40.08
C THR I 258 -10.19 13.41 -41.35
N ARG I 259 -9.06 14.11 -41.29
CA ARG I 259 -8.21 14.22 -42.48
C ARG I 259 -7.68 12.87 -42.93
N THR I 260 -7.20 12.05 -41.98
CA THR I 260 -6.70 10.73 -42.36
C THR I 260 -7.81 9.87 -42.96
N LEU I 261 -8.99 9.89 -42.35
CA LEU I 261 -10.09 9.11 -42.88
C LEU I 261 -10.49 9.58 -44.28
N ALA I 262 -10.47 10.89 -44.50
CA ALA I 262 -10.80 11.41 -45.83
C ALA I 262 -9.78 10.99 -46.88
N GLU I 263 -8.50 11.01 -46.52
CA GLU I 263 -7.48 10.54 -47.47
C GLU I 263 -7.68 9.07 -47.81
N ALA I 264 -7.93 8.25 -46.80
CA ALA I 264 -8.19 6.83 -47.06
C ALA I 264 -9.42 6.64 -47.93
N GLU I 265 -10.47 7.43 -47.67
CA GLU I 265 -11.68 7.34 -48.48
C GLU I 265 -11.41 7.72 -49.93
N ARG I 266 -10.58 8.74 -50.16
CA ARG I 266 -10.26 9.12 -51.53
C ARG I 266 -9.50 8.00 -52.25
N GLN I 267 -8.53 7.38 -51.56
CA GLN I 267 -7.81 6.28 -52.19
C GLN I 267 -8.75 5.12 -52.50
N GLY I 268 -9.65 4.80 -51.57
CA GLY I 268 -10.63 3.76 -51.83
C GLY I 268 -11.54 4.08 -52.99
N ARG I 269 -11.94 5.35 -53.11
CA ARG I 269 -12.78 5.77 -54.23
C ARG I 269 -12.04 5.60 -55.55
N ILE I 270 -10.75 5.93 -55.58
CA ILE I 270 -9.97 5.74 -56.79
C ILE I 270 -9.90 4.26 -57.15
N MET I 271 -9.67 3.40 -56.17
CA MET I 271 -9.59 1.97 -56.45
C MET I 271 -10.92 1.43 -56.95
N ARG I 272 -12.02 1.86 -56.33
CA ARG I 272 -13.34 1.45 -56.79
C ARG I 272 -13.59 1.89 -58.22
N GLY I 273 -13.16 3.12 -58.56
CA GLY I 273 -13.31 3.59 -59.92
C GLY I 273 -12.53 2.76 -60.91
N GLU I 274 -11.31 2.36 -60.55
CA GLU I 274 -10.53 1.49 -61.42
C GLU I 274 -11.23 0.16 -61.65
N GLY I 275 -11.75 -0.44 -60.57
CA GLY I 275 -12.47 -1.70 -60.71
C GLY I 275 -13.70 -1.56 -61.59
N ASP I 276 -14.46 -0.49 -61.39
CA ASP I 276 -15.66 -0.26 -62.20
C ASP I 276 -15.30 -0.06 -63.67
N ALA I 277 -14.21 0.67 -63.94
CA ALA I 277 -13.80 0.87 -65.33
C ALA I 277 -13.43 -0.45 -65.99
N GLU I 278 -12.68 -1.31 -65.28
CA GLU I 278 -12.33 -2.60 -65.85
C GLU I 278 -13.56 -3.46 -66.11
N ALA I 279 -14.49 -3.49 -65.15
CA ALA I 279 -15.71 -4.26 -65.33
C ALA I 279 -16.54 -3.72 -66.50
N ALA I 280 -16.60 -2.40 -66.64
CA ALA I 280 -17.33 -1.82 -67.76
C ALA I 280 -16.70 -2.18 -69.09
N LYS I 281 -15.37 -2.18 -69.16
CA LYS I 281 -14.70 -2.59 -70.39
C LYS I 281 -15.04 -4.04 -70.73
N LEU I 282 -14.99 -4.92 -69.72
CA LEU I 282 -15.35 -6.33 -69.96
C LEU I 282 -16.78 -6.44 -70.47
N PHE I 283 -17.72 -5.75 -69.82
CA PHE I 283 -19.12 -5.85 -70.20
C PHE I 283 -19.32 -5.35 -71.63
N ALA I 284 -18.72 -4.21 -71.97
CA ALA I 284 -18.89 -3.66 -73.32
C ALA I 284 -18.31 -4.60 -74.36
N ASP I 285 -17.11 -5.13 -74.11
CA ASP I 285 -16.49 -6.03 -75.07
C ASP I 285 -17.32 -7.28 -75.27
N ALA I 286 -17.89 -7.83 -74.20
CA ALA I 286 -18.70 -9.03 -74.32
C ALA I 286 -20.01 -8.75 -75.04
N PHE I 287 -20.69 -7.67 -74.67
CA PHE I 287 -22.06 -7.43 -75.12
C PHE I 287 -22.14 -6.66 -76.43
N SER I 288 -21.01 -6.22 -76.99
CA SER I 288 -21.06 -5.58 -78.30
C SER I 288 -21.47 -6.58 -79.39
N LYS I 289 -21.41 -7.87 -79.07
CA LYS I 289 -21.70 -8.89 -80.08
C LYS I 289 -23.19 -8.93 -80.44
N ASP I 290 -24.07 -8.84 -79.44
CA ASP I 290 -25.51 -8.87 -79.69
C ASP I 290 -26.19 -7.90 -78.73
N PRO I 291 -26.23 -6.61 -79.08
CA PRO I 291 -26.77 -5.60 -78.16
C PRO I 291 -28.25 -5.76 -77.89
N ASP I 292 -29.05 -6.06 -78.91
CA ASP I 292 -30.48 -6.21 -78.71
C ASP I 292 -30.81 -7.39 -77.82
N PHE I 293 -30.14 -8.53 -78.04
CA PHE I 293 -30.37 -9.69 -77.20
C PHE I 293 -29.91 -9.43 -75.78
N TYR I 294 -28.77 -8.76 -75.61
CA TYR I 294 -28.35 -8.41 -74.25
C TYR I 294 -29.37 -7.51 -73.57
N ALA I 295 -29.89 -6.52 -74.29
CA ALA I 295 -30.90 -5.64 -73.72
C ALA I 295 -32.14 -6.43 -73.31
N PHE I 296 -32.56 -7.38 -74.15
CA PHE I 296 -33.73 -8.19 -73.84
C PHE I 296 -33.51 -8.99 -72.56
N ILE I 297 -32.38 -9.70 -72.47
CA ILE I 297 -32.13 -10.54 -71.29
C ILE I 297 -31.99 -9.68 -70.04
N ARG I 298 -31.23 -8.60 -70.13
CA ARG I 298 -31.02 -7.74 -68.97
C ARG I 298 -32.32 -7.09 -68.52
N SER I 299 -33.17 -6.69 -69.46
CA SER I 299 -34.45 -6.11 -69.11
C SER I 299 -35.34 -7.12 -68.41
N LEU I 300 -35.36 -8.36 -68.89
CA LEU I 300 -36.15 -9.39 -68.21
C LEU I 300 -35.65 -9.63 -66.79
N ARG I 301 -34.33 -9.72 -66.62
CA ARG I 301 -33.78 -9.93 -65.28
C ARG I 301 -34.09 -8.74 -64.38
N ALA I 302 -34.05 -7.52 -64.94
CA ALA I 302 -34.38 -6.33 -64.17
C ALA I 302 -35.85 -6.34 -63.74
N TYR I 303 -36.74 -6.77 -64.63
CA TYR I 303 -38.15 -6.89 -64.26
C TYR I 303 -38.33 -7.86 -63.12
N GLU I 304 -37.69 -9.03 -63.22
CA GLU I 304 -37.82 -10.04 -62.16
C GLU I 304 -37.29 -9.51 -60.84
N ASN I 305 -36.15 -8.81 -60.86
CA ASN I 305 -35.59 -8.27 -59.63
C ASN I 305 -36.46 -7.16 -59.06
N SER I 306 -37.02 -6.31 -59.92
CA SER I 306 -37.79 -5.17 -59.46
C SER I 306 -39.09 -5.60 -58.81
N PHE I 307 -39.84 -6.48 -59.48
CA PHE I 307 -41.15 -6.86 -58.96
C PHE I 307 -41.09 -7.98 -57.92
N SER I 308 -39.90 -8.27 -57.38
CA SER I 308 -39.80 -9.31 -56.36
C SER I 308 -40.60 -8.95 -55.12
N GLY I 309 -40.56 -7.69 -54.70
CA GLY I 309 -41.35 -7.26 -53.56
C GLY I 309 -42.83 -7.41 -53.85
N ASN I 310 -43.55 -8.05 -52.93
CA ASN I 310 -44.97 -8.29 -53.11
C ASN I 310 -45.79 -7.02 -53.04
N GLN I 311 -45.27 -5.95 -52.47
CA GLN I 311 -46.03 -4.70 -52.29
C GLN I 311 -46.07 -3.96 -53.63
N ASP I 312 -46.81 -4.54 -54.57
CA ASP I 312 -47.00 -3.94 -55.88
C ASP I 312 -48.37 -4.33 -56.41
N VAL I 313 -48.93 -3.48 -57.26
CA VAL I 313 -50.24 -3.69 -57.85
C VAL I 313 -50.13 -3.47 -59.35
N MET I 314 -50.69 -4.39 -60.13
CA MET I 314 -50.70 -4.28 -61.58
C MET I 314 -52.13 -4.39 -62.08
N VAL I 315 -52.53 -3.42 -62.90
CA VAL I 315 -53.88 -3.37 -63.46
C VAL I 315 -53.75 -3.65 -64.95
N MET I 316 -53.95 -4.90 -65.34
CA MET I 316 -53.84 -5.32 -66.73
C MET I 316 -55.21 -5.40 -67.36
N SER I 317 -55.25 -5.89 -68.60
CA SER I 317 -56.50 -6.07 -69.32
C SER I 317 -56.53 -7.43 -69.99
N PRO I 318 -57.70 -8.05 -70.12
CA PRO I 318 -57.77 -9.34 -70.82
C PRO I 318 -57.41 -9.27 -72.29
N ASP I 319 -57.43 -8.08 -72.88
CA ASP I 319 -57.04 -7.91 -74.28
C ASP I 319 -55.55 -7.75 -74.48
N SER I 320 -54.76 -7.85 -73.41
CA SER I 320 -53.32 -7.71 -73.52
C SER I 320 -52.73 -8.85 -74.34
N ASP I 321 -51.53 -8.61 -74.88
CA ASP I 321 -50.88 -9.61 -75.71
C ASP I 321 -50.51 -10.87 -74.94
N PHE I 322 -50.06 -10.72 -73.68
CA PHE I 322 -49.71 -11.90 -72.90
C PHE I 322 -50.92 -12.78 -72.63
N PHE I 323 -52.06 -12.17 -72.32
CA PHE I 323 -53.28 -12.90 -72.02
C PHE I 323 -54.12 -13.19 -73.26
N ARG I 324 -53.50 -13.23 -74.44
CA ARG I 324 -54.25 -13.46 -75.67
C ARG I 324 -54.84 -14.84 -75.76
N TYR I 325 -54.38 -15.79 -74.93
CA TYR I 325 -54.90 -17.15 -74.95
C TYR I 325 -56.02 -17.38 -73.95
N MET I 326 -56.42 -16.36 -73.20
CA MET I 326 -57.65 -16.48 -72.42
C MET I 326 -58.88 -16.37 -73.31
N LYS I 327 -58.75 -15.71 -74.45
CA LYS I 327 -59.85 -15.71 -75.41
C LYS I 327 -60.02 -17.09 -76.01
N THR I 328 -61.23 -17.38 -76.48
CA THR I 328 -61.55 -18.71 -76.95
C THR I 328 -60.71 -19.06 -78.18
N PRO I 329 -60.23 -20.30 -78.30
CA PRO I 329 -59.45 -20.74 -79.46
C PRO I 329 -60.31 -20.98 -80.69
N ARG J 1 25.90 18.61 84.20
CA ARG J 1 26.39 17.94 83.00
C ARG J 1 25.27 17.79 81.97
N VAL J 2 24.03 17.77 82.44
CA VAL J 2 22.89 17.58 81.56
C VAL J 2 22.73 18.78 80.62
N VAL J 3 22.92 19.99 81.14
CA VAL J 3 22.72 21.19 80.33
C VAL J 3 23.76 21.25 79.21
N THR J 4 25.01 20.87 79.49
CA THR J 4 26.04 20.89 78.47
C THR J 4 25.75 19.90 77.36
N ILE J 5 25.31 18.69 77.71
CA ILE J 5 24.97 17.68 76.71
C ILE J 5 23.76 18.14 75.90
N ALA J 6 22.78 18.77 76.55
CA ALA J 6 21.62 19.29 75.82
C ALA J 6 22.03 20.37 74.83
N ALA J 7 22.92 21.28 75.25
CA ALA J 7 23.40 22.32 74.34
C ALA J 7 24.16 21.72 73.18
N ALA J 8 25.01 20.72 73.43
CA ALA J 8 25.72 20.06 72.35
C ALA J 8 24.74 19.41 71.38
N ALA J 9 23.71 18.74 71.91
CA ALA J 9 22.73 18.09 71.04
C ALA J 9 21.97 19.10 70.19
N ILE J 10 21.55 20.21 70.79
CA ILE J 10 20.76 21.18 70.03
C ILE J 10 21.62 21.86 68.97
N VAL J 11 22.88 22.15 69.27
CA VAL J 11 23.73 22.78 68.26
C VAL J 11 24.08 21.77 67.15
N ILE J 12 24.20 20.49 67.51
CA ILE J 12 24.44 19.47 66.49
C ILE J 12 23.24 19.36 65.55
N ILE J 13 22.03 19.36 66.11
CA ILE J 13 20.83 19.33 65.27
C ILE J 13 20.74 20.61 64.43
N TRP J 14 21.10 21.75 65.02
CA TRP J 14 21.13 23.01 64.29
C TRP J 14 22.03 22.91 63.06
N ALA J 15 23.26 22.45 63.25
CA ALA J 15 24.19 22.32 62.13
C ALA J 15 23.71 21.30 61.12
N ALA J 16 23.17 20.17 61.58
CA ALA J 16 22.72 19.12 60.67
C ALA J 16 21.57 19.61 59.79
N SER J 17 20.61 20.33 60.38
CA SER J 17 19.51 20.89 59.61
C SER J 17 19.94 22.10 58.78
N GLY J 18 21.08 22.71 59.11
CA GLY J 18 21.56 23.87 58.37
C GLY J 18 21.94 23.57 56.93
N PHE J 19 22.50 22.39 56.68
CA PHE J 19 22.98 22.06 55.35
C PHE J 19 21.82 21.86 54.38
N TYR J 20 22.03 22.31 53.14
CA TYR J 20 21.09 22.09 52.04
C TYR J 20 21.87 22.05 50.74
N THR J 21 21.20 21.57 49.69
CA THR J 21 21.82 21.41 48.37
C THR J 21 21.04 22.21 47.34
N ILE J 22 21.75 22.80 46.39
CA ILE J 22 21.16 23.53 45.27
C ILE J 22 21.73 22.96 43.98
N LYS J 23 20.83 22.61 43.06
CA LYS J 23 21.24 21.95 41.82
C LYS J 23 22.16 22.84 41.00
N GLU J 24 22.98 22.20 40.16
CA GLU J 24 24.00 22.93 39.41
C GLU J 24 23.40 23.97 38.48
N ALA J 25 22.32 23.62 37.78
CA ALA J 25 21.70 24.56 36.86
C ALA J 25 21.08 25.74 37.60
N GLU J 26 20.46 25.48 38.75
CA GLU J 26 19.69 26.50 39.45
C GLU J 26 20.60 27.40 40.29
N ARG J 27 20.03 28.54 40.67
CA ARG J 27 20.60 29.47 41.64
C ARG J 27 19.62 29.58 42.81
N GLY J 28 20.00 30.32 43.83
CA GLY J 28 19.12 30.50 44.97
C GLY J 28 19.07 31.94 45.42
N VAL J 29 17.93 32.32 45.99
CA VAL J 29 17.76 33.61 46.64
C VAL J 29 17.48 33.32 48.10
N VAL J 30 18.36 33.76 48.99
CA VAL J 30 18.23 33.50 50.41
C VAL J 30 17.80 34.79 51.11
N THR J 31 16.75 34.67 51.93
CA THR J 31 16.20 35.80 52.68
C THR J 31 16.14 35.42 54.16
N ARG J 32 16.73 36.26 55.00
CA ARG J 32 16.66 36.08 56.45
C ARG J 32 15.47 36.87 56.98
N PHE J 33 14.50 36.16 57.54
CA PHE J 33 13.20 36.72 57.95
C PHE J 33 12.67 37.71 56.90
N GLY J 34 12.76 37.32 55.64
CA GLY J 34 12.22 38.11 54.55
C GLY J 34 12.90 39.44 54.32
N LYS J 35 14.23 39.45 54.33
CA LYS J 35 14.99 40.67 54.05
C LYS J 35 15.93 40.54 52.86
N PHE J 36 15.81 39.47 52.07
CA PHE J 36 16.65 39.26 50.89
C PHE J 36 18.13 39.26 51.28
N SER J 37 18.54 38.20 51.99
CA SER J 37 19.92 38.11 52.45
C SER J 37 20.90 38.23 51.30
N HIS J 38 20.91 37.26 50.39
CA HIS J 38 21.85 37.34 49.26
C HIS J 38 21.47 36.32 48.19
N LEU J 39 22.40 36.17 47.24
CA LEU J 39 22.27 35.26 46.12
C LEU J 39 23.22 34.09 46.34
N VAL J 40 22.74 32.87 46.10
CA VAL J 40 23.44 31.64 46.48
C VAL J 40 23.76 30.85 45.22
N GLU J 41 25.03 30.45 45.10
CA GLU J 41 25.52 29.65 43.98
C GLU J 41 25.16 28.18 44.20
N PRO J 42 25.21 27.37 43.14
CA PRO J 42 24.87 25.95 43.30
C PRO J 42 25.91 25.20 44.13
N GLY J 43 25.46 24.06 44.65
CA GLY J 43 26.30 23.22 45.48
C GLY J 43 25.71 22.98 46.86
N LEU J 44 26.56 22.51 47.76
CA LEU J 44 26.16 22.36 49.15
C LEU J 44 26.43 23.64 49.93
N ASN J 45 25.49 24.02 50.78
CA ASN J 45 25.57 25.29 51.50
C ASN J 45 24.90 25.15 52.85
N TRP J 46 25.13 26.15 53.70
CA TRP J 46 24.63 26.14 55.07
C TRP J 46 23.82 27.41 55.33
N LYS J 47 22.75 27.27 56.11
CA LYS J 47 21.90 28.39 56.49
C LYS J 47 21.35 28.14 57.88
N PRO J 48 21.05 29.19 58.64
CA PRO J 48 20.41 28.99 59.95
C PRO J 48 18.98 28.51 59.82
N THR J 49 18.74 27.26 60.21
CA THR J 49 17.40 26.69 60.09
C THR J 49 16.41 27.45 60.96
N PHE J 50 15.19 27.60 60.45
CA PHE J 50 14.09 28.31 61.10
C PHE J 50 14.36 29.81 61.22
N ILE J 51 15.38 30.32 60.54
CA ILE J 51 15.70 31.75 60.54
C ILE J 51 15.60 32.34 59.14
N ASP J 52 16.32 31.75 58.18
CA ASP J 52 16.30 32.21 56.80
C ASP J 52 15.82 31.10 55.88
N GLU J 53 15.21 31.50 54.78
CA GLU J 53 14.68 30.59 53.77
C GLU J 53 15.31 30.87 52.42
N VAL J 54 15.52 29.80 51.65
CA VAL J 54 16.14 29.88 50.34
C VAL J 54 15.13 29.42 49.29
N LYS J 55 15.00 30.22 48.23
CA LYS J 55 14.14 29.88 47.12
C LYS J 55 14.98 29.57 45.91
N PRO J 56 14.90 28.37 45.34
CA PRO J 56 15.67 28.05 44.14
C PRO J 56 14.96 28.47 42.87
N VAL J 57 15.76 28.88 41.88
CA VAL J 57 15.25 29.36 40.61
C VAL J 57 16.13 28.81 39.50
N ASN J 58 15.50 28.32 38.43
CA ASN J 58 16.24 27.76 37.30
C ASN J 58 16.75 28.89 36.42
N VAL J 59 18.08 29.04 36.37
CA VAL J 59 18.71 30.11 35.61
C VAL J 59 19.40 29.59 34.36
N GLU J 60 20.09 28.45 34.47
CA GLU J 60 20.83 27.92 33.33
C GLU J 60 19.90 27.47 32.22
N ALA J 61 18.76 26.88 32.58
CA ALA J 61 17.85 26.33 31.59
C ALA J 61 17.22 27.43 30.74
N VAL J 62 16.92 27.10 29.50
CA VAL J 62 16.28 28.01 28.55
C VAL J 62 14.81 27.63 28.47
N ARG J 63 13.93 28.61 28.64
CA ARG J 63 12.49 28.39 28.70
C ARG J 63 11.84 28.81 27.38
N GLU J 64 10.85 28.03 26.94
CA GLU J 64 10.17 28.27 25.68
C GLU J 64 8.67 28.38 25.92
N LEU J 65 8.04 29.28 25.15
CA LEU J 65 6.61 29.56 25.27
C LEU J 65 6.01 29.56 23.88
N ALA J 66 4.81 28.99 23.75
CA ALA J 66 4.11 28.91 22.48
C ALA J 66 2.89 29.81 22.52
N ALA J 67 2.76 30.71 21.54
CA ALA J 67 1.65 31.64 21.46
C ALA J 67 0.97 31.49 20.10
N SER J 68 -0.31 31.13 20.11
CA SER J 68 -1.07 30.91 18.89
C SER J 68 -2.37 31.68 18.96
N GLY J 69 -2.85 32.15 17.81
CA GLY J 69 -4.14 32.83 17.80
C GLY J 69 -4.65 33.17 16.41
N VAL J 70 -5.97 33.35 16.34
CA VAL J 70 -6.64 33.90 15.16
C VAL J 70 -6.59 35.42 15.30
N MET J 71 -5.94 36.09 14.36
CA MET J 71 -5.61 37.49 14.53
C MET J 71 -6.05 38.27 13.30
N LEU J 72 -6.52 39.49 13.53
CA LEU J 72 -7.02 40.36 12.47
C LEU J 72 -5.86 41.13 11.83
N THR J 73 -5.84 41.17 10.51
CA THR J 73 -4.80 41.87 9.76
C THR J 73 -5.30 43.25 9.35
N SER J 74 -4.51 43.94 8.53
CA SER J 74 -4.88 45.29 8.09
C SER J 74 -6.02 45.27 7.09
N ASP J 75 -5.99 44.34 6.14
CA ASP J 75 -6.99 44.30 5.08
C ASP J 75 -8.18 43.45 5.47
N GLU J 76 -8.79 43.75 6.63
CA GLU J 76 -9.97 43.05 7.15
C GLU J 76 -9.88 41.54 6.93
N ASN J 77 -8.75 40.95 7.30
CA ASN J 77 -8.51 39.52 7.12
C ASN J 77 -8.05 38.90 8.43
N VAL J 78 -8.42 37.64 8.64
CA VAL J 78 -8.05 36.89 9.83
C VAL J 78 -7.10 35.77 9.43
N VAL J 79 -6.06 35.56 10.24
CA VAL J 79 -5.07 34.52 9.98
C VAL J 79 -4.72 33.83 11.29
N ARG J 80 -4.50 32.52 11.22
CA ARG J 80 -3.99 31.77 12.37
C ARG J 80 -2.47 31.87 12.40
N VAL J 81 -1.92 32.39 13.48
CA VAL J 81 -0.49 32.63 13.60
C VAL J 81 0.04 31.98 14.86
N GLU J 82 1.19 31.32 14.72
CA GLU J 82 1.86 30.65 15.81
C GLU J 82 3.29 31.17 15.95
N MET J 83 3.73 31.37 17.19
CA MET J 83 5.08 31.82 17.49
C MET J 83 5.63 31.02 18.66
N ASN J 84 6.95 30.92 18.70
CA ASN J 84 7.68 30.40 19.84
C ASN J 84 8.64 31.46 20.36
N VAL J 85 8.68 31.60 21.68
CA VAL J 85 9.48 32.61 22.34
C VAL J 85 10.43 31.91 23.30
N GLN J 86 11.72 32.15 23.12
CA GLN J 86 12.75 31.60 23.99
C GLN J 86 13.28 32.70 24.90
N TYR J 87 13.35 32.43 26.19
CA TYR J 87 13.79 33.41 27.15
C TYR J 87 14.49 32.71 28.30
N ARG J 88 15.33 33.46 29.02
CA ARG J 88 16.06 32.91 30.15
C ARG J 88 16.06 33.88 31.31
N VAL J 89 16.21 33.34 32.51
CA VAL J 89 16.10 34.11 33.75
C VAL J 89 17.46 34.68 34.12
N THR J 90 17.49 35.98 34.42
CA THR J 90 18.66 36.64 34.96
C THR J 90 18.26 37.45 36.18
N ASN J 91 19.25 37.82 37.00
CA ASN J 91 19.10 38.55 38.26
C ASN J 91 17.85 38.07 39.00
N PRO J 92 17.88 36.86 39.56
CA PRO J 92 16.63 36.19 39.97
C PRO J 92 15.79 36.96 40.97
N GLU J 93 16.34 37.92 41.70
CA GLU J 93 15.51 38.72 42.59
C GLU J 93 14.45 39.48 41.81
N LYS J 94 14.80 40.00 40.64
CA LYS J 94 13.80 40.65 39.78
C LYS J 94 12.74 39.65 39.33
N TYR J 95 13.17 38.45 38.94
CA TYR J 95 12.21 37.43 38.49
C TYR J 95 11.30 36.99 39.63
N LEU J 96 11.75 37.11 40.87
CA LEU J 96 10.99 36.61 42.00
C LEU J 96 10.09 37.66 42.65
N TYR J 97 10.45 38.95 42.57
CA TYR J 97 9.71 39.96 43.31
C TYR J 97 9.08 41.05 42.46
N SER J 98 9.49 41.21 41.20
CA SER J 98 8.96 42.31 40.39
C SER J 98 7.50 42.07 40.02
N VAL J 99 7.18 40.88 39.52
CA VAL J 99 5.86 40.58 38.98
C VAL J 99 5.44 39.20 39.41
N THR J 100 4.19 39.06 39.86
CA THR J 100 3.65 37.75 40.19
C THR J 100 3.51 36.91 38.93
N SER J 101 4.01 35.68 38.99
CA SER J 101 3.96 34.73 37.88
C SER J 101 4.51 35.36 36.60
N PRO J 102 5.82 35.57 36.50
CA PRO J 102 6.37 36.23 35.30
C PRO J 102 6.09 35.50 34.00
N ASP J 103 5.93 34.18 34.03
CA ASP J 103 5.69 33.44 32.80
C ASP J 103 4.35 33.83 32.18
N ASP J 104 3.30 33.91 32.99
CA ASP J 104 1.99 34.31 32.46
C ASP J 104 2.01 35.75 31.95
N SER J 105 2.70 36.64 32.68
CA SER J 105 2.83 38.01 32.22
C SER J 105 3.54 38.09 30.88
N LEU J 106 4.60 37.29 30.71
CA LEU J 106 5.30 37.27 29.43
C LEU J 106 4.42 36.69 28.33
N ARG J 107 3.61 35.69 28.65
CA ARG J 107 2.69 35.13 27.66
C ARG J 107 1.70 36.19 27.18
N GLN J 108 1.13 36.93 28.12
CA GLN J 108 0.17 37.98 27.75
C GLN J 108 0.87 39.10 26.96
N ALA J 109 2.08 39.48 27.37
CA ALA J 109 2.81 40.50 26.64
C ALA J 109 3.14 40.03 25.23
N THR J 110 3.49 38.76 25.08
CA THR J 110 3.77 38.21 23.75
C THR J 110 2.52 38.26 22.88
N ASP J 111 1.37 37.91 23.44
CA ASP J 111 0.13 37.97 22.67
C ASP J 111 -0.18 39.41 22.24
N SER J 112 0.00 40.36 23.16
CA SER J 112 -0.26 41.76 22.83
C SER J 112 0.68 42.26 21.75
N ALA J 113 1.97 41.94 21.87
CA ALA J 113 2.93 42.38 20.86
C ALA J 113 2.65 41.74 19.52
N LEU J 114 2.26 40.47 19.51
CA LEU J 114 1.90 39.80 18.27
C LEU J 114 0.71 40.49 17.61
N ARG J 115 -0.31 40.82 18.39
CA ARG J 115 -1.45 41.53 17.82
C ARG J 115 -1.04 42.87 17.25
N GLY J 116 -0.22 43.62 18.00
CA GLY J 116 0.20 44.92 17.54
C GLY J 116 0.98 44.86 16.24
N VAL J 117 1.89 43.90 16.12
CA VAL J 117 2.70 43.80 14.91
C VAL J 117 1.85 43.29 13.74
N ILE J 118 0.96 42.33 13.99
CA ILE J 118 0.21 41.73 12.88
C ILE J 118 -0.85 42.69 12.37
N GLY J 119 -1.30 43.62 13.21
CA GLY J 119 -2.32 44.56 12.76
C GLY J 119 -1.86 45.43 11.62
N LYS J 120 -0.54 45.69 11.54
CA LYS J 120 -0.03 46.64 10.56
C LYS J 120 0.02 46.05 9.15
N TYR J 121 0.27 44.74 9.03
CA TYR J 121 0.54 44.13 7.74
C TYR J 121 -0.71 43.46 7.18
N THR J 122 -0.75 43.35 5.85
CA THR J 122 -1.86 42.73 5.17
C THR J 122 -1.67 41.22 5.07
N MET J 123 -2.75 40.53 4.63
CA MET J 123 -2.76 39.07 4.69
C MET J 123 -1.75 38.45 3.73
N ASP J 124 -1.78 38.86 2.46
CA ASP J 124 -0.90 38.24 1.47
C ASP J 124 0.57 38.51 1.78
N ARG J 125 0.89 39.73 2.23
CA ARG J 125 2.26 40.04 2.59
C ARG J 125 2.73 39.13 3.72
N ILE J 126 1.89 38.90 4.73
CA ILE J 126 2.22 37.92 5.75
C ILE J 126 2.46 36.56 5.12
N LEU J 127 1.44 36.02 4.45
CA LEU J 127 1.50 34.63 3.97
C LEU J 127 2.72 34.38 3.09
N THR J 128 3.20 35.40 2.39
CA THR J 128 4.37 35.22 1.53
C THR J 128 5.68 35.55 2.24
N GLU J 129 5.85 36.80 2.70
CA GLU J 129 7.12 37.27 3.24
C GLU J 129 7.01 37.55 4.74
N GLY J 130 6.38 36.65 5.49
CA GLY J 130 6.25 36.87 6.91
C GLY J 130 7.56 36.76 7.66
N ARG J 131 8.18 35.57 7.64
CA ARG J 131 9.14 35.16 8.66
C ARG J 131 10.07 36.30 9.07
N THR J 132 10.85 36.82 8.13
CA THR J 132 11.89 37.78 8.48
C THR J 132 11.32 39.02 9.18
N VAL J 133 10.48 39.78 8.48
CA VAL J 133 10.04 41.07 9.00
C VAL J 133 9.11 40.88 10.19
N ILE J 134 8.20 39.90 10.12
CA ILE J 134 7.28 39.68 11.22
C ILE J 134 8.03 39.26 12.48
N ARG J 135 9.00 38.34 12.35
CA ARG J 135 9.77 37.93 13.51
C ARG J 135 10.57 39.09 14.09
N SER J 136 11.21 39.89 13.23
CA SER J 136 12.01 40.99 13.74
C SER J 136 11.15 42.01 14.48
N ASP J 137 10.04 42.42 13.87
CA ASP J 137 9.18 43.41 14.51
C ASP J 137 8.53 42.85 15.77
N THR J 138 8.16 41.57 15.75
CA THR J 138 7.57 40.95 16.94
C THR J 138 8.58 40.93 18.08
N GLN J 139 9.82 40.59 17.79
CA GLN J 139 10.85 40.60 18.84
C GLN J 139 11.05 42.00 19.39
N ARG J 140 11.12 43.00 18.52
CA ARG J 140 11.30 44.37 18.98
C ARG J 140 10.13 44.83 19.86
N GLU J 141 8.90 44.58 19.41
CA GLU J 141 7.73 44.96 20.20
C GLU J 141 7.70 44.22 21.53
N LEU J 142 8.03 42.93 21.53
CA LEU J 142 7.96 42.15 22.75
C LEU J 142 9.00 42.61 23.76
N GLU J 143 10.23 42.90 23.32
CA GLU J 143 11.23 43.38 24.27
C GLU J 143 10.86 44.78 24.78
N GLU J 144 10.32 45.64 23.91
CA GLU J 144 9.89 46.95 24.36
C GLU J 144 8.77 46.85 25.39
N THR J 145 7.85 45.90 25.19
CA THR J 145 6.76 45.72 26.15
C THR J 145 7.28 45.14 27.47
N ILE J 146 8.21 44.20 27.39
CA ILE J 146 8.74 43.56 28.59
C ILE J 146 9.53 44.55 29.44
N ARG J 147 10.26 45.47 28.79
CA ARG J 147 11.19 46.34 29.52
C ARG J 147 10.57 47.09 30.70
N PRO J 148 9.41 47.75 30.59
CA PRO J 148 8.89 48.49 31.75
C PRO J 148 8.60 47.61 32.96
N TYR J 149 8.17 46.36 32.74
CA TYR J 149 7.84 45.50 33.88
C TYR J 149 9.07 45.19 34.72
N ASP J 150 10.26 45.30 34.12
CA ASP J 150 11.53 45.10 34.82
C ASP J 150 11.60 43.73 35.47
N MET J 151 11.13 42.72 34.75
CA MET J 151 11.32 41.35 35.19
C MET J 151 12.74 40.89 34.89
N GLY J 152 13.14 39.81 35.55
CA GLY J 152 14.48 39.28 35.34
C GLY J 152 14.64 38.59 34.00
N ILE J 153 13.54 38.36 33.30
CA ILE J 153 13.59 37.60 32.06
C ILE J 153 14.30 38.40 30.98
N THR J 154 15.23 37.75 30.28
CA THR J 154 15.86 38.27 29.09
C THR J 154 15.38 37.45 27.89
N LEU J 155 14.97 38.17 26.84
CA LEU J 155 14.36 37.58 25.66
C LEU J 155 15.45 36.97 24.78
N LEU J 156 15.57 35.65 24.83
CA LEU J 156 16.62 35.00 24.05
C LEU J 156 16.34 35.05 22.56
N ASP J 157 15.12 34.69 22.14
CA ASP J 157 14.78 34.65 20.72
C ASP J 157 13.29 34.42 20.49
N VAL J 158 12.77 34.96 19.39
CA VAL J 158 11.43 34.69 18.90
C VAL J 158 11.55 34.22 17.46
N ASN J 159 10.86 33.14 17.11
CA ASN J 159 10.93 32.56 15.78
C ASN J 159 9.55 32.24 15.24
N PHE J 160 9.34 32.49 13.96
CA PHE J 160 8.07 32.23 13.30
C PHE J 160 7.85 30.72 13.16
N GLN J 161 6.60 30.29 13.33
CA GLN J 161 6.24 28.90 13.11
C GLN J 161 5.27 28.72 11.94
N ALA J 162 4.10 29.36 11.97
CA ALA J 162 3.11 29.09 10.96
C ALA J 162 2.13 30.25 10.87
N ALA J 163 1.64 30.50 9.66
CA ALA J 163 0.67 31.54 9.34
C ALA J 163 -0.51 30.95 8.60
N ARG J 164 -1.04 29.83 9.10
CA ARG J 164 -2.13 29.15 8.42
C ARG J 164 -3.38 30.03 8.40
N PRO J 165 -4.23 29.89 7.39
CA PRO J 165 -5.53 30.53 7.42
C PRO J 165 -6.48 29.78 8.35
N PRO J 166 -7.59 30.39 8.77
CA PRO J 166 -8.52 29.70 9.65
C PRO J 166 -9.14 28.48 8.98
N GLU J 167 -9.72 27.61 9.81
CA GLU J 167 -10.20 26.31 9.32
C GLU J 167 -11.31 26.47 8.30
N GLU J 168 -12.12 27.53 8.42
CA GLU J 168 -13.26 27.68 7.53
C GLU J 168 -12.83 27.94 6.09
N VAL J 169 -11.65 28.53 5.90
CA VAL J 169 -11.13 28.80 4.56
C VAL J 169 -10.02 27.84 4.16
N LYS J 170 -9.64 26.92 5.05
CA LYS J 170 -8.64 25.91 4.68
C LYS J 170 -9.13 25.06 3.53
N ALA J 171 -10.42 24.72 3.52
CA ALA J 171 -11.00 23.97 2.41
C ALA J 171 -10.90 24.77 1.12
N ALA J 172 -11.18 26.06 1.17
CA ALA J 172 -11.06 26.89 -0.03
C ALA J 172 -9.63 26.91 -0.55
N PHE J 173 -8.66 27.07 0.36
CA PHE J 173 -7.26 27.15 -0.05
C PHE J 173 -6.77 25.84 -0.65
N ASP J 174 -7.05 24.71 0.01
CA ASP J 174 -6.55 23.46 -0.54
C ASP J 174 -7.33 23.05 -1.77
N ASP J 175 -8.57 23.54 -1.92
CA ASP J 175 -9.30 23.34 -3.17
C ASP J 175 -8.66 24.16 -4.30
N ALA J 176 -8.16 25.36 -3.99
CA ALA J 176 -7.42 26.11 -4.99
C ALA J 176 -6.16 25.35 -5.43
N ILE J 177 -5.46 24.76 -4.46
CA ILE J 177 -4.29 23.94 -4.80
C ILE J 177 -4.69 22.76 -5.69
N ALA J 178 -5.78 22.09 -5.33
CA ALA J 178 -6.25 20.95 -6.10
C ALA J 178 -6.65 21.36 -7.51
N ALA J 179 -7.24 22.55 -7.66
CA ALA J 179 -7.59 23.04 -9.00
C ALA J 179 -6.35 23.34 -9.82
N ARG J 180 -5.32 23.91 -9.17
CA ARG J 180 -4.06 24.14 -9.88
C ARG J 180 -3.48 22.83 -10.40
N GLU J 181 -3.55 21.77 -9.60
CA GLU J 181 -3.12 20.46 -10.09
C GLU J 181 -4.05 19.94 -11.19
N ASN J 182 -5.35 20.17 -11.04
CA ASN J 182 -6.34 19.62 -11.95
C ASN J 182 -6.21 20.22 -13.34
N GLU J 183 -5.68 21.44 -13.44
CA GLU J 183 -5.42 22.03 -14.76
C GLU J 183 -4.45 21.14 -15.56
N GLN J 184 -3.30 20.81 -14.96
CA GLN J 184 -2.34 19.95 -15.63
C GLN J 184 -2.92 18.56 -15.83
N GLN J 185 -3.75 18.10 -14.90
CA GLN J 185 -4.39 16.80 -15.07
C GLN J 185 -5.27 16.78 -16.31
N TYR J 186 -6.05 17.84 -16.52
CA TYR J 186 -6.89 17.93 -17.71
C TYR J 186 -6.06 17.95 -18.98
N ILE J 187 -4.96 18.72 -18.98
CA ILE J 187 -4.12 18.79 -20.16
C ILE J 187 -3.54 17.42 -20.50
N ARG J 188 -3.04 16.72 -19.48
CA ARG J 188 -2.48 15.39 -19.71
C ARG J 188 -3.54 14.41 -20.20
N GLU J 189 -4.76 14.52 -19.66
CA GLU J 189 -5.84 13.65 -20.11
C GLU J 189 -6.17 13.90 -21.57
N ALA J 190 -6.17 15.18 -22.00
CA ALA J 190 -6.42 15.49 -23.40
C ALA J 190 -5.34 14.90 -24.30
N GLU J 191 -4.07 15.03 -23.89
CA GLU J 191 -2.99 14.48 -24.68
C GLU J 191 -3.10 12.96 -24.80
N ALA J 192 -3.45 12.30 -23.69
CA ALA J 192 -3.65 10.86 -23.74
C ALA J 192 -4.80 10.49 -24.66
N TYR J 193 -5.87 11.30 -24.65
CA TYR J 193 -6.99 11.03 -25.55
C TYR J 193 -6.55 11.11 -27.01
N THR J 194 -5.77 12.14 -27.37
CA THR J 194 -5.29 12.24 -28.75
C THR J 194 -4.44 11.05 -29.12
N ASN J 195 -3.52 10.66 -28.23
CA ASN J 195 -2.61 9.57 -28.53
C ASN J 195 -3.34 8.24 -28.63
N GLU J 196 -4.46 8.11 -27.93
CA GLU J 196 -5.30 6.92 -28.09
C GLU J 196 -6.06 6.94 -29.39
N VAL J 197 -6.64 8.09 -29.75
CA VAL J 197 -7.57 8.15 -30.87
C VAL J 197 -6.85 7.97 -32.19
N GLN J 198 -5.65 8.55 -32.33
CA GLN J 198 -4.99 8.53 -33.65
C GLN J 198 -4.76 7.12 -34.20
N PRO J 199 -4.19 6.17 -33.46
CA PRO J 199 -4.00 4.82 -34.04
C PRO J 199 -5.29 4.15 -34.45
N ARG J 200 -6.39 4.40 -33.72
CA ARG J 200 -7.67 3.86 -34.13
C ARG J 200 -8.09 4.41 -35.49
N ALA J 201 -7.83 5.69 -35.73
CA ALA J 201 -8.11 6.26 -37.03
C ALA J 201 -7.25 5.62 -38.11
N ASN J 202 -5.98 5.34 -37.81
CA ASN J 202 -5.13 4.66 -38.77
C ASN J 202 -5.68 3.27 -39.12
N GLY J 203 -6.11 2.53 -38.10
CA GLY J 203 -6.66 1.21 -38.34
C GLY J 203 -7.93 1.26 -39.17
N GLN J 204 -8.81 2.22 -38.86
CA GLN J 204 -10.05 2.36 -39.63
C GLN J 204 -9.74 2.73 -41.08
N ALA J 205 -8.73 3.58 -41.29
CA ALA J 205 -8.34 3.92 -42.66
C ALA J 205 -7.86 2.69 -43.42
N GLN J 206 -7.03 1.86 -42.78
CA GLN J 206 -6.58 0.64 -43.44
C GLN J 206 -7.74 -0.28 -43.76
N ARG J 207 -8.69 -0.42 -42.82
CA ARG J 207 -9.84 -1.28 -43.06
C ARG J 207 -10.68 -0.76 -44.23
N ILE J 208 -10.86 0.56 -44.31
CA ILE J 208 -11.63 1.14 -45.41
C ILE J 208 -10.95 0.84 -46.74
N LEU J 209 -9.62 1.02 -46.80
CA LEU J 209 -8.92 0.76 -48.05
C LEU J 209 -9.01 -0.71 -48.44
N GLU J 210 -8.90 -1.62 -47.47
CA GLU J 210 -9.01 -3.04 -47.77
C GLU J 210 -10.42 -3.40 -48.25
N GLU J 211 -11.44 -2.78 -47.66
CA GLU J 211 -12.80 -3.02 -48.12
C GLU J 211 -12.97 -2.55 -49.56
N ALA J 212 -12.38 -1.41 -49.90
CA ALA J 212 -12.45 -0.94 -51.28
C ALA J 212 -11.77 -1.90 -52.24
N ARG J 213 -10.60 -2.42 -51.86
CA ARG J 213 -9.91 -3.39 -52.71
C ARG J 213 -10.74 -4.66 -52.89
N ALA J 214 -11.36 -5.13 -51.80
CA ALA J 214 -12.20 -6.32 -51.88
C ALA J 214 -13.38 -6.07 -52.81
N TYR J 215 -13.99 -4.89 -52.73
CA TYR J 215 -15.10 -4.57 -53.62
C TYR J 215 -14.65 -4.56 -55.07
N LYS J 216 -13.48 -3.98 -55.36
CA LYS J 216 -12.99 -3.97 -56.72
C LYS J 216 -12.79 -5.38 -57.26
N ALA J 217 -12.14 -6.24 -56.46
CA ALA J 217 -11.90 -7.61 -56.90
C ALA J 217 -13.21 -8.35 -57.12
N GLN J 218 -14.16 -8.20 -56.19
CA GLN J 218 -15.45 -8.88 -56.31
C GLN J 218 -16.21 -8.42 -57.55
N THR J 219 -16.18 -7.11 -57.83
CA THR J 219 -16.86 -6.59 -59.00
C THR J 219 -16.25 -7.14 -60.29
N ILE J 220 -14.92 -7.18 -60.34
CA ILE J 220 -14.26 -7.73 -61.53
C ILE J 220 -14.64 -9.20 -61.73
N LEU J 221 -14.63 -9.98 -60.64
CA LEU J 221 -14.94 -11.39 -60.76
C LEU J 221 -16.38 -11.62 -61.19
N GLU J 222 -17.32 -10.85 -60.62
CA GLU J 222 -18.72 -10.98 -61.03
C GLU J 222 -18.90 -10.59 -62.50
N ALA J 223 -18.19 -9.56 -62.95
CA ALA J 223 -18.26 -9.18 -64.35
C ALA J 223 -17.77 -10.31 -65.25
N GLN J 224 -16.66 -10.94 -64.87
CA GLN J 224 -16.16 -12.07 -65.66
C GLN J 224 -17.18 -13.21 -65.70
N GLY J 225 -17.81 -13.51 -64.56
CA GLY J 225 -18.79 -14.58 -64.54
C GLY J 225 -19.99 -14.30 -65.42
N GLU J 226 -20.53 -13.08 -65.33
CA GLU J 226 -21.67 -12.70 -66.17
C GLU J 226 -21.30 -12.73 -67.64
N VAL J 227 -20.11 -12.24 -67.98
CA VAL J 227 -19.65 -12.27 -69.37
C VAL J 227 -19.58 -13.69 -69.88
N ALA J 228 -19.00 -14.60 -69.09
CA ALA J 228 -18.89 -16.00 -69.53
C ALA J 228 -20.27 -16.63 -69.71
N ARG J 229 -21.19 -16.37 -68.78
CA ARG J 229 -22.53 -16.93 -68.91
C ARG J 229 -23.23 -16.43 -70.16
N PHE J 230 -23.13 -15.13 -70.44
CA PHE J 230 -23.76 -14.58 -71.65
C PHE J 230 -23.12 -15.14 -72.91
N ALA J 231 -21.79 -15.29 -72.90
CA ALA J 231 -21.10 -15.81 -74.08
C ALA J 231 -21.48 -17.25 -74.34
N LYS J 232 -21.72 -18.03 -73.28
CA LYS J 232 -22.21 -19.39 -73.47
C LYS J 232 -23.65 -19.40 -73.98
N LEU J 233 -24.48 -18.50 -73.48
CA LEU J 233 -25.90 -18.53 -73.83
C LEU J 233 -26.14 -18.08 -75.27
N LEU J 234 -25.36 -17.10 -75.74
CA LEU J 234 -25.65 -16.45 -77.03
C LEU J 234 -25.73 -17.39 -78.22
N PRO J 235 -24.79 -18.34 -78.41
CA PRO J 235 -24.89 -19.21 -79.60
C PRO J 235 -26.18 -20.00 -79.68
N GLU J 236 -26.72 -20.42 -78.54
CA GLU J 236 -27.98 -21.16 -78.55
C GLU J 236 -29.12 -20.28 -79.06
N TYR J 237 -29.14 -19.00 -78.66
CA TYR J 237 -30.11 -18.07 -79.21
C TYR J 237 -29.87 -17.85 -80.70
N LYS J 238 -28.61 -17.86 -81.14
CA LYS J 238 -28.32 -17.58 -82.54
C LYS J 238 -28.96 -18.61 -83.46
N ALA J 239 -28.97 -19.89 -83.04
CA ALA J 239 -29.53 -20.94 -83.90
C ALA J 239 -31.04 -20.81 -84.02
N ALA J 240 -31.75 -20.67 -82.90
CA ALA J 240 -33.21 -20.62 -82.88
C ALA J 240 -33.66 -19.42 -82.06
N PRO J 241 -33.78 -18.24 -82.68
CA PRO J 241 -34.11 -17.05 -81.89
C PRO J 241 -35.55 -17.01 -81.42
N GLU J 242 -36.51 -17.38 -82.27
CA GLU J 242 -37.91 -17.17 -81.96
C GLU J 242 -38.34 -17.98 -80.74
N ILE J 243 -38.05 -19.29 -80.74
CA ILE J 243 -38.50 -20.15 -79.67
C ILE J 243 -37.84 -19.77 -78.35
N THR J 244 -36.53 -19.49 -78.39
CA THR J 244 -35.83 -19.10 -77.17
C THR J 244 -36.39 -17.80 -76.62
N ARG J 245 -36.63 -16.81 -77.48
CA ARG J 245 -37.19 -15.55 -77.04
C ARG J 245 -38.57 -15.75 -76.41
N GLU J 246 -39.42 -16.55 -77.06
CA GLU J 246 -40.75 -16.79 -76.54
C GLU J 246 -40.71 -17.49 -75.18
N ARG J 247 -39.86 -18.51 -75.05
CA ARG J 247 -39.78 -19.24 -73.80
C ARG J 247 -39.28 -18.34 -72.67
N LEU J 248 -38.24 -17.56 -72.92
CA LEU J 248 -37.71 -16.68 -71.90
C LEU J 248 -38.75 -15.63 -71.50
N TYR J 249 -39.46 -15.07 -72.49
CA TYR J 249 -40.49 -14.09 -72.19
C TYR J 249 -41.59 -14.69 -71.33
N ILE J 250 -42.03 -15.90 -71.66
CA ILE J 250 -43.10 -16.53 -70.90
C ILE J 250 -42.65 -16.81 -69.47
N GLU J 251 -41.44 -17.33 -69.30
CA GLU J 251 -40.95 -17.61 -67.95
C GLU J 251 -40.84 -16.33 -67.12
N THR J 252 -40.29 -15.27 -67.70
CA THR J 252 -40.15 -14.02 -66.97
C THR J 252 -41.51 -13.44 -66.60
N MET J 253 -42.47 -13.47 -67.54
CA MET J 253 -43.80 -12.96 -67.23
C MET J 253 -44.47 -13.80 -66.16
N GLU J 254 -44.30 -15.12 -66.21
CA GLU J 254 -44.86 -15.98 -65.17
C GLU J 254 -44.33 -15.58 -63.80
N LYS J 255 -43.01 -15.41 -63.68
CA LYS J 255 -42.45 -15.02 -62.39
C LYS J 255 -42.93 -13.65 -61.94
N VAL J 256 -42.90 -12.66 -62.83
CA VAL J 256 -43.23 -11.29 -62.44
C VAL J 256 -44.70 -11.18 -62.06
N LEU J 257 -45.58 -11.94 -62.74
CA LEU J 257 -47.00 -11.86 -62.40
C LEU J 257 -47.32 -12.68 -61.16
N GLY J 258 -46.58 -13.76 -60.93
CA GLY J 258 -46.77 -14.51 -59.69
C GLY J 258 -46.32 -13.73 -58.48
N ASN J 259 -45.35 -12.83 -58.65
CA ASN J 259 -44.81 -12.11 -57.51
C ASN J 259 -45.75 -11.01 -57.03
N THR J 260 -46.53 -10.40 -57.93
CA THR J 260 -47.28 -9.19 -57.64
C THR J 260 -48.78 -9.44 -57.66
N ARG J 261 -49.53 -8.62 -56.92
CA ARG J 261 -50.99 -8.65 -56.96
C ARG J 261 -51.48 -8.11 -58.30
N LYS J 262 -52.62 -8.63 -58.76
CA LYS J 262 -53.11 -8.34 -60.09
C LYS J 262 -54.58 -7.95 -60.04
N VAL J 263 -54.98 -7.10 -60.99
CA VAL J 263 -56.38 -6.74 -61.20
C VAL J 263 -56.63 -6.67 -62.69
N LEU J 264 -57.58 -7.44 -63.19
CA LEU J 264 -57.89 -7.51 -64.61
C LEU J 264 -59.17 -6.74 -64.89
N VAL J 265 -59.04 -5.58 -65.54
CA VAL J 265 -60.18 -4.75 -65.89
C VAL J 265 -60.05 -4.33 -67.35
N ASN J 266 -61.16 -4.39 -68.06
CA ASN J 266 -61.22 -4.00 -69.46
C ASN J 266 -61.76 -2.59 -69.57
N ASP J 267 -61.05 -1.73 -70.29
CA ASP J 267 -61.46 -0.33 -70.46
C ASP J 267 -62.57 -0.19 -71.50
N ARG K 1 5.16 19.89 44.88
CA ARG K 1 3.87 20.26 44.29
C ARG K 1 3.18 19.03 43.71
N LYS K 2 1.89 18.88 44.01
CA LYS K 2 1.08 17.77 43.53
C LYS K 2 0.00 18.29 42.59
N VAL K 3 -0.07 17.72 41.40
CA VAL K 3 -1.03 18.12 40.38
C VAL K 3 -1.71 16.88 39.82
N ASP K 4 -3.03 16.97 39.65
CA ASP K 4 -3.79 15.81 39.22
C ASP K 4 -3.52 15.49 37.76
N TYR K 5 -4.04 14.32 37.34
CA TYR K 5 -3.64 13.69 36.09
C TYR K 5 -4.35 14.32 34.88
N SER K 6 -5.60 14.76 35.04
CA SER K 6 -6.34 15.26 33.89
C SER K 6 -5.70 16.51 33.31
N THR K 7 -5.46 17.53 34.15
CA THR K 7 -4.89 18.78 33.63
C THR K 7 -3.48 18.53 33.11
N PHE K 8 -2.78 17.54 33.68
CA PHE K 8 -1.54 17.10 33.07
C PHE K 8 -1.77 16.62 31.65
N LEU K 9 -2.88 15.89 31.42
CA LEU K 9 -3.17 15.47 30.06
C LEU K 9 -3.38 16.65 29.13
N GLN K 10 -4.35 17.53 29.43
CA GLN K 10 -4.60 18.59 28.44
C GLN K 10 -3.46 19.61 28.41
N GLU K 11 -2.53 19.52 29.35
CA GLU K 11 -1.26 20.23 29.16
C GLU K 11 -0.37 19.50 28.17
N VAL K 12 -0.39 18.16 28.19
CA VAL K 12 0.39 17.38 27.23
C VAL K 12 -0.11 17.61 25.81
N ASN K 13 -1.43 17.52 25.61
CA ASN K 13 -1.98 17.77 24.28
C ASN K 13 -1.80 19.23 23.86
N ASN K 14 -1.75 20.16 24.82
CA ASN K 14 -1.40 21.53 24.49
C ASN K 14 0.10 21.77 24.69
N ASP K 15 0.90 20.71 24.50
CA ASP K 15 2.37 20.68 24.42
C ASP K 15 3.08 21.67 25.34
N GLN K 16 2.64 21.79 26.59
CA GLN K 16 3.41 22.58 27.55
C GLN K 16 4.38 21.71 28.34
N VAL K 17 4.38 20.40 28.09
CA VAL K 17 5.27 19.50 28.81
C VAL K 17 6.50 19.21 27.97
N ARG K 18 7.66 19.12 28.61
CA ARG K 18 8.92 18.85 27.94
C ARG K 18 9.53 17.51 28.32
N GLU K 19 9.59 17.18 29.61
CA GLU K 19 10.18 15.93 30.05
C GLU K 19 9.32 15.32 31.14
N ALA K 20 9.04 14.02 31.01
CA ALA K 20 8.28 13.28 32.00
C ALA K 20 9.07 12.05 32.41
N ARG K 21 9.31 11.88 33.70
CA ARG K 21 10.04 10.75 34.24
C ARG K 21 9.09 9.89 35.06
N ILE K 22 9.03 8.60 34.74
CA ILE K 22 8.07 7.70 35.38
C ILE K 22 8.81 6.60 36.14
N ASN K 23 8.97 6.78 37.44
CA ASN K 23 9.60 5.75 38.26
C ASN K 23 8.63 4.61 38.55
N GLY K 24 7.46 4.93 39.08
CA GLY K 24 6.43 3.94 39.33
C GLY K 24 5.10 4.41 38.79
N ARG K 25 4.09 4.48 39.67
CA ARG K 25 2.82 5.09 39.27
C ARG K 25 2.99 6.59 39.09
N GLU K 26 3.90 7.21 39.82
CA GLU K 26 4.06 8.65 39.77
C GLU K 26 4.87 9.06 38.54
N ILE K 27 4.66 10.30 38.10
CA ILE K 27 5.35 10.90 36.98
C ILE K 27 5.91 12.24 37.43
N ASN K 28 7.21 12.43 37.23
CA ASN K 28 7.85 13.71 37.48
C ASN K 28 7.78 14.53 36.20
N VAL K 29 6.89 15.52 36.17
CA VAL K 29 6.57 16.27 34.96
C VAL K 29 7.31 17.58 34.99
N THR K 30 7.98 17.92 33.89
CA THR K 30 8.64 19.19 33.70
C THR K 30 7.95 19.92 32.55
N LYS K 31 7.61 21.20 32.77
CA LYS K 31 6.97 21.96 31.73
C LYS K 31 8.00 22.61 30.82
N LYS K 32 7.51 23.22 29.74
CA LYS K 32 8.41 23.90 28.81
C LYS K 32 9.12 25.07 29.45
N ASP K 33 8.47 25.74 30.41
CA ASP K 33 9.05 26.86 31.12
C ASP K 33 9.81 26.45 32.36
N SER K 34 10.27 25.19 32.42
CA SER K 34 11.12 24.69 33.50
C SER K 34 10.44 24.80 34.85
N ASN K 35 9.15 24.48 34.90
CA ASN K 35 8.42 24.33 36.15
C ASN K 35 7.99 22.87 36.27
N ARG K 36 8.36 22.23 37.38
CA ARG K 36 8.17 20.80 37.56
C ARG K 36 7.12 20.55 38.64
N TYR K 37 6.28 19.55 38.40
CA TYR K 37 5.24 19.14 39.35
C TYR K 37 5.00 17.64 39.21
N THR K 38 4.73 16.99 40.33
CA THR K 38 4.51 15.55 40.33
C THR K 38 3.05 15.25 40.02
N THR K 39 2.83 14.12 39.34
CA THR K 39 1.50 13.65 39.00
C THR K 39 1.40 12.18 39.37
N TYR K 40 0.18 11.73 39.71
CA TYR K 40 -0.05 10.34 40.07
C TYR K 40 -1.00 9.69 39.07
N ILE K 41 -0.64 8.51 38.60
CA ILE K 41 -1.48 7.78 37.65
C ILE K 41 -2.64 7.13 38.40
N PRO K 42 -3.89 7.38 38.02
CA PRO K 42 -5.01 6.77 38.73
C PRO K 42 -5.09 5.27 38.46
N VAL K 43 -4.99 4.90 37.19
CA VAL K 43 -5.00 3.50 36.76
C VAL K 43 -4.23 3.44 35.44
N GLN K 44 -3.65 2.28 35.17
CA GLN K 44 -2.77 2.10 34.02
C GLN K 44 -3.54 2.46 32.74
N ASP K 45 -2.91 3.27 31.88
CA ASP K 45 -3.54 3.74 30.66
C ASP K 45 -2.70 3.30 29.47
N PRO K 46 -3.15 2.36 28.65
CA PRO K 46 -2.34 1.95 27.48
C PRO K 46 -2.10 3.10 26.51
N LYS K 47 -3.03 4.05 26.41
CA LYS K 47 -2.88 5.13 25.45
C LYS K 47 -1.97 6.24 25.98
N LEU K 48 -1.57 6.17 27.25
CA LEU K 48 -0.81 7.26 27.85
C LEU K 48 0.54 7.44 27.16
N LEU K 49 1.31 6.36 27.03
CA LEU K 49 2.64 6.47 26.44
C LEU K 49 2.55 6.84 24.97
N ASP K 50 1.53 6.31 24.27
CA ASP K 50 1.35 6.66 22.86
C ASP K 50 1.05 8.15 22.70
N ASN K 51 0.16 8.69 23.54
CA ASN K 51 -0.14 10.11 23.49
C ASN K 51 1.09 10.94 23.81
N LEU K 52 1.86 10.51 24.82
CA LEU K 52 3.08 11.22 25.17
C LEU K 52 4.06 11.25 24.02
N LEU K 53 4.23 10.12 23.32
CA LEU K 53 5.21 10.05 22.25
C LEU K 53 4.77 10.85 21.03
N THR K 54 3.49 10.77 20.66
CA THR K 54 3.04 11.48 19.47
C THR K 54 3.18 12.99 19.62
N LYS K 55 3.01 13.50 20.85
CA LYS K 55 3.16 14.93 21.08
C LYS K 55 4.62 15.36 21.20
N ASN K 56 5.56 14.51 20.82
CA ASN K 56 6.99 14.80 20.86
C ASN K 56 7.42 15.23 22.26
N VAL K 57 6.98 14.51 23.27
CA VAL K 57 7.33 14.83 24.65
C VAL K 57 8.46 13.91 25.10
N LYS K 58 9.48 14.48 25.72
CA LYS K 58 10.61 13.72 26.19
C LYS K 58 10.20 12.81 27.34
N VAL K 59 10.56 11.53 27.23
CA VAL K 59 10.16 10.51 28.19
C VAL K 59 11.41 9.86 28.76
N VAL K 60 11.45 9.71 30.08
CA VAL K 60 12.63 9.22 30.79
C VAL K 60 12.20 8.08 31.70
N GLY K 61 12.89 6.95 31.58
CA GLY K 61 12.67 5.85 32.50
C GLY K 61 13.48 6.01 33.77
N GLU K 62 13.26 5.09 34.71
CA GLU K 62 13.97 5.14 35.98
C GLU K 62 14.46 3.75 36.36
N PRO K 63 15.67 3.65 36.92
CA PRO K 63 16.28 2.41 37.40
C PRO K 63 15.36 1.60 38.30
N ARG L 1 26.40 4.00 30.41
CA ARG L 1 25.63 5.09 29.83
C ARG L 1 24.13 4.80 29.89
N LYS L 2 23.34 5.85 30.13
CA LYS L 2 21.90 5.74 30.13
C LYS L 2 21.33 6.67 29.07
N VAL L 3 20.41 6.13 28.26
CA VAL L 3 19.78 6.87 27.18
C VAL L 3 18.28 6.74 27.34
N ASP L 4 17.56 7.84 27.12
CA ASP L 4 16.15 7.90 27.43
C ASP L 4 15.33 7.04 26.47
N TYR L 5 14.18 6.58 26.96
CA TYR L 5 13.36 5.64 26.19
C TYR L 5 12.87 6.24 24.89
N SER L 6 12.41 7.48 24.93
CA SER L 6 11.95 8.14 23.71
C SER L 6 13.09 8.33 22.72
N THR L 7 14.28 8.69 23.22
CA THR L 7 15.44 8.79 22.35
C THR L 7 15.78 7.44 21.74
N PHE L 8 15.68 6.37 22.52
CA PHE L 8 15.94 5.03 21.99
C PHE L 8 14.95 4.67 20.89
N LEU L 9 13.67 5.03 21.07
CA LEU L 9 12.70 4.74 20.03
C LEU L 9 12.96 5.57 18.78
N GLN L 10 13.34 6.83 18.94
CA GLN L 10 13.73 7.63 17.78
C GLN L 10 14.93 7.02 17.08
N GLU L 11 15.86 6.44 17.84
CA GLU L 11 17.04 5.83 17.26
C GLU L 11 16.67 4.57 16.47
N VAL L 12 15.83 3.71 17.03
CA VAL L 12 15.46 2.48 16.35
C VAL L 12 14.62 2.79 15.11
N ASN L 13 13.77 3.82 15.19
CA ASN L 13 12.99 4.20 14.01
C ASN L 13 13.88 4.72 12.89
N ASN L 14 15.05 5.26 13.23
CA ASN L 14 15.98 5.77 12.23
C ASN L 14 17.03 4.75 11.81
N ASP L 15 16.82 3.46 12.13
CA ASP L 15 17.73 2.39 11.75
C ASP L 15 19.13 2.62 12.28
N GLN L 16 19.25 2.74 13.60
CA GLN L 16 20.55 2.94 14.23
C GLN L 16 20.94 1.87 15.24
N VAL L 17 20.02 1.01 15.65
CA VAL L 17 20.32 -0.05 16.61
C VAL L 17 20.41 -1.37 15.85
N ARG L 18 21.17 -2.30 16.41
CA ARG L 18 21.40 -3.61 15.79
C ARG L 18 20.83 -4.74 16.63
N GLU L 19 21.19 -4.82 17.90
CA GLU L 19 20.68 -5.86 18.80
C GLU L 19 20.26 -5.23 20.11
N ALA L 20 19.24 -5.82 20.74
CA ALA L 20 18.68 -5.30 21.97
C ALA L 20 18.45 -6.48 22.91
N ARG L 21 19.17 -6.50 24.02
CA ARG L 21 18.96 -7.50 25.05
C ARG L 21 17.99 -6.95 26.09
N ILE L 22 16.84 -7.60 26.23
CA ILE L 22 15.77 -7.15 27.10
C ILE L 22 15.81 -7.99 28.37
N ASN L 23 16.02 -7.32 29.51
CA ASN L 23 16.00 -7.96 30.82
C ASN L 23 14.93 -7.26 31.65
N GLY L 24 13.69 -7.73 31.54
CA GLY L 24 12.60 -7.07 32.22
C GLY L 24 12.44 -5.65 31.71
N ARG L 25 12.39 -4.70 32.65
CA ARG L 25 12.32 -3.30 32.27
C ARG L 25 13.60 -2.83 31.60
N GLU L 26 14.75 -3.29 32.09
CA GLU L 26 16.03 -2.87 31.56
C GLU L 26 16.24 -3.42 30.15
N ILE L 27 16.87 -2.59 29.30
CA ILE L 27 17.19 -2.97 27.93
C ILE L 27 18.63 -2.53 27.65
N ASN L 28 19.44 -3.46 27.12
CA ASN L 28 20.81 -3.17 26.75
C ASN L 28 20.87 -3.00 25.25
N VAL L 29 21.00 -1.76 24.79
CA VAL L 29 20.95 -1.44 23.37
C VAL L 29 22.37 -1.40 22.82
N THR L 30 22.58 -2.05 21.69
CA THR L 30 23.82 -1.95 20.93
C THR L 30 23.50 -1.29 19.60
N LYS L 31 24.15 -0.17 19.32
CA LYS L 31 23.90 0.52 18.07
C LYS L 31 24.68 -0.13 16.93
N LYS L 32 24.31 0.24 15.70
CA LYS L 32 24.98 -0.33 14.53
C LYS L 32 26.44 0.09 14.47
N ASP L 33 26.80 1.20 15.13
CA ASP L 33 28.17 1.68 15.14
C ASP L 33 28.98 1.16 16.33
N SER L 34 28.57 0.02 16.89
CA SER L 34 29.28 -0.63 18.00
C SER L 34 29.33 0.23 19.25
N ASN L 35 28.31 1.04 19.48
CA ASN L 35 28.16 1.77 20.73
C ASN L 35 27.03 1.16 21.55
N ARG L 36 27.32 0.86 22.81
CA ARG L 36 26.38 0.21 23.71
C ARG L 36 25.93 1.17 24.80
N TYR L 37 24.66 1.07 25.17
CA TYR L 37 24.12 1.84 26.29
C TYR L 37 22.95 1.08 26.87
N THR L 38 22.30 1.68 27.87
CA THR L 38 21.23 1.02 28.59
C THR L 38 20.04 1.97 28.74
N THR L 39 18.84 1.44 28.55
CA THR L 39 17.62 2.21 28.72
C THR L 39 16.65 1.42 29.58
N TYR L 40 15.56 2.07 29.99
CA TYR L 40 14.55 1.46 30.83
C TYR L 40 13.17 1.73 30.27
N ILE L 41 12.31 0.71 30.30
CA ILE L 41 10.94 0.83 29.81
C ILE L 41 10.10 1.54 30.88
N PRO L 42 9.49 2.68 30.56
CA PRO L 42 8.70 3.39 31.57
C PRO L 42 7.48 2.61 32.02
N VAL L 43 6.61 2.24 31.08
CA VAL L 43 5.41 1.47 31.34
C VAL L 43 5.28 0.41 30.26
N GLN L 44 4.37 -0.54 30.48
CA GLN L 44 4.17 -1.62 29.53
C GLN L 44 3.76 -1.07 28.17
N ASP L 45 4.62 -1.28 27.18
CA ASP L 45 4.42 -0.76 25.82
C ASP L 45 4.25 -1.95 24.86
N PRO L 46 3.02 -2.25 24.46
CA PRO L 46 2.82 -3.34 23.49
C PRO L 46 3.46 -3.07 22.13
N LYS L 47 3.55 -1.80 21.74
CA LYS L 47 4.05 -1.45 20.41
C LYS L 47 5.56 -1.63 20.32
N LEU L 48 6.24 -1.74 21.47
CA LEU L 48 7.70 -1.79 21.47
C LEU L 48 8.22 -3.00 20.71
N LEU L 49 7.70 -4.18 21.03
CA LEU L 49 8.22 -5.40 20.42
C LEU L 49 7.92 -5.43 18.93
N ASP L 50 6.73 -4.97 18.53
CA ASP L 50 6.39 -4.89 17.11
C ASP L 50 7.30 -3.92 16.39
N ASN L 51 7.59 -2.78 16.99
CA ASN L 51 8.49 -1.81 16.38
C ASN L 51 9.89 -2.40 16.22
N LEU L 52 10.36 -3.14 17.24
CA LEU L 52 11.69 -3.74 17.16
C LEU L 52 11.77 -4.79 16.06
N LEU L 53 10.78 -5.68 15.97
CA LEU L 53 10.82 -6.71 14.95
C LEU L 53 10.62 -6.12 13.56
N THR L 54 9.79 -5.09 13.43
CA THR L 54 9.53 -4.50 12.12
C THR L 54 10.79 -3.88 11.52
N LYS L 55 11.59 -3.21 12.34
CA LYS L 55 12.79 -2.52 11.87
C LYS L 55 14.00 -3.45 11.76
N ASN L 56 13.77 -4.77 11.72
CA ASN L 56 14.84 -5.76 11.54
C ASN L 56 15.92 -5.62 12.61
N VAL L 57 15.49 -5.54 13.87
CA VAL L 57 16.39 -5.39 15.00
C VAL L 57 16.45 -6.71 15.75
N LYS L 58 17.66 -7.22 15.97
CA LYS L 58 17.85 -8.42 16.77
C LYS L 58 17.33 -8.19 18.19
N VAL L 59 16.56 -9.15 18.69
CA VAL L 59 15.98 -9.09 20.03
C VAL L 59 16.38 -10.33 20.80
N VAL L 60 16.91 -10.15 22.00
CA VAL L 60 17.44 -11.27 22.79
C VAL L 60 16.89 -11.17 24.20
N GLY L 61 16.21 -12.23 24.66
CA GLY L 61 15.81 -12.30 26.05
C GLY L 61 16.91 -12.85 26.94
N GLU L 62 16.66 -12.82 28.25
CA GLU L 62 17.61 -13.31 29.22
C GLU L 62 16.90 -14.09 30.33
N PRO L 63 17.61 -15.00 31.00
CA PRO L 63 17.07 -15.70 32.17
C PRO L 63 16.92 -14.79 33.38
#